data_8BEK
#
_entry.id   8BEK
#
_cell.length_a   1.00
_cell.length_b   1.00
_cell.length_c   1.00
_cell.angle_alpha   90.00
_cell.angle_beta   90.00
_cell.angle_gamma   90.00
#
_symmetry.space_group_name_H-M   'P 1'
#
loop_
_entity.id
_entity.type
_entity.pdbx_description
1 polymer 'Polymerase acidic protein'
2 polymer 'RNA-directed RNA polymerase catalytic subunit'
3 polymer 'Polymerase basic protein 2'
4 polymer mRNA
5 polymer "3' vRNA"
6 polymer "5' vRNA"
7 non-polymer 'MAGNESIUM ION'
8 non-polymer "P1-7-METHYLGUANOSINE-P3-ADENOSINE-5',5'-TRIPHOSPHATE"
9 water water
#
loop_
_entity_poly.entity_id
_entity_poly.type
_entity_poly.pdbx_seq_one_letter_code
_entity_poly.pdbx_strand_id
1 'polypeptide(L)'
;GMEDFVRQCFNPMIVELAEKAMKEYGEDPKIETNKFASICTHLEVCFMYSDFHFIDERGESTIIESGDPNVLLKHRFEII
EGRDRTMAWTVVNSICNTTGVEKPKFLPDLYDYKENRFIEIGVTRREVHIYYLEKANKIKSEKTHIHIFSFTGEEMATKA
DYTLDEESRARIKTRLFTIRQEMASRGLWDSFRQSERGEETIEERFEITGTMRRLADQSLPPNFSSLENFRAYVDGFEPN
GCIEGKLSQMSKEVNARIEPFLRTTPRPLRLPDGPPCSQRSKFLLMDALKLSIEDPSHEGEGIPLYDAIKCMKTFFGWKE
PNIIKPHEKGINPNYLLTWKQVLAELQDIENEEKIPRTKNMKKTSQLKWALGENMAPEKVDFEDCKDVNDLKQYDSDEPE
PRSLACWIQSEFNKACELTDSSWVELDEIGEDVAPIEHIASMRRNYFTAEVSHCRATEYIMKGVYINTALLNASCAAMDD
FQLIPMISKCRTKEGRRKTNLYGFIIKGRSHLRNDTDVVNFVSMEFSLTDPRLEPHKWEKYCVLEIGDMLLRTAVGQVSR
PMFLYVRTNGTSKIKMKWGMEMRRCLLQSLQQIESMIEAESSVKEKDLTKEFFENKSETWPIGESPKGVEEGSIGKVCRT
LLAKSVFNSLYASPQLEGFSAESRKLLLIVQALRDNLEPGTFDLEGLYEAIEECLINDPWVLLNASWFNSFLTHALR
;
A
2 'polypeptide(L)'
;MDVNPTLLFLKVPVQNAISTTFPYTGDPPYSHGTGTGYTMDTVNRTHKYSEKGKWTTNTETGAPQLNPIDGPLPEDNEPS
GYAQTDCVLEAMAFLEESHPGIFENSCLETMEIVQQTRVDKLTQGRQTYDWTLNRNQPAATALANTIEVFRSNGLTANES
GRLIDFLKDVMDSMDKEEMEITTHFQRKRRVRDNMTKKMVTQRTIGKKKQRLNKRSYLIRALTLNTMTKDAERGKLKRRA
IATPGMQIRGFVYFVEALARSICEKLEQSGLPVGGNEKKAKLANVVRKMMTNSQDTELSFTITGDNTKWNENQNPRMFLA
MITYITRNQPEWFRNVLSIAPIMFSNKMARLGKGYMFESKSMKLRTQVPAEMLANIDLKYFNKSTREKIEKIRPLLIDGT
ASLSPGMMMGMFNMLSTVLGVSILNLGQKKYTKTTYWWDGLQSSDDFALIVNAPNHEGIQAGVDRFYRTCKLVGINMSKK
KSYINRTGTFEFTSFFYRYGFVANFSMELPSFGVSGINESADMSVGVTVIKNNMINNDLGPATAQMALQLFIKDYRYTYR
CHRGDTQIQTRRAFELKKLWEQTRSKAGLLVSDGGPNLYNIRNLHIPEVCLKWELMDEDYQGRLCNPMNPFVSHKEIDSV
NNAVVMPAHGPAKSMEYDAVATTHSWIPKRNRSILNTSQRGILEDEQMYQKCCNLFEKFFPSSSYRRPVGISSMVEAMVS
RARIDARIDFESGRIKKEEFAEIMKICSTIEELRRQK
;
B
3 'polypeptide(L)'
;MERIKELRDLMSQSRTREILTKTTVDHMAIIKKYTSGRQEKNPALRMKWMMAMKYPITADKRIMEMIPERNEQGQTLWSK
TNDAGSDRVMVSPLAVTWWNRNGPTTSTVHYPKVYKTYFEKVERLKHGTFGPVHFRNQVKIRRRVDINPGHADLSAKEAQ
DVIMEVVFPNEVGARILTSESQLTITKEKKKELQDCKIAPLMVAYMLERELVRKTRFLPVAGGTSSVYIEVLHLTQGTCW
EQMYTPGGEVRNDDVDQSLIIAARNIVRRATVSADPLASLLEMCHSTQIGGVRMVDILRQNPTEEQAVDICKAAMGLRIS
SSFSFGGFTFKRTSGSSVKREEEVLTGNLQTLKIRVHEGYEEFTMVGRRATAILRKATRRLIQLIVSGKDEQSIAEAIIV
AMVFSQEDCMIKAVRGDLNFVNRANQRLNPMHQLLRHFQKDAKVLFQNWGIEPIDNVMGMIGILPDMTPSTEMSLRGVRV
SKMGVDEYSSTERVVVSIDRFLRVRDQRGNVLLSPEEVSETQGTEKLTITYSSSMMWEINGPESVLVNTYQWIIRNWENV
KIQWSQDPTMLYNKMEFEPFQSLVPKAARGQYSGFVRVLFQQMRDVLGTFDTVQIIKLLPFAAAPPEQSRMQFSSLTVNV
RGSGMRIVVRGNSPVFNYNKATKRLTVLGKDAGALMEDPDEGTAGVESAVLRGFLILGKENKRYGPALSINELSNLAKGE
KANVLIGQGDVVLVMKRKRDSSILTDSQTATKRIRMAIN
;
C
4 'polyribonucleotide' AUCUAUAAUAGUUU(K1F)UU M
5 'polyribonucleotide' UAUACCUCUGAAUAAACUAUU R
6 'polyribonucleotide' AGUAGUAACAAGAG V
#
loop_
_chem_comp.id
_chem_comp.type
_chem_comp.name
_chem_comp.formula
A RNA linking ADENOSINE-5'-MONOPHOSPHATE 'C10 H14 N5 O7 P'
C RNA linking CYTIDINE-5'-MONOPHOSPHATE 'C9 H14 N3 O8 P'
G RNA linking GUANOSINE-5'-MONOPHOSPHATE 'C10 H14 N5 O8 P'
GTA non-polymer P1-7-METHYLGUANOSINE-P3-ADENOSINE-5',5'-TRIPHOSPHATE 'C21 H30 N10 O17 P3 1'
K1F RNA linking '[(2R,3S,4R,5R)-5-(3-aminocarbonyl-2-oxidanylidene-pyrazin-1-yl)-3,4-bis(oxidanyl)oxolan-2-yl]methyl dihydrogen phosphate' 'C10 H14 N3 O9 P'
MG non-polymer 'MAGNESIUM ION' 'Mg 2'
U RNA linking URIDINE-5'-MONOPHOSPHATE 'C9 H13 N2 O9 P'
#
# COMPACT_ATOMS: atom_id res chain seq x y z
N GLY A 1 21.41 50.56 1.47
CA GLY A 1 21.37 51.77 2.34
C GLY A 1 19.97 52.12 2.80
N MET A 2 18.98 51.68 2.03
CA MET A 2 17.58 51.93 2.39
C MET A 2 17.23 51.26 3.71
N GLU A 3 17.75 50.05 3.94
CA GLU A 3 17.38 49.31 5.14
C GLU A 3 17.79 50.05 6.40
N ASP A 4 18.98 50.66 6.38
CA ASP A 4 19.43 51.42 7.54
C ASP A 4 18.49 52.57 7.84
N PHE A 5 18.09 53.31 6.80
CA PHE A 5 17.15 54.41 6.98
C PHE A 5 15.81 53.91 7.53
N VAL A 6 15.32 52.81 6.97
CA VAL A 6 14.03 52.28 7.42
C VAL A 6 14.10 51.89 8.89
N ARG A 7 15.17 51.18 9.27
CA ARG A 7 15.31 50.76 10.66
C ARG A 7 15.49 51.94 11.60
N GLN A 8 16.11 53.03 11.13
CA GLN A 8 16.35 54.19 11.97
C GLN A 8 15.17 55.14 12.04
N CYS A 9 14.22 55.05 11.10
CA CYS A 9 13.11 55.99 11.02
C CYS A 9 11.88 55.50 11.78
N PHE A 10 11.33 54.35 11.37
CA PHE A 10 10.09 53.86 11.96
C PHE A 10 10.35 53.28 13.36
N ASN A 11 9.30 53.25 14.16
CA ASN A 11 9.39 52.70 15.50
C ASN A 11 9.61 51.20 15.44
N PRO A 12 10.21 50.61 16.47
CA PRO A 12 10.54 49.17 16.40
C PRO A 12 9.36 48.26 16.17
N MET A 13 8.15 48.64 16.62
CA MET A 13 6.99 47.78 16.45
C MET A 13 6.65 47.59 14.98
N ILE A 14 6.61 48.69 14.22
CA ILE A 14 6.28 48.59 12.81
C ILE A 14 7.38 47.84 12.06
N VAL A 15 8.63 48.05 12.44
CA VAL A 15 9.73 47.32 11.83
C VAL A 15 9.57 45.83 12.06
N GLU A 16 9.23 45.44 13.30
CA GLU A 16 9.01 44.03 13.59
C GLU A 16 7.87 43.46 12.75
N LEU A 17 6.77 44.20 12.66
CA LEU A 17 5.64 43.71 11.88
C LEU A 17 6.00 43.53 10.42
N ALA A 18 6.69 44.51 9.83
CA ALA A 18 7.09 44.40 8.43
C ALA A 18 8.05 43.25 8.21
N GLU A 19 9.02 43.09 9.11
CA GLU A 19 9.99 42.00 8.97
C GLU A 19 9.30 40.65 9.08
N LYS A 20 8.34 40.51 9.99
CA LYS A 20 7.58 39.27 10.09
C LYS A 20 6.76 39.01 8.85
N ALA A 21 6.13 40.06 8.31
CA ALA A 21 5.33 39.90 7.09
C ALA A 21 6.20 39.43 5.94
N MET A 22 7.40 39.99 5.79
CA MET A 22 8.29 39.53 4.73
C MET A 22 8.77 38.11 4.98
N LYS A 23 9.16 37.80 6.23
CA LYS A 23 9.64 36.46 6.55
C LYS A 23 8.57 35.42 6.29
N GLU A 24 7.29 35.81 6.37
CA GLU A 24 6.22 34.83 6.21
C GLU A 24 6.30 34.13 4.86
N TYR A 25 6.51 34.89 3.78
CA TYR A 25 6.51 34.35 2.43
C TYR A 25 7.92 34.15 1.88
N GLY A 26 8.94 34.15 2.74
CA GLY A 26 10.30 33.93 2.31
C GLY A 26 11.06 35.17 1.88
N GLU A 27 10.44 36.34 1.92
CA GLU A 27 11.15 37.56 1.56
C GLU A 27 12.31 37.81 2.51
N ASP A 28 13.41 38.34 1.96
CA ASP A 28 14.58 38.67 2.76
C ASP A 28 14.67 40.18 2.90
N PRO A 29 14.52 40.75 4.10
CA PRO A 29 14.58 42.21 4.22
C PRO A 29 15.89 42.80 3.74
N LYS A 30 17.01 42.11 3.96
CA LYS A 30 18.31 42.65 3.56
C LYS A 30 18.45 42.70 2.05
N ILE A 31 17.89 41.73 1.34
CA ILE A 31 17.99 41.72 -0.12
C ILE A 31 16.96 42.66 -0.73
N GLU A 32 15.69 42.49 -0.36
CA GLU A 32 14.62 43.37 -0.81
C GLU A 32 14.48 44.50 0.20
N THR A 33 14.97 45.68 -0.15
CA THR A 33 14.97 46.82 0.74
C THR A 33 13.86 47.82 0.42
N ASN A 34 13.56 48.04 -0.86
CA ASN A 34 12.45 48.92 -1.22
C ASN A 34 11.13 48.34 -0.74
N LYS A 35 10.94 47.02 -0.88
CA LYS A 35 9.72 46.40 -0.39
C LYS A 35 9.60 46.51 1.12
N PHE A 36 10.74 46.40 1.82
CA PHE A 36 10.75 46.60 3.27
C PHE A 36 10.18 47.97 3.62
N ALA A 37 10.67 49.02 2.95
CA ALA A 37 10.20 50.37 3.22
C ALA A 37 8.72 50.52 2.85
N SER A 38 8.31 49.92 1.74
CA SER A 38 6.92 50.00 1.33
C SER A 38 6.00 49.38 2.39
N ILE A 39 6.38 48.20 2.90
CA ILE A 39 5.57 47.54 3.90
C ILE A 39 5.52 48.36 5.18
N CYS A 40 6.67 48.91 5.60
CA CYS A 40 6.68 49.73 6.79
C CYS A 40 5.79 50.95 6.63
N THR A 41 5.85 51.61 5.47
CA THR A 41 5.00 52.77 5.23
C THR A 41 3.52 52.40 5.25
N HIS A 42 3.18 51.28 4.60
CA HIS A 42 1.78 50.85 4.58
C HIS A 42 1.27 50.56 5.98
N LEU A 43 2.07 49.85 6.78
CA LEU A 43 1.66 49.54 8.16
C LEU A 43 1.51 50.80 8.98
N GLU A 44 2.43 51.75 8.84
CA GLU A 44 2.32 53.00 9.59
C GLU A 44 1.06 53.76 9.18
N VAL A 45 0.76 53.80 7.88
CA VAL A 45 -0.44 54.48 7.43
C VAL A 45 -1.68 53.82 8.02
N CYS A 46 -1.72 52.49 8.02
CA CYS A 46 -2.88 51.80 8.58
C CYS A 46 -3.03 52.09 10.07
N PHE A 47 -1.93 52.03 10.82
CA PHE A 47 -2.01 52.26 12.25
C PHE A 47 -2.43 53.70 12.56
N MET A 48 -1.91 54.67 11.80
CA MET A 48 -2.35 56.05 12.00
C MET A 48 -3.82 56.23 11.60
N TYR A 49 -4.28 55.45 10.62
CA TYR A 49 -5.68 55.51 10.22
C TYR A 49 -6.59 54.99 11.32
N SER A 50 -6.19 53.92 11.99
CA SER A 50 -7.06 53.29 12.99
C SER A 50 -6.95 53.94 14.36
N ASP A 51 -5.74 54.25 14.81
CA ASP A 51 -5.55 54.71 16.18
C ASP A 51 -6.25 56.06 16.39
N PHE A 52 -6.56 56.35 17.66
CA PHE A 52 -7.23 57.59 18.04
C PHE A 52 -8.64 57.65 17.47
N HIS A 53 -9.41 56.59 17.71
CA HIS A 53 -10.83 56.55 17.37
C HIS A 53 -11.51 55.61 18.35
N PHE A 54 -12.73 55.96 18.75
CA PHE A 54 -13.49 55.13 19.66
C PHE A 54 -14.97 55.32 19.39
N ILE A 55 -15.76 54.33 19.83
CA ILE A 55 -17.21 54.35 19.68
C ILE A 55 -17.82 54.35 21.07
N ASP A 56 -18.64 55.36 21.34
CA ASP A 56 -19.31 55.47 22.64
C ASP A 56 -20.49 54.50 22.70
N GLU A 57 -21.22 54.54 23.82
CA GLU A 57 -22.37 53.67 23.97
C GLU A 57 -23.46 53.99 22.94
N ARG A 58 -23.61 55.27 22.59
CA ARG A 58 -24.62 55.65 21.60
C ARG A 58 -24.34 55.00 20.26
N GLY A 59 -23.08 55.00 19.83
CA GLY A 59 -22.71 54.44 18.54
C GLY A 59 -22.15 55.48 17.59
N GLU A 60 -21.63 56.58 18.12
CA GLU A 60 -21.04 57.65 17.33
C GLU A 60 -19.54 57.71 17.58
N SER A 61 -18.77 57.83 16.51
CA SER A 61 -17.32 57.86 16.63
C SER A 61 -16.87 59.08 17.43
N THR A 62 -15.82 58.89 18.22
CA THR A 62 -15.28 59.93 19.08
C THR A 62 -13.78 59.79 19.15
N ILE A 63 -13.11 60.87 19.58
CA ILE A 63 -11.66 60.93 19.70
C ILE A 63 -11.32 61.22 21.15
N ILE A 64 -10.17 60.72 21.61
CA ILE A 64 -9.70 61.02 22.95
C ILE A 64 -8.18 61.19 22.95
N LEU A 73 -14.29 52.24 26.69
CA LEU A 73 -14.62 52.46 25.29
C LEU A 73 -14.13 51.29 24.43
N LYS A 74 -14.46 51.33 23.15
CA LYS A 74 -14.08 50.28 22.21
C LYS A 74 -13.54 50.93 20.94
N HIS A 75 -12.58 50.26 20.31
CA HIS A 75 -11.97 50.77 19.10
C HIS A 75 -13.01 50.84 17.98
N ARG A 76 -12.92 51.90 17.17
CA ARG A 76 -13.79 52.02 16.01
C ARG A 76 -13.34 51.12 14.88
N PHE A 77 -12.04 50.87 14.76
CA PHE A 77 -11.48 50.11 13.65
C PHE A 77 -10.83 48.84 14.16
N GLU A 78 -11.04 47.75 13.43
CA GLU A 78 -10.34 46.49 13.64
C GLU A 78 -9.25 46.38 12.58
N ILE A 79 -8.01 46.22 13.03
CA ILE A 79 -6.86 46.21 12.13
C ILE A 79 -6.62 44.78 11.67
N ILE A 80 -6.50 44.61 10.35
CA ILE A 80 -6.25 43.30 9.77
C ILE A 80 -4.83 43.16 9.24
N GLU A 81 -4.16 44.26 8.89
CA GLU A 81 -2.76 44.20 8.51
C GLU A 81 -1.89 43.97 9.74
N GLY A 82 -0.67 43.50 9.48
CA GLY A 82 0.26 43.21 10.55
C GLY A 82 0.09 41.85 11.19
N ARG A 83 -0.77 40.99 10.64
CA ARG A 83 -0.99 39.66 11.15
C ARG A 83 -0.69 38.64 10.05
N ASP A 84 -0.36 37.43 10.47
CA ASP A 84 -0.23 36.33 9.52
C ASP A 84 -1.60 36.02 8.93
N ARG A 85 -1.58 35.46 7.72
CA ARG A 85 -2.84 35.27 6.98
C ARG A 85 -3.86 34.47 7.80
N THR A 86 -3.39 33.55 8.65
CA THR A 86 -4.32 32.72 9.41
C THR A 86 -5.16 33.56 10.36
N MET A 87 -4.52 34.40 11.18
CA MET A 87 -5.27 35.22 12.12
C MET A 87 -6.06 36.30 11.39
N ALA A 88 -5.53 36.83 10.29
CA ALA A 88 -6.28 37.81 9.51
C ALA A 88 -7.59 37.21 9.01
N TRP A 89 -7.53 36.00 8.45
CA TRP A 89 -8.74 35.36 7.96
C TRP A 89 -9.66 34.95 9.10
N THR A 90 -9.10 34.59 10.25
CA THR A 90 -9.94 34.29 11.41
C THR A 90 -10.74 35.52 11.81
N VAL A 91 -10.08 36.68 11.87
CA VAL A 91 -10.77 37.92 12.22
C VAL A 91 -11.83 38.24 11.18
N VAL A 92 -11.49 38.13 9.90
CA VAL A 92 -12.44 38.45 8.84
C VAL A 92 -13.66 37.55 8.93
N ASN A 93 -13.45 36.24 9.12
CA ASN A 93 -14.56 35.30 9.20
C ASN A 93 -15.43 35.58 10.41
N SER A 94 -14.82 35.86 11.57
CA SER A 94 -15.61 36.15 12.75
C SER A 94 -16.46 37.40 12.55
N ILE A 95 -15.87 38.45 11.97
CA ILE A 95 -16.63 39.67 11.72
C ILE A 95 -17.78 39.40 10.75
N CYS A 96 -17.51 38.67 9.67
CA CYS A 96 -18.56 38.38 8.70
C CYS A 96 -19.69 37.58 9.33
N ASN A 97 -19.35 36.60 10.16
CA ASN A 97 -20.39 35.80 10.81
C ASN A 97 -21.20 36.64 11.77
N THR A 98 -20.56 37.53 12.54
CA THR A 98 -21.29 38.29 13.55
C THR A 98 -22.03 39.49 12.97
N THR A 99 -21.72 39.92 11.74
CA THR A 99 -22.38 41.07 11.14
C THR A 99 -23.10 40.77 9.83
N GLY A 100 -22.73 39.69 9.14
CA GLY A 100 -23.35 39.39 7.86
C GLY A 100 -22.81 40.16 6.68
N VAL A 101 -21.72 40.91 6.87
CA VAL A 101 -21.14 41.66 5.76
C VAL A 101 -20.56 40.68 4.73
N GLU A 102 -20.56 41.12 3.47
CA GLU A 102 -20.04 40.29 2.40
C GLU A 102 -18.58 39.93 2.66
N LYS A 103 -18.22 38.69 2.40
CA LYS A 103 -16.86 38.23 2.63
C LYS A 103 -15.95 38.69 1.49
N PRO A 104 -14.91 39.47 1.75
CA PRO A 104 -14.03 39.92 0.68
C PRO A 104 -13.23 38.78 0.09
N LYS A 105 -12.88 38.93 -1.19
CA LYS A 105 -12.05 37.94 -1.87
C LYS A 105 -10.58 38.01 -1.45
N PHE A 106 -10.14 39.14 -0.92
CA PHE A 106 -8.76 39.33 -0.51
C PHE A 106 -8.74 40.00 0.85
N LEU A 107 -7.65 39.81 1.58
CA LEU A 107 -7.55 40.35 2.93
C LEU A 107 -7.66 41.87 2.90
N PRO A 108 -8.67 42.46 3.53
CA PRO A 108 -8.72 43.92 3.62
C PRO A 108 -7.81 44.45 4.72
N ASP A 109 -7.55 45.75 4.65
CA ASP A 109 -6.60 46.35 5.58
C ASP A 109 -7.24 46.72 6.91
N LEU A 110 -8.50 47.18 6.88
CA LEU A 110 -9.17 47.60 8.10
C LEU A 110 -10.64 47.20 8.03
N TYR A 111 -11.29 47.19 9.19
CA TYR A 111 -12.74 47.04 9.28
C TYR A 111 -13.30 48.16 10.14
N ASP A 112 -14.34 48.81 9.65
CA ASP A 112 -15.00 49.91 10.36
C ASP A 112 -16.32 49.40 10.93
N TYR A 113 -16.45 49.45 12.25
CA TYR A 113 -17.68 49.02 12.89
C TYR A 113 -18.79 50.06 12.72
N LYS A 114 -18.44 51.34 12.84
CA LYS A 114 -19.45 52.39 12.72
C LYS A 114 -20.14 52.34 11.36
N GLU A 115 -19.36 52.32 10.28
CA GLU A 115 -19.92 52.13 8.95
C GLU A 115 -20.19 50.66 8.65
N ASN A 116 -19.61 49.74 9.42
CA ASN A 116 -19.81 48.31 9.22
C ASN A 116 -19.39 47.91 7.81
N ARG A 117 -18.11 48.08 7.51
CA ARG A 117 -17.61 47.77 6.17
C ARG A 117 -16.10 47.54 6.22
N PHE A 118 -15.62 46.76 5.25
CA PHE A 118 -14.19 46.56 5.10
C PHE A 118 -13.59 47.69 4.28
N ILE A 119 -12.42 48.17 4.71
CA ILE A 119 -11.73 49.28 4.08
C ILE A 119 -10.38 48.80 3.59
N GLU A 120 -10.08 49.04 2.31
CA GLU A 120 -8.81 48.70 1.70
C GLU A 120 -7.97 49.98 1.59
N ILE A 121 -6.74 49.91 2.11
CA ILE A 121 -5.85 51.06 2.16
C ILE A 121 -4.69 50.83 1.20
N GLY A 122 -4.33 51.87 0.46
CA GLY A 122 -3.20 51.81 -0.45
C GLY A 122 -2.37 53.06 -0.43
N VAL A 123 -1.06 52.92 -0.55
CA VAL A 123 -0.13 54.04 -0.64
C VAL A 123 0.49 53.99 -2.03
N THR A 124 0.29 55.05 -2.80
CA THR A 124 0.70 55.11 -4.20
C THR A 124 1.84 56.10 -4.37
N ARG A 125 2.90 55.66 -5.06
CA ARG A 125 3.99 56.55 -5.42
C ARG A 125 3.80 57.17 -6.81
N ARG A 126 2.97 56.57 -7.64
CA ARG A 126 2.59 57.14 -8.92
C ARG A 126 1.30 57.95 -8.75
N GLU A 127 0.69 58.33 -9.86
CA GLU A 127 -0.60 59.01 -9.80
C GLU A 127 -1.64 58.09 -9.18
N VAL A 128 -2.58 58.70 -8.45
CA VAL A 128 -3.51 57.92 -7.63
C VAL A 128 -4.49 57.15 -8.49
N HIS A 129 -4.98 57.74 -9.57
CA HIS A 129 -6.10 57.16 -10.30
C HIS A 129 -5.72 55.79 -10.89
N ILE A 130 -4.50 55.66 -11.43
CA ILE A 130 -4.11 54.38 -11.99
C ILE A 130 -4.08 53.30 -10.91
N TYR A 131 -3.57 53.65 -9.72
CA TYR A 131 -3.53 52.70 -8.62
C TYR A 131 -4.94 52.30 -8.21
N TYR A 132 -5.86 53.27 -8.14
CA TYR A 132 -7.23 52.98 -7.77
C TYR A 132 -7.87 52.04 -8.78
N LEU A 133 -7.64 52.29 -10.08
CA LEU A 133 -8.18 51.39 -11.10
C LEU A 133 -7.59 49.99 -10.97
N GLU A 134 -6.28 49.90 -10.69
CA GLU A 134 -5.66 48.59 -10.52
C GLU A 134 -6.29 47.83 -9.35
N LYS A 135 -6.48 48.51 -8.22
CA LYS A 135 -7.07 47.85 -7.07
C LYS A 135 -8.51 47.42 -7.35
N ALA A 136 -9.28 48.28 -8.02
CA ALA A 136 -10.66 47.93 -8.34
C ALA A 136 -10.70 46.72 -9.26
N ASN A 137 -9.80 46.67 -10.25
CA ASN A 137 -9.73 45.51 -11.13
C ASN A 137 -9.38 44.25 -10.34
N LYS A 138 -8.40 44.34 -9.44
CA LYS A 138 -7.95 43.15 -8.73
C LYS A 138 -9.03 42.61 -7.80
N ILE A 139 -9.60 43.46 -6.94
CA ILE A 139 -10.55 42.97 -5.96
C ILE A 139 -11.85 42.56 -6.64
N LYS A 140 -12.29 43.32 -7.64
CA LYS A 140 -13.54 43.04 -8.35
C LYS A 140 -14.72 43.09 -7.38
N SER A 141 -14.88 44.23 -6.70
CA SER A 141 -15.92 44.41 -5.72
C SER A 141 -16.36 45.86 -5.70
N GLU A 142 -17.54 46.08 -5.12
CA GLU A 142 -18.05 47.43 -4.88
C GLU A 142 -18.50 47.65 -3.44
N LYS A 143 -18.44 46.62 -2.60
CA LYS A 143 -18.84 46.73 -1.20
C LYS A 143 -17.67 47.03 -0.27
N THR A 144 -16.47 47.16 -0.81
CA THR A 144 -15.26 47.42 -0.02
C THR A 144 -14.80 48.85 -0.29
N HIS A 145 -14.81 49.67 0.75
CA HIS A 145 -14.37 51.06 0.63
C HIS A 145 -12.88 51.12 0.36
N ILE A 146 -12.49 51.86 -0.67
CA ILE A 146 -11.09 51.98 -1.09
C ILE A 146 -10.64 53.40 -0.80
N HIS A 147 -9.47 53.53 -0.18
CA HIS A 147 -8.90 54.83 0.16
C HIS A 147 -7.42 54.80 -0.18
N ILE A 148 -6.98 55.73 -1.03
CA ILE A 148 -5.62 55.74 -1.56
C ILE A 148 -4.97 57.07 -1.22
N PHE A 149 -3.76 57.01 -0.68
CA PHE A 149 -2.93 58.17 -0.41
C PHE A 149 -1.71 58.17 -1.31
N SER A 150 -0.96 59.27 -1.26
CA SER A 150 0.26 59.41 -2.04
C SER A 150 1.23 60.31 -1.31
N PHE A 151 2.51 60.19 -1.66
CA PHE A 151 3.55 60.99 -1.04
C PHE A 151 3.55 62.44 -1.52
N THR A 152 2.80 62.76 -2.57
CA THR A 152 2.69 64.12 -3.08
C THR A 152 1.54 64.90 -2.47
N GLY A 153 0.83 64.31 -1.50
CA GLY A 153 -0.32 64.95 -0.90
C GLY A 153 -1.64 64.66 -1.60
N GLU A 154 -1.62 63.96 -2.74
CA GLU A 154 -2.85 63.61 -3.43
C GLU A 154 -3.60 62.53 -2.65
N GLU A 155 -4.89 62.39 -2.98
CA GLU A 155 -5.73 61.44 -2.27
C GLU A 155 -6.90 61.05 -3.15
N MET A 156 -7.44 59.86 -2.91
CA MET A 156 -8.64 59.39 -3.59
C MET A 156 -9.38 58.42 -2.68
N ALA A 157 -10.66 58.25 -2.95
CA ALA A 157 -11.49 57.35 -2.15
C ALA A 157 -12.75 57.01 -2.93
N THR A 158 -13.45 55.98 -2.45
CA THR A 158 -14.69 55.56 -3.08
C THR A 158 -15.77 56.61 -2.87
N LYS A 159 -16.47 56.96 -3.95
CA LYS A 159 -17.55 57.96 -3.90
C LYS A 159 -17.06 59.26 -3.27
N ALA A 160 -15.76 59.53 -3.38
CA ALA A 160 -15.15 60.71 -2.76
C ALA A 160 -15.43 60.75 -1.26
N ASP A 161 -15.64 59.59 -0.65
CA ASP A 161 -15.96 59.48 0.77
C ASP A 161 -14.68 59.29 1.57
N TYR A 162 -14.48 60.14 2.57
CA TYR A 162 -13.34 60.07 3.46
C TYR A 162 -13.87 59.81 4.87
N THR A 163 -13.61 58.60 5.39
CA THR A 163 -14.18 58.23 6.67
C THR A 163 -13.68 59.14 7.80
N LEU A 164 -12.38 59.44 7.80
CA LEU A 164 -11.81 60.22 8.87
C LEU A 164 -12.01 61.72 8.64
N ASP A 165 -11.91 62.47 9.73
CA ASP A 165 -11.97 63.92 9.64
C ASP A 165 -10.70 64.46 8.98
N GLU A 166 -10.74 65.74 8.63
CA GLU A 166 -9.64 66.35 7.90
C GLU A 166 -8.36 66.48 8.74
N GLU A 167 -8.47 66.50 10.07
CA GLU A 167 -7.27 66.61 10.90
C GLU A 167 -6.39 65.38 10.74
N SER A 168 -6.96 64.19 10.89
CA SER A 168 -6.17 62.97 10.75
C SER A 168 -5.69 62.77 9.32
N ARG A 169 -6.49 63.16 8.33
CA ARG A 169 -6.03 63.10 6.95
C ARG A 169 -4.82 64.00 6.74
N ALA A 170 -4.87 65.21 7.29
CA ALA A 170 -3.72 66.11 7.21
C ALA A 170 -2.51 65.51 7.91
N ARG A 171 -2.73 64.85 9.05
CA ARG A 171 -1.62 64.20 9.75
C ARG A 171 -0.99 63.12 8.88
N ILE A 172 -1.81 62.31 8.21
CA ILE A 172 -1.27 61.29 7.32
C ILE A 172 -0.51 61.94 6.17
N LYS A 173 -1.06 63.00 5.59
CA LYS A 173 -0.40 63.67 4.48
C LYS A 173 0.97 64.21 4.90
N THR A 174 1.04 64.85 6.07
CA THR A 174 2.31 65.41 6.50
C THR A 174 3.30 64.31 6.86
N ARG A 175 2.83 63.18 7.40
CA ARG A 175 3.74 62.06 7.64
C ARG A 175 4.33 61.55 6.33
N LEU A 176 3.48 61.38 5.31
CA LEU A 176 3.97 60.91 4.02
C LEU A 176 4.96 61.91 3.42
N PHE A 177 4.64 63.21 3.51
CA PHE A 177 5.55 64.22 2.97
C PHE A 177 6.88 64.21 3.71
N THR A 178 6.85 64.05 5.03
CA THR A 178 8.08 64.04 5.82
C THR A 178 8.93 62.83 5.47
N ILE A 179 8.33 61.65 5.34
CA ILE A 179 9.11 60.47 4.99
C ILE A 179 9.70 60.63 3.59
N ARG A 180 8.93 61.19 2.65
CA ARG A 180 9.45 61.41 1.31
C ARG A 180 10.61 62.39 1.33
N GLN A 181 10.51 63.46 2.11
CA GLN A 181 11.61 64.42 2.22
C GLN A 181 12.85 63.75 2.80
N GLU A 182 12.69 62.93 3.84
CA GLU A 182 13.82 62.23 4.42
C GLU A 182 14.49 61.34 3.39
N MET A 183 13.69 60.60 2.63
CA MET A 183 14.25 59.70 1.62
C MET A 183 14.95 60.49 0.50
N ALA A 184 14.37 61.62 0.10
CA ALA A 184 14.98 62.41 -0.96
C ALA A 184 16.28 63.06 -0.50
N SER A 185 16.40 63.36 0.79
CA SER A 185 17.65 63.92 1.31
C SER A 185 18.80 62.96 1.10
N ARG A 186 18.58 61.67 1.34
CA ARG A 186 19.60 60.65 1.15
C ARG A 186 19.66 60.14 -0.29
N GLY A 187 18.81 60.65 -1.18
CA GLY A 187 18.84 60.23 -2.56
C GLY A 187 18.29 58.84 -2.81
N LEU A 188 17.47 58.32 -1.89
CA LEU A 188 16.92 56.98 -2.01
C LEU A 188 15.56 56.97 -2.70
N TRP A 189 15.03 58.12 -3.08
CA TRP A 189 13.65 58.19 -3.57
C TRP A 189 13.50 57.67 -5.00
N ASP A 190 14.53 57.82 -5.84
CA ASP A 190 14.36 57.50 -7.25
C ASP A 190 14.00 56.03 -7.45
N SER A 191 14.82 55.12 -6.90
CA SER A 191 14.53 53.71 -7.03
C SER A 191 13.26 53.33 -6.27
N PHE A 192 13.07 53.89 -5.09
CA PHE A 192 11.87 53.60 -4.31
C PHE A 192 10.61 53.93 -5.10
N ARG A 193 10.66 54.95 -5.95
CA ARG A 193 9.56 55.23 -6.85
C ARG A 193 9.55 54.27 -8.02
N GLN A 194 10.72 53.90 -8.53
CA GLN A 194 10.80 53.02 -9.69
C GLN A 194 10.54 51.56 -9.37
N SER A 195 10.44 51.19 -8.09
CA SER A 195 10.29 49.80 -7.69
C SER A 195 8.87 49.44 -7.30
N GLU A 196 7.90 50.32 -7.54
CA GLU A 196 6.52 50.00 -7.16
C GLU A 196 5.92 48.93 -8.07
N ARG A 197 6.22 48.98 -9.36
CA ARG A 197 5.61 48.05 -10.30
C ARG A 197 6.00 46.61 -9.96
N GLY A 198 7.29 46.35 -9.73
CA GLY A 198 7.75 45.04 -9.36
C GLY A 198 7.83 44.86 -7.86
N GLU A 199 6.71 45.11 -7.17
CA GLU A 199 6.67 45.08 -5.71
C GLU A 199 5.88 43.89 -5.17
N GLU A 200 4.70 43.62 -5.73
CA GLU A 200 3.88 42.49 -5.31
C GLU A 200 4.16 41.25 -6.16
N THR A 201 5.44 40.88 -6.27
CA THR A 201 5.84 39.71 -7.02
C THR A 201 6.87 38.93 -6.22
N ILE A 202 6.86 37.61 -6.40
CA ILE A 202 7.73 36.69 -5.67
C ILE A 202 8.80 36.19 -6.63
N GLU A 203 10.06 36.46 -6.29
CA GLU A 203 11.21 35.96 -7.03
C GLU A 203 11.95 35.00 -6.12
N GLU A 204 11.78 33.70 -6.36
CA GLU A 204 12.42 32.69 -5.54
C GLU A 204 13.93 32.73 -5.73
N ARG A 205 14.67 32.60 -4.63
CA ARG A 205 16.12 32.63 -4.65
C ARG A 205 16.67 31.43 -3.90
N PHE A 206 17.61 30.73 -4.52
CA PHE A 206 18.29 29.61 -3.87
C PHE A 206 19.67 29.50 -4.52
N GLU A 207 20.70 29.94 -3.80
CA GLU A 207 22.04 30.05 -4.34
C GLU A 207 22.97 29.06 -3.66
N ILE A 208 23.95 28.56 -4.42
CA ILE A 208 24.97 27.65 -3.93
C ILE A 208 26.27 28.45 -3.82
N THR A 209 26.74 28.65 -2.59
CA THR A 209 27.94 29.44 -2.35
C THR A 209 28.68 28.89 -1.14
N GLY A 210 29.97 29.19 -1.07
CA GLY A 210 30.78 28.77 0.05
C GLY A 210 31.12 27.30 0.04
N THR A 211 30.97 26.64 1.19
CA THR A 211 31.29 25.21 1.27
C THR A 211 30.49 24.42 0.26
N MET A 212 29.22 24.79 0.05
CA MET A 212 28.38 24.03 -0.86
C MET A 212 28.89 24.11 -2.29
N ARG A 213 29.38 25.27 -2.71
CA ARG A 213 29.91 25.41 -4.06
C ARG A 213 31.11 24.51 -4.28
N ARG A 214 32.00 24.43 -3.29
CA ARG A 214 33.17 23.57 -3.43
C ARG A 214 32.78 22.10 -3.43
N LEU A 215 31.87 21.70 -2.54
CA LEU A 215 31.37 20.33 -2.58
C LEU A 215 30.76 20.01 -3.94
N ALA A 216 30.03 20.96 -4.51
CA ALA A 216 29.46 20.76 -5.84
C ALA A 216 30.55 20.59 -6.89
N ASP A 217 31.58 21.43 -6.83
CA ASP A 217 32.71 21.30 -7.75
C ASP A 217 33.45 19.99 -7.59
N GLN A 218 33.31 19.32 -6.44
CA GLN A 218 33.92 18.01 -6.21
C GLN A 218 32.90 16.88 -6.32
N SER A 219 31.91 17.03 -7.19
CA SER A 219 30.85 16.03 -7.38
C SER A 219 30.53 15.87 -8.85
N LEU A 220 31.55 15.81 -9.69
CA LEU A 220 31.40 15.80 -11.14
C LEU A 220 32.22 14.69 -11.76
N PRO A 221 31.91 14.31 -13.00
CA PRO A 221 32.76 13.33 -13.70
C PRO A 221 34.21 13.79 -13.75
N PRO A 222 35.13 12.89 -14.09
CA PRO A 222 36.55 13.21 -13.91
C PRO A 222 37.02 14.45 -14.65
N ASN A 223 36.53 14.69 -15.86
CA ASN A 223 37.07 15.74 -16.72
C ASN A 223 36.34 17.07 -16.58
N PHE A 224 35.65 17.30 -15.47
CA PHE A 224 34.98 18.56 -15.20
C PHE A 224 35.46 19.11 -13.85
N SER A 225 35.66 20.42 -13.80
CA SER A 225 36.21 21.07 -12.63
C SER A 225 35.28 22.09 -11.98
N SER A 226 34.14 22.39 -12.60
CA SER A 226 33.19 23.35 -12.06
C SER A 226 31.78 22.87 -12.35
N LEU A 227 30.85 23.20 -11.45
CA LEU A 227 29.46 22.83 -11.65
C LEU A 227 28.87 23.55 -12.86
N GLU A 228 29.21 24.83 -13.03
CA GLU A 228 28.65 25.59 -14.14
C GLU A 228 29.16 25.06 -15.49
N ASN A 229 30.41 24.62 -15.54
CA ASN A 229 30.92 24.01 -16.77
C ASN A 229 30.16 22.73 -17.09
N PHE A 230 29.88 21.91 -16.08
CA PHE A 230 29.11 20.69 -16.32
C PHE A 230 27.70 21.02 -16.79
N ARG A 231 27.07 22.03 -16.20
CA ARG A 231 25.73 22.43 -16.63
C ARG A 231 25.75 22.94 -18.06
N ALA A 232 26.78 23.71 -18.42
CA ALA A 232 26.89 24.19 -19.79
C ALA A 232 27.06 23.02 -20.76
N TYR A 233 27.85 22.02 -20.37
CA TYR A 233 28.01 20.84 -21.22
C TYR A 233 26.68 20.11 -21.37
N VAL A 234 25.92 19.99 -20.28
CA VAL A 234 24.67 19.23 -20.33
C VAL A 234 23.63 19.96 -21.17
N ASP A 235 23.56 21.30 -21.05
CA ASP A 235 22.52 22.04 -21.75
C ASP A 235 22.66 21.88 -23.26
N GLY A 236 23.89 21.85 -23.77
CA GLY A 236 24.15 21.72 -25.18
C GLY A 236 24.31 20.30 -25.68
N PHE A 237 24.00 19.30 -24.87
CA PHE A 237 24.23 17.92 -25.27
C PHE A 237 23.24 17.48 -26.34
N GLU A 238 23.76 16.81 -27.37
CA GLU A 238 22.96 16.20 -28.41
C GLU A 238 23.41 14.75 -28.57
N PRO A 239 22.49 13.78 -28.58
CA PRO A 239 22.92 12.38 -28.72
C PRO A 239 23.48 12.08 -30.09
N ASN A 240 24.79 11.79 -30.17
CA ASN A 240 25.45 11.49 -31.44
C ASN A 240 26.25 10.19 -31.28
N GLY A 241 25.56 9.07 -31.43
CA GLY A 241 26.20 7.76 -31.49
C GLY A 241 27.12 7.45 -30.32
N CYS A 242 26.80 7.99 -29.14
CA CYS A 242 27.64 7.71 -27.97
C CYS A 242 27.53 6.24 -27.56
N ILE A 243 26.30 5.75 -27.40
CA ILE A 243 26.11 4.38 -26.94
C ILE A 243 26.64 3.39 -27.96
N GLU A 244 26.38 3.63 -29.25
CA GLU A 244 26.86 2.70 -30.27
C GLU A 244 28.38 2.67 -30.32
N GLY A 245 29.03 3.83 -30.22
CA GLY A 245 30.48 3.85 -30.18
C GLY A 245 31.03 3.10 -28.99
N LYS A 246 30.46 3.34 -27.80
CA LYS A 246 30.94 2.65 -26.61
C LYS A 246 30.74 1.15 -26.73
N LEU A 247 29.59 0.72 -27.26
CA LEU A 247 29.35 -0.71 -27.45
C LEU A 247 30.36 -1.30 -28.42
N SER A 248 30.68 -0.58 -29.49
CA SER A 248 31.69 -1.07 -30.43
C SER A 248 33.04 -1.21 -29.75
N GLN A 249 33.40 -0.26 -28.89
CA GLN A 249 34.69 -0.33 -28.20
C GLN A 249 34.75 -1.50 -27.24
N MET A 250 33.65 -1.78 -26.53
CA MET A 250 33.65 -2.80 -25.50
C MET A 250 33.93 -4.18 -26.10
N SER A 251 34.65 -5.00 -25.35
CA SER A 251 35.03 -6.32 -25.83
C SER A 251 33.83 -7.25 -25.88
N LYS A 252 33.98 -8.35 -26.60
CA LYS A 252 32.91 -9.32 -26.78
C LYS A 252 32.87 -10.37 -25.68
N GLU A 253 33.80 -10.32 -24.72
CA GLU A 253 33.70 -11.19 -23.56
C GLU A 253 32.59 -10.77 -22.61
N VAL A 254 32.13 -9.51 -22.70
CA VAL A 254 31.06 -9.00 -21.86
C VAL A 254 29.76 -9.28 -22.60
N ASN A 255 29.22 -10.47 -22.39
CA ASN A 255 28.02 -10.91 -23.08
C ASN A 255 27.14 -11.72 -22.14
N ALA A 256 25.90 -11.93 -22.55
CA ALA A 256 24.94 -12.76 -21.83
C ALA A 256 24.57 -13.94 -22.72
N ARG A 257 25.39 -14.98 -22.67
CA ARG A 257 25.17 -16.17 -23.48
C ARG A 257 24.12 -17.06 -22.81
N ILE A 258 23.12 -17.48 -23.57
CA ILE A 258 22.03 -18.30 -23.05
C ILE A 258 22.40 -19.76 -23.21
N GLU A 259 22.31 -20.51 -22.11
CA GLU A 259 22.57 -21.94 -22.11
C GLU A 259 21.25 -22.69 -21.98
N PRO A 260 20.83 -23.47 -22.97
CA PRO A 260 19.52 -24.13 -22.87
C PRO A 260 19.46 -25.05 -21.67
N PHE A 261 18.28 -25.08 -21.04
CA PHE A 261 18.02 -25.93 -19.87
C PHE A 261 17.20 -27.11 -20.36
N LEU A 262 17.86 -28.24 -20.58
CA LEU A 262 17.23 -29.44 -21.09
C LEU A 262 16.94 -30.40 -19.93
N ARG A 263 16.31 -31.54 -20.26
CA ARG A 263 15.98 -32.51 -19.23
C ARG A 263 17.23 -33.19 -18.67
N THR A 264 18.31 -33.23 -19.45
CA THR A 264 19.56 -33.81 -19.00
C THR A 264 20.53 -32.79 -18.42
N THR A 265 20.13 -31.53 -18.36
CA THR A 265 21.02 -30.47 -17.86
C THR A 265 21.12 -30.48 -16.34
N PRO A 266 20.01 -30.40 -15.61
CA PRO A 266 20.11 -30.29 -14.14
C PRO A 266 20.71 -31.52 -13.50
N ARG A 267 21.37 -31.30 -12.38
CA ARG A 267 22.04 -32.33 -11.59
C ARG A 267 21.52 -32.31 -10.17
N PRO A 268 21.63 -33.43 -9.45
CA PRO A 268 21.17 -33.43 -8.06
C PRO A 268 21.99 -32.50 -7.18
N LEU A 269 21.33 -31.93 -6.17
CA LEU A 269 22.02 -31.10 -5.21
C LEU A 269 23.00 -31.93 -4.39
N ARG A 270 24.03 -31.26 -3.88
CA ARG A 270 25.08 -31.90 -3.10
C ARG A 270 24.87 -31.58 -1.63
N LEU A 271 24.46 -32.58 -0.86
CA LEU A 271 24.30 -32.40 0.57
C LEU A 271 25.66 -32.50 1.27
N PRO A 272 25.83 -31.81 2.39
CA PRO A 272 27.13 -31.80 3.06
C PRO A 272 27.49 -33.15 3.66
N ASP A 273 28.79 -33.35 3.85
CA ASP A 273 29.32 -34.53 4.52
C ASP A 273 29.65 -34.19 5.97
N GLY A 274 29.69 -35.22 6.80
CA GLY A 274 29.99 -35.07 8.20
C GLY A 274 29.24 -36.08 9.04
N PRO A 275 29.33 -35.95 10.37
CA PRO A 275 28.59 -36.86 11.24
C PRO A 275 27.09 -36.63 11.08
N PRO A 276 26.27 -37.65 11.33
CA PRO A 276 24.83 -37.49 11.12
C PRO A 276 24.23 -36.41 12.00
N CYS A 277 23.16 -35.79 11.50
CA CYS A 277 22.46 -34.75 12.24
C CYS A 277 21.70 -35.36 13.41
N SER A 278 21.40 -34.52 14.40
CA SER A 278 20.79 -34.96 15.65
C SER A 278 19.53 -34.15 15.93
N GLN A 279 18.68 -34.69 16.80
CA GLN A 279 17.42 -34.06 17.13
C GLN A 279 17.65 -32.68 17.74
N ARG A 280 16.82 -31.72 17.35
CA ARG A 280 16.93 -30.36 17.88
C ARG A 280 15.58 -29.73 18.19
N SER A 281 14.48 -30.48 18.17
CA SER A 281 13.19 -29.93 18.55
C SER A 281 13.14 -29.67 20.05
N LYS A 282 12.23 -28.78 20.46
CA LYS A 282 12.09 -28.45 21.87
C LYS A 282 11.45 -29.56 22.67
N PHE A 283 10.80 -30.52 22.00
CA PHE A 283 10.19 -31.64 22.69
C PHE A 283 10.19 -32.84 21.75
N LEU A 284 10.03 -34.03 22.32
CA LEU A 284 9.98 -35.25 21.53
C LEU A 284 8.74 -35.24 20.64
N LEU A 285 8.87 -35.80 19.44
CA LEU A 285 7.80 -35.76 18.45
C LEU A 285 7.19 -37.14 18.22
N MET A 286 7.98 -38.13 17.83
CA MET A 286 7.47 -39.47 17.60
C MET A 286 7.77 -40.41 18.75
N ASP A 287 8.77 -40.10 19.57
CA ASP A 287 9.19 -40.95 20.66
C ASP A 287 8.54 -40.56 21.99
N ALA A 288 7.62 -39.60 21.98
CA ALA A 288 7.00 -39.15 23.21
C ALA A 288 6.07 -40.21 23.77
N LEU A 289 6.03 -40.29 25.10
CA LEU A 289 5.09 -41.15 25.82
C LEU A 289 4.27 -40.28 26.76
N LYS A 290 2.99 -40.61 26.89
CA LYS A 290 2.07 -39.82 27.69
C LYS A 290 1.38 -40.69 28.74
N LEU A 291 1.26 -40.14 29.94
CA LEU A 291 0.48 -40.77 31.00
C LEU A 291 -0.86 -40.07 31.07
N SER A 292 -1.95 -40.82 30.89
CA SER A 292 -3.25 -40.26 30.60
C SER A 292 -4.26 -40.60 31.69
N ILE A 293 -5.22 -39.71 31.88
CA ILE A 293 -6.34 -39.92 32.80
C ILE A 293 -7.62 -39.49 32.10
N GLU A 294 -8.68 -40.29 32.27
CA GLU A 294 -9.98 -40.03 31.65
C GLU A 294 -10.74 -38.97 32.45
N ASP A 295 -10.10 -37.82 32.62
CA ASP A 295 -10.69 -36.73 33.38
C ASP A 295 -11.69 -35.97 32.51
N PRO A 296 -12.96 -35.88 32.90
CA PRO A 296 -13.92 -35.10 32.10
C PRO A 296 -13.72 -33.60 32.23
N SER A 297 -12.76 -33.05 31.48
CA SER A 297 -12.49 -31.62 31.49
C SER A 297 -12.13 -31.17 30.08
N HIS A 298 -12.33 -29.88 29.82
CA HIS A 298 -12.04 -29.30 28.52
C HIS A 298 -10.61 -28.75 28.52
N GLU A 299 -10.27 -27.98 27.48
CA GLU A 299 -8.93 -27.45 27.35
C GLU A 299 -8.62 -26.44 28.45
N GLY A 300 -7.52 -26.68 29.17
CA GLY A 300 -6.98 -25.70 30.10
C GLY A 300 -7.92 -25.28 31.21
N GLU A 301 -8.55 -26.24 31.88
CA GLU A 301 -9.50 -25.93 32.95
C GLU A 301 -8.92 -26.19 34.34
N GLY A 302 -8.35 -27.37 34.57
CA GLY A 302 -7.83 -27.71 35.88
C GLY A 302 -6.48 -27.08 36.15
N ILE A 303 -6.01 -27.29 37.38
CA ILE A 303 -4.69 -26.82 37.78
C ILE A 303 -3.62 -27.73 37.18
N PRO A 304 -2.62 -27.20 36.47
CA PRO A 304 -1.64 -28.09 35.82
C PRO A 304 -0.94 -29.03 36.77
N LEU A 305 -0.57 -28.58 37.97
CA LEU A 305 0.15 -29.44 38.90
C LEU A 305 -0.75 -30.55 39.44
N TYR A 306 -2.02 -30.24 39.68
CA TYR A 306 -2.96 -31.27 40.11
C TYR A 306 -3.08 -32.36 39.07
N ASP A 307 -3.24 -31.97 37.81
CA ASP A 307 -3.31 -32.94 36.72
C ASP A 307 -2.02 -33.75 36.61
N ALA A 308 -0.87 -33.07 36.76
CA ALA A 308 0.41 -33.78 36.67
C ALA A 308 0.52 -34.83 37.75
N ILE A 309 0.17 -34.48 38.99
CA ILE A 309 0.22 -35.45 40.09
C ILE A 309 -0.74 -36.62 39.82
N LYS A 310 -1.95 -36.30 39.37
CA LYS A 310 -2.91 -37.36 39.10
C LYS A 310 -2.41 -38.31 38.02
N CYS A 311 -1.83 -37.77 36.95
CA CYS A 311 -1.32 -38.61 35.88
C CYS A 311 -0.12 -39.43 36.34
N MET A 312 0.74 -38.85 37.18
CA MET A 312 1.88 -39.59 37.70
C MET A 312 1.42 -40.77 38.55
N LYS A 313 0.37 -40.57 39.35
CA LYS A 313 -0.10 -41.64 40.22
C LYS A 313 -0.65 -42.83 39.44
N THR A 314 -1.17 -42.59 38.23
CA THR A 314 -1.81 -43.66 37.47
C THR A 314 -0.82 -44.69 36.94
N PHE A 315 0.48 -44.44 37.04
CA PHE A 315 1.49 -45.35 36.54
C PHE A 315 2.19 -46.03 37.71
N PHE A 316 2.27 -47.37 37.65
CA PHE A 316 2.98 -48.17 38.63
C PHE A 316 4.12 -48.89 37.95
N GLY A 317 5.29 -48.89 38.57
CA GLY A 317 6.46 -49.52 37.98
C GLY A 317 7.72 -48.68 38.09
N TRP A 318 7.65 -47.58 38.83
CA TRP A 318 8.84 -46.76 39.01
C TRP A 318 9.97 -47.58 39.60
N LYS A 319 11.17 -47.42 39.04
CA LYS A 319 12.38 -48.03 39.54
C LYS A 319 13.31 -46.96 40.08
N GLU A 320 14.51 -47.38 40.49
CA GLU A 320 15.54 -46.43 40.86
C GLU A 320 16.19 -45.88 39.59
N PRO A 321 16.15 -44.58 39.34
CA PRO A 321 16.70 -44.06 38.08
C PRO A 321 18.18 -44.36 37.94
N ASN A 322 18.58 -44.69 36.72
CA ASN A 322 19.98 -44.90 36.39
C ASN A 322 20.23 -44.42 34.97
N ILE A 323 21.47 -44.03 34.70
CA ILE A 323 21.81 -43.43 33.41
C ILE A 323 22.06 -44.55 32.40
N ILE A 324 21.29 -44.53 31.32
CA ILE A 324 21.42 -45.52 30.25
C ILE A 324 22.28 -44.97 29.11
N LYS A 325 22.00 -43.76 28.67
CA LYS A 325 22.79 -43.11 27.61
C LYS A 325 23.30 -41.78 28.13
N PRO A 326 24.59 -41.64 28.46
CA PRO A 326 25.07 -40.39 29.04
C PRO A 326 25.24 -39.29 28.00
N HIS A 327 25.23 -38.06 28.51
CA HIS A 327 25.49 -36.88 27.69
C HIS A 327 26.99 -36.62 27.69
N GLU A 328 27.60 -36.65 26.50
CA GLU A 328 29.05 -36.66 26.41
C GLU A 328 29.66 -35.40 27.01
N LYS A 329 29.07 -34.24 26.73
CA LYS A 329 29.62 -32.96 27.17
C LYS A 329 29.05 -32.46 28.49
N GLY A 330 28.15 -33.22 29.12
CA GLY A 330 27.49 -32.79 30.33
C GLY A 330 27.97 -33.52 31.57
N ILE A 331 27.25 -33.26 32.66
CA ILE A 331 27.51 -33.89 33.96
C ILE A 331 26.25 -34.65 34.32
N ASN A 332 26.21 -35.93 33.94
CA ASN A 332 24.98 -36.71 34.08
C ASN A 332 24.48 -36.79 35.52
N PRO A 333 25.33 -36.91 36.54
CA PRO A 333 24.82 -36.89 37.92
C PRO A 333 23.94 -35.70 38.22
N ASN A 334 24.22 -34.54 37.60
CA ASN A 334 23.35 -33.38 37.81
C ASN A 334 21.96 -33.63 37.23
N TYR A 335 21.87 -34.28 36.07
CA TYR A 335 20.56 -34.63 35.53
C TYR A 335 19.83 -35.59 36.44
N LEU A 336 20.53 -36.60 36.97
CA LEU A 336 19.90 -37.55 37.87
C LEU A 336 19.37 -36.85 39.12
N LEU A 337 20.18 -35.97 39.69
CA LEU A 337 19.75 -35.22 40.87
C LEU A 337 18.58 -34.29 40.54
N THR A 338 18.55 -33.74 39.33
CA THR A 338 17.43 -32.89 38.93
C THR A 338 16.14 -33.71 38.90
N TRP A 339 16.18 -34.91 38.34
CA TRP A 339 14.99 -35.75 38.33
C TRP A 339 14.55 -36.10 39.76
N LYS A 340 15.51 -36.45 40.62
CA LYS A 340 15.17 -36.77 42.00
C LYS A 340 14.54 -35.58 42.70
N GLN A 341 15.09 -34.38 42.46
CA GLN A 341 14.52 -33.18 43.06
C GLN A 341 13.10 -32.92 42.57
N VAL A 342 12.86 -33.16 41.29
CA VAL A 342 11.50 -32.99 40.76
C VAL A 342 10.54 -33.90 41.49
N LEU A 343 10.92 -35.18 41.64
CA LEU A 343 10.05 -36.12 42.35
C LEU A 343 9.81 -35.68 43.79
N ALA A 344 10.89 -35.28 44.47
CA ALA A 344 10.77 -34.89 45.88
C ALA A 344 9.84 -33.69 46.03
N GLU A 345 9.97 -32.69 45.15
CA GLU A 345 9.16 -31.49 45.28
C GLU A 345 7.71 -31.74 44.86
N LEU A 346 7.48 -32.67 43.93
CA LEU A 346 6.11 -33.08 43.63
C LEU A 346 5.46 -33.67 44.87
N GLN A 347 6.15 -34.58 45.55
CA GLN A 347 5.62 -35.13 46.80
C GLN A 347 5.40 -34.02 47.82
N ASP A 348 6.35 -33.08 47.92
CA ASP A 348 6.23 -32.01 48.89
C ASP A 348 4.96 -31.20 48.67
N ILE A 349 4.73 -30.75 47.44
CA ILE A 349 3.51 -29.98 47.16
C ILE A 349 2.27 -30.84 47.37
N GLU A 350 2.38 -32.14 47.12
CA GLU A 350 1.26 -33.03 47.41
C GLU A 350 0.99 -33.13 48.91
N ASN A 351 1.97 -32.83 49.75
CA ASN A 351 1.83 -32.97 51.20
C ASN A 351 1.42 -31.67 51.91
N GLU A 352 1.17 -30.58 51.18
CA GLU A 352 0.86 -29.30 51.82
C GLU A 352 -0.62 -28.96 51.76
N GLU A 353 -1.49 -29.95 51.55
CA GLU A 353 -2.94 -29.78 51.58
C GLU A 353 -3.41 -28.58 50.76
N LYS A 354 -2.63 -28.18 49.77
CA LYS A 354 -3.09 -27.20 48.78
C LYS A 354 -2.10 -27.14 47.62
N ILE A 355 -2.61 -27.20 46.40
CA ILE A 355 -1.79 -27.16 45.19
C ILE A 355 -1.83 -25.73 44.66
N PRO A 356 -0.70 -25.02 44.60
CA PRO A 356 -0.70 -23.66 44.08
C PRO A 356 -0.61 -23.65 42.55
N ARG A 357 -0.88 -22.47 41.98
CA ARG A 357 -0.80 -22.32 40.54
C ARG A 357 0.62 -22.57 40.05
N THR A 358 1.62 -22.08 40.77
CA THR A 358 3.00 -22.19 40.37
C THR A 358 3.84 -22.73 41.52
N LYS A 359 4.90 -23.46 41.17
CA LYS A 359 5.84 -24.00 42.13
C LYS A 359 7.25 -23.57 41.77
N ASN A 360 7.99 -23.08 42.74
CA ASN A 360 9.37 -22.62 42.54
C ASN A 360 10.32 -23.71 43.03
N MET A 361 11.21 -24.14 42.16
CA MET A 361 12.21 -25.13 42.51
C MET A 361 13.38 -24.46 43.23
N LYS A 362 13.93 -25.14 44.23
CA LYS A 362 15.06 -24.60 44.97
C LYS A 362 16.29 -24.52 44.08
N LYS A 363 17.12 -23.50 44.33
CA LYS A 363 18.32 -23.27 43.53
C LYS A 363 19.44 -24.18 44.03
N THR A 364 19.30 -25.46 43.71
CA THR A 364 20.32 -26.44 44.04
C THR A 364 21.45 -26.39 43.03
N SER A 365 22.59 -26.97 43.42
CA SER A 365 23.76 -26.92 42.55
C SER A 365 23.49 -27.60 41.21
N GLN A 366 22.79 -28.73 41.22
CA GLN A 366 22.49 -29.41 39.97
C GLN A 366 21.67 -28.52 39.04
N LEU A 367 20.66 -27.84 39.57
CA LEU A 367 19.85 -26.95 38.74
C LEU A 367 20.66 -25.74 38.30
N LYS A 368 21.50 -25.20 39.19
CA LYS A 368 22.32 -24.05 38.81
C LYS A 368 23.23 -24.39 37.65
N TRP A 369 23.82 -25.58 37.65
CA TRP A 369 24.64 -25.99 36.52
C TRP A 369 23.79 -26.23 35.29
N ALA A 370 22.70 -26.98 35.44
CA ALA A 370 21.90 -27.37 34.27
C ALA A 370 21.24 -26.18 33.61
N LEU A 371 20.97 -25.11 34.36
CA LEU A 371 20.29 -23.94 33.84
C LEU A 371 21.23 -22.78 33.55
N GLY A 372 22.53 -23.02 33.52
CA GLY A 372 23.48 -21.99 33.16
C GLY A 372 23.55 -20.83 34.13
N GLU A 373 23.48 -21.11 35.43
CA GLU A 373 23.56 -20.06 36.43
C GLU A 373 24.99 -19.53 36.52
N ASN A 374 25.14 -18.21 36.46
CA ASN A 374 26.44 -17.55 36.57
C ASN A 374 27.42 -18.10 35.53
N MET A 375 26.95 -18.20 34.29
CA MET A 375 27.78 -18.64 33.18
C MET A 375 28.20 -17.52 32.23
N ALA A 376 27.52 -16.39 32.25
CA ALA A 376 27.94 -15.27 31.42
C ALA A 376 29.22 -14.66 31.98
N PRO A 377 30.19 -14.32 31.14
CA PRO A 377 31.40 -13.66 31.65
C PRO A 377 31.09 -12.31 32.26
N GLU A 378 31.92 -11.92 33.23
CA GLU A 378 31.78 -10.60 33.83
C GLU A 378 32.10 -9.51 32.81
N LYS A 379 31.30 -8.45 32.82
CA LYS A 379 31.42 -7.36 31.86
C LYS A 379 32.25 -6.24 32.50
N VAL A 380 33.35 -5.87 31.83
CA VAL A 380 34.29 -4.88 32.34
C VAL A 380 34.61 -3.89 31.23
N ASP A 381 35.35 -2.84 31.60
CA ASP A 381 35.78 -1.84 30.65
C ASP A 381 37.06 -2.27 29.94
N PHE A 382 37.17 -1.86 28.68
CA PHE A 382 38.32 -2.28 27.87
C PHE A 382 39.63 -1.78 28.48
N GLU A 383 39.65 -0.54 28.99
CA GLU A 383 40.86 -0.01 29.59
C GLU A 383 41.32 -0.88 30.76
N ASP A 384 40.38 -1.46 31.50
CA ASP A 384 40.71 -2.24 32.69
C ASP A 384 41.10 -3.68 32.37
N CYS A 385 40.97 -4.11 31.12
CA CYS A 385 41.33 -5.49 30.76
C CYS A 385 42.05 -5.59 29.42
N LYS A 386 42.48 -4.47 28.84
CA LYS A 386 43.12 -4.53 27.53
C LYS A 386 44.42 -5.30 27.55
N ASP A 387 45.03 -5.47 28.72
CA ASP A 387 46.33 -6.14 28.83
C ASP A 387 46.20 -7.63 29.12
N VAL A 388 44.99 -8.18 29.19
CA VAL A 388 44.85 -9.62 29.36
C VAL A 388 45.43 -10.32 28.14
N ASN A 389 46.05 -11.48 28.38
CA ASN A 389 46.81 -12.15 27.33
C ASN A 389 45.90 -12.76 26.27
N ASP A 390 44.84 -13.45 26.69
CA ASP A 390 44.01 -14.21 25.77
C ASP A 390 42.72 -13.48 25.40
N LEU A 391 42.60 -12.21 25.75
CA LEU A 391 41.45 -11.42 25.31
C LEU A 391 41.40 -11.40 23.78
N LYS A 392 40.22 -11.66 23.22
CA LYS A 392 40.08 -11.69 21.77
C LYS A 392 38.61 -11.62 21.42
N GLN A 393 38.34 -11.57 20.11
CA GLN A 393 37.00 -11.42 19.58
C GLN A 393 36.17 -12.68 19.84
N TYR A 394 34.85 -12.49 19.87
CA TYR A 394 33.95 -13.61 20.05
C TYR A 394 34.11 -14.62 18.91
N ASP A 395 33.97 -15.89 19.25
CA ASP A 395 34.10 -16.96 18.26
C ASP A 395 32.94 -16.87 17.28
N SER A 396 33.24 -16.51 16.03
CA SER A 396 32.24 -16.32 14.99
C SER A 396 32.44 -17.31 13.85
N ASP A 397 32.76 -18.55 14.19
CA ASP A 397 32.93 -19.58 13.18
C ASP A 397 31.59 -20.02 12.62
N GLU A 398 31.61 -20.45 11.37
CA GLU A 398 30.38 -20.92 10.72
C GLU A 398 29.97 -22.28 11.28
N PRO A 399 28.69 -22.64 11.15
CA PRO A 399 28.23 -23.91 11.72
C PRO A 399 28.95 -25.10 11.11
N GLU A 400 29.15 -26.13 11.92
CA GLU A 400 29.85 -27.33 11.47
C GLU A 400 28.92 -28.17 10.61
N PRO A 401 29.38 -28.68 9.46
CA PRO A 401 28.50 -29.47 8.61
C PRO A 401 28.06 -30.77 9.25
N ARG A 402 26.87 -31.23 8.87
CA ARG A 402 26.33 -32.52 9.27
C ARG A 402 25.69 -33.18 8.06
N SER A 403 25.62 -34.49 8.09
CA SER A 403 25.03 -35.27 7.00
C SER A 403 23.62 -35.73 7.36
N LEU A 404 22.83 -36.03 6.33
CA LEU A 404 21.45 -36.42 6.54
C LEU A 404 21.35 -37.81 7.13
N ALA A 405 20.38 -38.00 8.02
CA ALA A 405 20.11 -39.28 8.65
C ALA A 405 18.68 -39.71 8.36
N CYS A 406 18.37 -40.96 8.69
CA CYS A 406 17.08 -41.53 8.35
C CYS A 406 15.97 -41.19 9.33
N TRP A 407 16.30 -40.64 10.50
CA TRP A 407 15.28 -40.46 11.54
C TRP A 407 14.34 -39.31 11.21
N ILE A 408 14.81 -38.30 10.47
CA ILE A 408 13.94 -37.17 10.15
C ILE A 408 12.83 -37.60 9.19
N GLN A 409 13.15 -38.46 8.24
CA GLN A 409 12.11 -38.98 7.35
C GLN A 409 11.07 -39.79 8.11
N SER A 410 11.52 -40.59 9.08
CA SER A 410 10.58 -41.34 9.91
C SER A 410 9.71 -40.39 10.74
N GLU A 411 10.31 -39.34 11.28
CA GLU A 411 9.54 -38.34 12.01
C GLU A 411 8.44 -37.76 11.14
N PHE A 412 8.79 -37.38 9.91
CA PHE A 412 7.79 -36.79 9.01
C PHE A 412 6.73 -37.82 8.63
N ASN A 413 7.13 -39.07 8.41
CA ASN A 413 6.18 -40.11 8.08
C ASN A 413 5.15 -40.30 9.19
N LYS A 414 5.62 -40.31 10.44
CA LYS A 414 4.71 -40.47 11.57
C LYS A 414 3.85 -39.24 11.76
N ALA A 415 4.39 -38.05 11.51
CA ALA A 415 3.63 -36.82 11.73
C ALA A 415 2.45 -36.68 10.78
N CYS A 416 2.45 -37.41 9.67
CA CYS A 416 1.37 -37.32 8.69
C CYS A 416 0.27 -38.35 8.92
N GLU A 417 0.38 -39.17 9.95
CA GLU A 417 -0.53 -40.29 10.14
C GLU A 417 -1.76 -39.86 10.93
N LEU A 418 -2.81 -40.68 10.84
CA LEU A 418 -4.05 -40.46 11.54
C LEU A 418 -3.96 -40.99 12.97
N THR A 419 -4.75 -40.39 13.85
CA THR A 419 -4.84 -40.80 15.24
C THR A 419 -6.26 -41.24 15.55
N ASP A 420 -6.46 -41.75 16.77
CA ASP A 420 -7.78 -42.13 17.25
C ASP A 420 -8.32 -41.15 18.29
N SER A 421 -7.77 -39.94 18.34
CA SER A 421 -8.21 -38.91 19.26
C SER A 421 -8.34 -37.59 18.54
N SER A 422 -9.30 -36.79 18.97
CA SER A 422 -9.49 -35.45 18.44
C SER A 422 -8.64 -34.48 19.24
N TRP A 423 -7.76 -33.75 18.56
CA TRP A 423 -6.77 -32.91 19.23
C TRP A 423 -7.12 -31.43 19.21
N VAL A 424 -8.11 -31.02 18.43
CA VAL A 424 -8.51 -29.62 18.34
C VAL A 424 -10.02 -29.54 18.51
N GLU A 425 -10.47 -28.64 19.39
CA GLU A 425 -11.88 -28.38 19.64
C GLU A 425 -12.13 -26.94 19.24
N LEU A 426 -12.48 -26.73 17.97
CA LEU A 426 -12.64 -25.38 17.45
C LEU A 426 -13.84 -24.68 18.09
N ASP A 427 -13.76 -23.36 18.16
CA ASP A 427 -14.77 -22.56 18.82
C ASP A 427 -16.01 -22.39 17.93
N GLU A 428 -17.11 -22.01 18.57
CA GLU A 428 -18.36 -21.81 17.86
C GLU A 428 -18.33 -20.51 17.07
N ILE A 429 -19.24 -20.42 16.10
CA ILE A 429 -19.43 -19.23 15.28
C ILE A 429 -20.93 -18.97 15.18
N GLY A 430 -21.29 -17.96 14.41
CA GLY A 430 -22.69 -17.61 14.23
C GLY A 430 -23.42 -18.67 13.43
N GLU A 431 -24.75 -18.55 13.42
CA GLU A 431 -25.58 -19.49 12.68
C GLU A 431 -25.46 -19.26 11.18
N ASP A 432 -25.81 -20.28 10.41
CA ASP A 432 -25.79 -20.21 8.96
C ASP A 432 -27.15 -19.74 8.45
N VAL A 433 -27.13 -18.73 7.58
CA VAL A 433 -28.34 -18.19 6.98
C VAL A 433 -28.28 -18.28 5.46
N ALA A 434 -27.18 -17.85 4.86
CA ALA A 434 -27.04 -17.91 3.41
C ALA A 434 -26.73 -19.34 2.98
N PRO A 435 -27.17 -19.74 1.78
CA PRO A 435 -26.81 -21.09 1.30
C PRO A 435 -25.31 -21.31 1.21
N ILE A 436 -24.55 -20.27 0.86
CA ILE A 436 -23.10 -20.41 0.78
C ILE A 436 -22.54 -20.73 2.14
N GLU A 437 -23.13 -20.20 3.21
CA GLU A 437 -22.68 -20.54 4.56
C GLU A 437 -22.95 -22.00 4.88
N HIS A 438 -24.07 -22.55 4.40
CA HIS A 438 -24.32 -23.97 4.60
C HIS A 438 -23.30 -24.83 3.86
N ILE A 439 -23.01 -24.48 2.60
CA ILE A 439 -22.00 -25.21 1.85
C ILE A 439 -20.65 -25.12 2.55
N ALA A 440 -20.30 -23.93 3.04
CA ALA A 440 -19.05 -23.74 3.74
C ALA A 440 -19.01 -24.58 5.01
N SER A 441 -20.14 -24.67 5.72
CA SER A 441 -20.17 -25.48 6.94
C SER A 441 -19.96 -26.95 6.64
N MET A 442 -20.57 -27.46 5.56
CA MET A 442 -20.33 -28.85 5.18
C MET A 442 -18.86 -29.09 4.86
N ARG A 443 -18.28 -28.21 4.05
CA ARG A 443 -16.88 -28.37 3.70
C ARG A 443 -15.98 -28.25 4.92
N ARG A 444 -16.34 -27.37 5.85
CA ARG A 444 -15.58 -27.22 7.09
C ARG A 444 -15.70 -28.45 7.98
N ASN A 445 -16.86 -29.11 7.96
CA ASN A 445 -16.97 -30.38 8.67
C ASN A 445 -16.01 -31.41 8.09
N TYR A 446 -15.93 -31.49 6.76
CA TYR A 446 -14.97 -32.41 6.15
C TYR A 446 -13.55 -32.06 6.56
N PHE A 447 -13.18 -30.78 6.47
CA PHE A 447 -11.83 -30.36 6.80
C PHE A 447 -11.50 -30.64 8.26
N THR A 448 -12.42 -30.34 9.16
CA THR A 448 -12.18 -30.57 10.59
C THR A 448 -12.04 -32.05 10.88
N ALA A 449 -12.90 -32.88 10.31
CA ALA A 449 -12.76 -34.32 10.51
C ALA A 449 -11.41 -34.80 10.04
N GLU A 450 -10.91 -34.28 8.91
CA GLU A 450 -9.64 -34.74 8.41
C GLU A 450 -8.47 -34.23 9.24
N VAL A 451 -8.58 -33.01 9.77
CA VAL A 451 -7.43 -32.35 10.38
C VAL A 451 -7.34 -32.54 11.89
N SER A 452 -8.45 -32.84 12.56
CA SER A 452 -8.45 -33.00 14.01
C SER A 452 -7.84 -34.32 14.45
N HIS A 453 -7.75 -35.31 13.56
CA HIS A 453 -7.23 -36.63 13.89
C HIS A 453 -5.86 -36.87 13.25
N CYS A 454 -5.02 -35.83 13.26
CA CYS A 454 -3.68 -35.90 12.70
C CYS A 454 -2.64 -35.71 13.80
N ARG A 455 -1.51 -36.39 13.65
CA ARG A 455 -0.43 -36.24 14.63
C ARG A 455 0.14 -34.83 14.62
N ALA A 456 0.17 -34.19 13.45
CA ALA A 456 0.66 -32.82 13.37
C ALA A 456 -0.19 -31.88 14.21
N THR A 457 -1.50 -32.13 14.31
CA THR A 457 -2.34 -31.30 15.17
C THR A 457 -1.96 -31.49 16.63
N GLU A 458 -1.62 -32.71 17.03
CA GLU A 458 -1.12 -32.93 18.37
C GLU A 458 0.15 -32.14 18.61
N TYR A 459 1.06 -32.13 17.64
CA TYR A 459 2.28 -31.34 17.79
C TYR A 459 1.95 -29.85 17.90
N ILE A 460 0.97 -29.39 17.13
CA ILE A 460 0.55 -27.99 17.21
C ILE A 460 0.10 -27.65 18.62
N MET A 461 -0.79 -28.47 19.18
CA MET A 461 -1.31 -28.18 20.51
C MET A 461 -0.21 -28.26 21.56
N LYS A 462 0.65 -29.27 21.47
CA LYS A 462 1.75 -29.43 22.42
C LYS A 462 2.66 -28.22 22.39
N GLY A 463 3.06 -27.79 21.19
CA GLY A 463 3.94 -26.64 21.08
C GLY A 463 3.30 -25.36 21.57
N VAL A 464 2.03 -25.13 21.21
CA VAL A 464 1.35 -23.92 21.65
C VAL A 464 1.29 -23.87 23.17
N TYR A 465 0.92 -24.99 23.80
CA TYR A 465 0.82 -25.03 25.25
C TYR A 465 2.18 -24.78 25.89
N ILE A 466 3.22 -25.46 25.40
CA ILE A 466 4.54 -25.35 26.04
C ILE A 466 5.07 -23.93 25.90
N ASN A 467 4.95 -23.33 24.71
CA ASN A 467 5.46 -21.99 24.50
C ASN A 467 4.66 -20.95 25.30
N THR A 468 3.34 -21.13 25.39
CA THR A 468 2.53 -20.21 26.19
C THR A 468 2.95 -20.28 27.65
N ALA A 469 3.11 -21.49 28.18
CA ALA A 469 3.51 -21.64 29.57
C ALA A 469 4.88 -21.03 29.81
N LEU A 470 5.82 -21.27 28.90
CA LEU A 470 7.15 -20.72 29.07
C LEU A 470 7.13 -19.20 29.04
N LEU A 471 6.38 -18.59 28.11
CA LEU A 471 6.32 -17.14 28.06
C LEU A 471 5.70 -16.55 29.31
N ASN A 472 4.58 -17.13 29.76
CA ASN A 472 3.92 -16.62 30.96
C ASN A 472 4.82 -16.73 32.17
N ALA A 473 5.51 -17.87 32.33
CA ALA A 473 6.42 -18.02 33.45
C ALA A 473 7.58 -17.04 33.35
N SER A 474 8.10 -16.84 32.14
CA SER A 474 9.22 -15.93 31.95
C SER A 474 8.86 -14.52 32.37
N CYS A 475 7.67 -14.06 31.99
CA CYS A 475 7.26 -12.71 32.37
C CYS A 475 6.97 -12.63 33.86
N ALA A 476 6.20 -13.58 34.39
CA ALA A 476 5.74 -13.48 35.77
C ALA A 476 6.87 -13.72 36.77
N ALA A 477 7.73 -14.70 36.51
CA ALA A 477 8.79 -15.10 37.43
C ALA A 477 10.14 -14.88 36.75
N MET A 478 10.66 -13.66 36.85
CA MET A 478 11.95 -13.35 36.24
C MET A 478 13.08 -14.12 36.90
N ASP A 479 13.07 -14.20 38.23
CA ASP A 479 14.22 -14.65 39.01
C ASP A 479 13.90 -15.90 39.82
N ASP A 480 13.23 -16.88 39.21
CA ASP A 480 12.86 -18.10 39.89
C ASP A 480 12.96 -19.27 38.93
N PHE A 481 13.17 -20.46 39.50
CA PHE A 481 13.13 -21.72 38.76
C PHE A 481 11.75 -22.33 38.97
N GLN A 482 10.93 -22.34 37.92
CA GLN A 482 9.58 -22.83 38.01
C GLN A 482 9.46 -24.22 37.38
N LEU A 483 8.52 -25.00 37.90
CA LEU A 483 8.23 -26.34 37.39
C LEU A 483 6.96 -26.27 36.55
N ILE A 484 7.05 -26.71 35.31
CA ILE A 484 5.97 -26.58 34.34
C ILE A 484 5.67 -27.95 33.76
N PRO A 485 4.56 -28.60 34.11
CA PRO A 485 4.22 -29.87 33.46
C PRO A 485 3.81 -29.67 32.00
N MET A 486 4.09 -30.68 31.20
CA MET A 486 3.74 -30.69 29.78
C MET A 486 2.43 -31.44 29.62
N ILE A 487 1.33 -30.68 29.57
CA ILE A 487 -0.02 -31.25 29.57
C ILE A 487 -0.66 -31.07 28.20
N SER A 488 -1.58 -31.97 27.88
CA SER A 488 -2.39 -31.84 26.68
C SER A 488 -3.76 -32.45 26.93
N LYS A 489 -4.74 -32.03 26.13
CA LYS A 489 -6.10 -32.50 26.25
C LYS A 489 -6.58 -33.06 24.92
N CYS A 490 -7.26 -34.21 24.97
CA CYS A 490 -7.79 -34.83 23.77
C CYS A 490 -9.14 -35.45 24.09
N ARG A 491 -9.79 -35.97 23.06
CA ARG A 491 -11.03 -36.74 23.20
C ARG A 491 -10.86 -38.05 22.46
N THR A 492 -11.06 -39.16 23.16
CA THR A 492 -10.94 -40.47 22.55
C THR A 492 -12.03 -40.66 21.51
N LYS A 493 -11.94 -41.77 20.78
CA LYS A 493 -12.92 -42.03 19.72
C LYS A 493 -14.33 -42.14 20.29
N GLU A 494 -14.48 -42.69 21.49
CA GLU A 494 -15.78 -42.79 22.11
C GLU A 494 -16.32 -41.45 22.57
N GLY A 495 -15.51 -40.40 22.54
CA GLY A 495 -15.97 -39.05 22.81
C GLY A 495 -15.76 -38.53 24.21
N ARG A 496 -14.97 -39.22 25.03
CA ARG A 496 -14.70 -38.78 26.39
C ARG A 496 -13.39 -38.02 26.47
N ARG A 497 -13.35 -37.01 27.34
CA ARG A 497 -12.16 -36.20 27.49
C ARG A 497 -11.03 -37.00 28.13
N LYS A 498 -9.81 -36.54 27.88
CA LYS A 498 -8.63 -37.19 28.44
C LYS A 498 -7.51 -36.17 28.59
N THR A 499 -6.84 -36.23 29.74
CA THR A 499 -5.72 -35.35 30.04
C THR A 499 -4.43 -36.16 30.04
N ASN A 500 -3.43 -35.69 29.30
CA ASN A 500 -2.18 -36.40 29.08
C ASN A 500 -1.01 -35.58 29.62
N LEU A 501 -0.08 -36.27 30.29
CA LEU A 501 1.16 -35.68 30.76
C LEU A 501 2.32 -36.25 29.95
N TYR A 502 3.14 -35.36 29.39
CA TYR A 502 4.30 -35.77 28.60
C TYR A 502 5.60 -35.73 29.38
N GLY A 503 5.69 -34.87 30.38
CA GLY A 503 6.92 -34.70 31.12
C GLY A 503 6.90 -33.37 31.89
N PHE A 504 8.10 -32.84 32.13
CA PHE A 504 8.25 -31.62 32.91
C PHE A 504 9.30 -30.73 32.27
N ILE A 505 9.18 -29.44 32.54
CA ILE A 505 10.17 -28.44 32.15
C ILE A 505 10.51 -27.63 33.38
N ILE A 506 11.79 -27.30 33.54
CA ILE A 506 12.26 -26.42 34.60
C ILE A 506 12.82 -25.17 33.94
N LYS A 507 12.30 -24.02 34.33
CA LYS A 507 12.67 -22.75 33.72
C LYS A 507 13.80 -22.11 34.50
N GLY A 508 14.72 -21.46 33.77
CA GLY A 508 15.75 -20.65 34.38
C GLY A 508 15.31 -19.21 34.54
N ARG A 509 16.29 -18.36 34.82
N ARG A 509 16.29 -18.36 34.82
CA ARG A 509 16.03 -16.93 34.91
CA ARG A 509 16.02 -16.93 34.93
C ARG A 509 15.66 -16.38 33.54
C ARG A 509 15.68 -16.36 33.55
N SER A 510 14.76 -15.41 33.53
CA SER A 510 14.20 -14.86 32.30
C SER A 510 14.32 -13.34 32.26
N HIS A 511 15.49 -12.81 32.64
CA HIS A 511 15.77 -11.39 32.54
C HIS A 511 16.10 -11.05 31.09
N LEU A 512 15.09 -11.20 30.23
CA LEU A 512 15.24 -11.08 28.79
C LEU A 512 14.97 -9.64 28.36
N ARG A 513 16.01 -8.97 27.84
CA ARG A 513 15.87 -7.61 27.35
C ARG A 513 15.57 -7.59 25.84
N ASN A 514 16.47 -8.15 25.05
CA ASN A 514 16.25 -8.22 23.62
C ASN A 514 15.31 -9.36 23.27
N ASP A 515 14.75 -9.30 22.06
CA ASP A 515 13.91 -10.38 21.59
C ASP A 515 14.69 -11.64 21.25
N THR A 516 16.02 -11.56 21.20
CA THR A 516 16.86 -12.71 20.93
C THR A 516 17.54 -13.26 22.17
N ASP A 517 17.35 -12.62 23.33
CA ASP A 517 17.94 -13.14 24.55
C ASP A 517 17.39 -14.52 24.86
N VAL A 518 18.24 -15.38 25.40
CA VAL A 518 17.93 -16.80 25.59
C VAL A 518 17.60 -17.05 27.04
N VAL A 519 16.46 -17.69 27.29
CA VAL A 519 16.14 -18.28 28.57
C VAL A 519 16.37 -19.77 28.48
N ASN A 520 17.12 -20.31 29.44
CA ASN A 520 17.45 -21.72 29.47
C ASN A 520 16.39 -22.49 30.26
N PHE A 521 16.21 -23.76 29.89
CA PHE A 521 15.35 -24.64 30.64
C PHE A 521 15.84 -26.07 30.50
N VAL A 522 15.37 -26.91 31.41
CA VAL A 522 15.67 -28.35 31.40
C VAL A 522 14.40 -29.09 31.04
N SER A 523 14.47 -29.95 30.04
CA SER A 523 13.33 -30.72 29.56
C SER A 523 13.52 -32.18 29.94
N MET A 524 12.52 -32.73 30.64
CA MET A 524 12.49 -34.14 31.00
C MET A 524 11.22 -34.74 30.42
N GLU A 525 11.37 -35.83 29.66
CA GLU A 525 10.24 -36.38 28.92
C GLU A 525 10.25 -37.90 28.95
N PHE A 526 9.08 -38.49 29.15
CA PHE A 526 8.94 -39.94 29.15
C PHE A 526 9.01 -40.48 27.73
N SER A 527 9.46 -41.72 27.60
CA SER A 527 9.52 -42.36 26.29
C SER A 527 9.66 -43.87 26.47
N LEU A 528 9.35 -44.59 25.40
CA LEU A 528 9.57 -46.03 25.31
C LEU A 528 10.63 -46.39 24.29
N THR A 529 11.31 -45.39 23.71
CA THR A 529 12.30 -45.63 22.67
C THR A 529 13.66 -45.88 23.30
N ASP A 530 14.27 -46.99 22.93
CA ASP A 530 15.60 -47.32 23.44
C ASP A 530 16.61 -46.35 22.84
N PRO A 531 17.35 -45.58 23.65
CA PRO A 531 18.26 -44.58 23.08
C PRO A 531 19.50 -45.15 22.43
N ARG A 532 19.72 -46.45 22.54
CA ARG A 532 20.94 -47.09 22.02
C ARG A 532 20.76 -47.65 20.61
N LEU A 533 19.60 -47.46 20.00
CA LEU A 533 19.38 -47.89 18.62
C LEU A 533 19.84 -46.84 17.62
N GLU A 534 19.64 -45.56 17.93
CA GLU A 534 20.11 -44.45 17.09
C GLU A 534 20.79 -43.43 18.00
N PRO A 535 21.96 -43.77 18.56
CA PRO A 535 22.60 -42.85 19.51
C PRO A 535 22.92 -41.50 18.92
N HIS A 536 23.28 -41.43 17.64
CA HIS A 536 23.67 -40.15 17.05
C HIS A 536 22.53 -39.14 17.11
N LYS A 537 21.28 -39.62 17.15
CA LYS A 537 20.15 -38.71 17.21
C LYS A 537 20.04 -38.01 18.55
N TRP A 538 20.61 -38.58 19.62
CA TRP A 538 20.39 -38.11 20.97
C TRP A 538 21.67 -37.61 21.62
N GLU A 539 22.49 -36.87 20.86
CA GLU A 539 23.76 -36.41 21.41
C GLU A 539 23.58 -35.37 22.51
N LYS A 540 22.48 -34.63 22.47
CA LYS A 540 22.21 -33.58 23.45
C LYS A 540 21.48 -34.08 24.68
N TYR A 541 21.07 -35.34 24.70
CA TYR A 541 20.23 -35.89 25.76
C TYR A 541 21.02 -36.80 26.67
N CYS A 542 20.61 -36.83 27.94
CA CYS A 542 21.08 -37.83 28.91
C CYS A 542 19.87 -38.68 29.27
N VAL A 543 19.81 -39.88 28.71
CA VAL A 543 18.63 -40.73 28.83
C VAL A 543 18.81 -41.67 30.02
N LEU A 544 17.86 -41.61 30.96
CA LEU A 544 17.82 -42.47 32.12
C LEU A 544 16.82 -43.60 31.91
N GLU A 545 16.69 -44.46 32.91
CA GLU A 545 15.67 -45.50 32.94
C GLU A 545 14.95 -45.41 34.27
N ILE A 546 13.63 -45.19 34.23
CA ILE A 546 12.89 -44.80 35.41
C ILE A 546 11.79 -45.78 35.79
N GLY A 547 11.50 -46.80 34.98
CA GLY A 547 10.45 -47.73 35.34
C GLY A 547 10.26 -48.79 34.29
N ASP A 548 9.26 -49.65 34.53
CA ASP A 548 8.88 -50.70 33.60
C ASP A 548 7.38 -50.58 33.34
N MET A 549 7.00 -50.61 32.07
CA MET A 549 5.62 -50.43 31.64
C MET A 549 5.11 -51.70 30.98
N LEU A 550 3.86 -52.06 31.30
CA LEU A 550 3.23 -53.25 30.76
C LEU A 550 2.26 -52.85 29.66
N LEU A 551 2.44 -53.42 28.48
CA LEU A 551 1.63 -53.08 27.31
C LEU A 551 1.01 -54.34 26.74
N ARG A 552 -0.22 -54.24 26.26
CA ARG A 552 -0.96 -55.36 25.69
C ARG A 552 -0.85 -55.28 24.17
N THR A 553 -0.13 -56.23 23.56
CA THR A 553 -0.01 -56.25 22.11
C THR A 553 -1.29 -56.75 21.46
N ALA A 554 -1.62 -58.03 21.67
CA ALA A 554 -2.87 -58.59 21.21
C ALA A 554 -3.75 -59.06 22.37
N VAL A 555 -3.25 -59.98 23.19
CA VAL A 555 -4.00 -60.47 24.35
C VAL A 555 -3.07 -60.61 25.56
N GLY A 556 -1.77 -60.60 25.33
CA GLY A 556 -0.78 -60.82 26.38
C GLY A 556 -0.04 -59.55 26.72
N GLN A 557 0.30 -59.40 27.99
CA GLN A 557 1.08 -58.26 28.46
C GLN A 557 2.57 -58.51 28.26
N VAL A 558 3.29 -57.43 27.97
CA VAL A 558 4.74 -57.46 27.80
C VAL A 558 5.32 -56.27 28.56
N SER A 559 6.44 -56.50 29.24
CA SER A 559 7.10 -55.47 30.03
C SER A 559 8.24 -54.85 29.22
N ARG A 560 8.26 -53.52 29.18
CA ARG A 560 9.28 -52.78 28.47
C ARG A 560 9.87 -51.69 29.36
N PRO A 561 11.13 -51.35 29.19
CA PRO A 561 11.71 -50.24 29.96
C PRO A 561 11.07 -48.92 29.59
N MET A 562 11.06 -48.00 30.55
CA MET A 562 10.54 -46.65 30.37
C MET A 562 11.67 -45.67 30.63
N PHE A 563 11.99 -44.86 29.64
CA PHE A 563 13.14 -43.97 29.69
C PHE A 563 12.70 -42.54 29.91
N LEU A 564 13.57 -41.75 30.51
CA LEU A 564 13.37 -40.32 30.72
C LEU A 564 14.48 -39.58 29.98
N TYR A 565 14.13 -38.99 28.84
CA TYR A 565 15.07 -38.16 28.10
C TYR A 565 15.19 -36.80 28.78
N VAL A 566 16.39 -36.45 29.20
CA VAL A 566 16.66 -35.21 29.93
C VAL A 566 17.68 -34.42 29.14
N ARG A 567 17.42 -33.13 28.94
CA ARG A 567 18.39 -32.28 28.26
C ARG A 567 18.21 -30.84 28.71
N THR A 568 19.21 -30.02 28.37
CA THR A 568 19.13 -28.58 28.52
C THR A 568 18.86 -27.96 27.16
N ASN A 569 17.92 -27.02 27.11
CA ASN A 569 17.57 -26.33 25.88
C ASN A 569 17.38 -24.86 26.22
N GLY A 570 17.10 -24.06 25.20
CA GLY A 570 16.89 -22.64 25.40
C GLY A 570 16.00 -22.07 24.33
N THR A 571 15.37 -20.93 24.65
CA THR A 571 14.49 -20.28 23.70
C THR A 571 14.43 -18.78 24.01
N SER A 572 14.04 -18.01 23.00
CA SER A 572 13.94 -16.56 23.11
C SER A 572 12.47 -16.14 23.04
N LYS A 573 12.24 -14.85 23.28
CA LYS A 573 10.87 -14.33 23.24
C LYS A 573 10.29 -14.43 21.83
N ILE A 574 11.10 -14.16 20.81
CA ILE A 574 10.60 -14.26 19.43
C ILE A 574 10.21 -15.70 19.12
N LYS A 575 11.05 -16.66 19.49
CA LYS A 575 10.74 -18.06 19.24
C LYS A 575 9.50 -18.50 20.01
N MET A 576 9.39 -18.09 21.28
CA MET A 576 8.21 -18.45 22.06
C MET A 576 6.94 -17.85 21.45
N LYS A 577 7.02 -16.58 21.03
CA LYS A 577 5.86 -15.94 20.44
C LYS A 577 5.43 -16.63 19.15
N TRP A 578 6.40 -17.02 18.31
CA TRP A 578 6.05 -17.72 17.08
C TRP A 578 5.62 -19.15 17.33
N GLY A 579 5.99 -19.74 18.47
CA GLY A 579 5.47 -21.05 18.82
C GLY A 579 4.07 -20.99 19.38
N MET A 580 3.69 -19.88 20.02
CA MET A 580 2.33 -19.72 20.53
C MET A 580 1.32 -19.56 19.40
N GLU A 581 1.76 -19.20 18.20
CA GLU A 581 0.89 -18.98 17.06
C GLU A 581 1.02 -20.10 16.03
N MET A 582 1.19 -21.33 16.50
CA MET A 582 1.40 -22.45 15.60
C MET A 582 0.13 -22.88 14.89
N ARG A 583 -1.05 -22.51 15.41
CA ARG A 583 -2.31 -22.89 14.76
C ARG A 583 -2.43 -22.32 13.35
N ARG A 584 -1.71 -21.25 13.04
CA ARG A 584 -1.71 -20.74 11.66
C ARG A 584 -1.38 -21.86 10.68
N CYS A 585 -0.57 -22.82 11.10
CA CYS A 585 -0.21 -23.92 10.21
C CYS A 585 -1.46 -24.52 9.58
N LEU A 586 -2.48 -24.79 10.40
CA LEU A 586 -3.73 -25.34 9.88
C LEU A 586 -4.17 -24.59 8.64
N LEU A 587 -4.31 -23.26 8.76
CA LEU A 587 -4.77 -22.46 7.64
C LEU A 587 -3.93 -22.74 6.41
N GLN A 588 -2.60 -22.64 6.53
CA GLN A 588 -1.75 -22.74 5.36
C GLN A 588 -2.01 -24.03 4.60
N SER A 589 -2.40 -25.10 5.31
CA SER A 589 -2.75 -26.33 4.63
C SER A 589 -4.14 -26.23 4.02
N LEU A 590 -5.14 -25.96 4.85
CA LEU A 590 -6.52 -26.06 4.41
C LEU A 590 -6.78 -25.15 3.22
N GLN A 591 -6.36 -23.89 3.32
CA GLN A 591 -6.48 -22.96 2.20
C GLN A 591 -6.04 -23.65 0.91
N GLN A 592 -4.79 -24.11 0.88
CA GLN A 592 -4.29 -24.75 -0.33
C GLN A 592 -5.25 -25.84 -0.79
N ILE A 593 -5.61 -26.74 0.12
CA ILE A 593 -6.48 -27.85 -0.25
C ILE A 593 -7.77 -27.31 -0.86
N GLU A 594 -8.40 -26.34 -0.19
CA GLU A 594 -9.67 -25.84 -0.71
C GLU A 594 -9.46 -25.28 -2.11
N SER A 595 -8.38 -24.54 -2.32
CA SER A 595 -8.11 -24.00 -3.65
C SER A 595 -8.19 -25.11 -4.69
N MET A 596 -7.49 -26.22 -4.44
CA MET A 596 -7.50 -27.33 -5.38
C MET A 596 -8.94 -27.73 -5.69
N ILE A 597 -9.74 -27.97 -4.64
CA ILE A 597 -11.12 -28.37 -4.86
C ILE A 597 -11.82 -27.35 -5.74
N GLU A 598 -11.70 -26.07 -5.38
CA GLU A 598 -12.39 -25.04 -6.16
C GLU A 598 -11.91 -25.07 -7.60
N ALA A 599 -10.60 -25.25 -7.81
CA ALA A 599 -10.07 -25.22 -9.17
C ALA A 599 -10.79 -26.23 -10.04
N GLU A 600 -11.29 -27.32 -9.45
CA GLU A 600 -12.01 -28.30 -10.25
C GLU A 600 -13.49 -27.96 -10.38
N SER A 601 -14.11 -27.47 -9.30
CA SER A 601 -15.54 -27.16 -9.36
C SER A 601 -15.83 -26.20 -10.50
N SER A 602 -14.95 -25.21 -10.69
CA SER A 602 -15.15 -24.24 -11.76
C SER A 602 -15.33 -24.92 -13.11
N VAL A 603 -14.50 -25.93 -13.41
CA VAL A 603 -14.61 -26.58 -14.70
C VAL A 603 -15.74 -27.60 -14.74
N LYS A 604 -16.28 -27.99 -13.58
CA LYS A 604 -17.41 -28.91 -13.52
C LYS A 604 -18.71 -28.22 -13.15
N GLU A 605 -18.67 -26.95 -12.76
CA GLU A 605 -19.88 -26.19 -12.43
C GLU A 605 -20.73 -26.89 -11.38
N LYS A 606 -20.06 -27.44 -10.37
CA LYS A 606 -20.75 -28.11 -9.27
C LYS A 606 -19.74 -28.37 -8.17
N ASP A 607 -20.22 -28.37 -6.94
CA ASP A 607 -19.35 -28.64 -5.79
C ASP A 607 -18.84 -30.06 -5.84
N LEU A 608 -17.54 -30.23 -5.57
CA LEU A 608 -16.88 -31.53 -5.65
C LEU A 608 -16.23 -31.92 -4.32
N THR A 609 -16.64 -31.31 -3.22
CA THR A 609 -16.06 -31.68 -1.92
C THR A 609 -16.41 -33.11 -1.55
N LYS A 610 -17.69 -33.47 -1.65
CA LYS A 610 -18.11 -34.83 -1.33
C LYS A 610 -17.47 -35.84 -2.26
N GLU A 611 -17.39 -35.50 -3.55
CA GLU A 611 -16.81 -36.42 -4.52
C GLU A 611 -15.35 -36.71 -4.21
N PHE A 612 -14.58 -35.69 -3.84
CA PHE A 612 -13.17 -35.88 -3.53
C PHE A 612 -13.00 -36.63 -2.22
N PHE A 613 -13.72 -36.21 -1.17
CA PHE A 613 -13.48 -36.78 0.15
C PHE A 613 -14.03 -38.20 0.29
N GLU A 614 -15.22 -38.45 -0.25
CA GLU A 614 -15.88 -39.74 -0.04
C GLU A 614 -15.53 -40.74 -1.14
N ASN A 615 -15.80 -40.38 -2.40
CA ASN A 615 -15.53 -41.31 -3.50
C ASN A 615 -14.04 -41.58 -3.63
N LYS A 616 -13.20 -40.59 -3.33
CA LYS A 616 -11.75 -40.73 -3.45
C LYS A 616 -11.37 -41.18 -4.86
N SER A 617 -12.04 -40.59 -5.86
CA SER A 617 -11.77 -40.93 -7.25
C SER A 617 -10.50 -40.29 -7.76
N GLU A 618 -10.19 -39.07 -7.33
CA GLU A 618 -9.05 -38.30 -7.82
C GLU A 618 -7.96 -38.29 -6.77
N THR A 619 -6.72 -38.55 -7.21
CA THR A 619 -5.57 -38.67 -6.32
C THR A 619 -4.43 -37.81 -6.85
N TRP A 620 -3.53 -37.43 -5.94
CA TRP A 620 -2.36 -36.65 -6.30
C TRP A 620 -1.10 -37.37 -5.81
N PRO A 621 0.00 -37.30 -6.57
CA PRO A 621 1.25 -37.91 -6.10
C PRO A 621 1.76 -37.21 -4.85
N ILE A 622 1.97 -37.99 -3.78
CA ILE A 622 2.27 -37.41 -2.48
C ILE A 622 3.47 -38.09 -1.84
N GLY A 623 3.95 -39.17 -2.43
CA GLY A 623 5.07 -39.88 -1.84
C GLY A 623 5.65 -40.87 -2.82
N GLU A 624 6.67 -41.58 -2.35
CA GLU A 624 7.40 -42.54 -3.17
C GLU A 624 7.64 -43.82 -2.39
N SER A 625 7.69 -44.92 -3.11
CA SER A 625 7.93 -46.26 -2.58
C SER A 625 8.96 -46.95 -3.46
N PRO A 626 9.42 -48.14 -3.05
CA PRO A 626 10.29 -48.90 -3.96
C PRO A 626 9.65 -49.17 -5.30
N LYS A 627 8.33 -49.35 -5.37
CA LYS A 627 7.65 -49.47 -6.66
C LYS A 627 7.79 -48.19 -7.47
N GLY A 628 7.59 -47.05 -6.84
CA GLY A 628 7.65 -45.77 -7.51
C GLY A 628 6.83 -44.74 -6.77
N VAL A 629 6.35 -43.75 -7.51
CA VAL A 629 5.57 -42.67 -6.93
C VAL A 629 4.22 -43.20 -6.46
N GLU A 630 3.77 -42.76 -5.30
CA GLU A 630 2.50 -43.15 -4.72
C GLU A 630 1.56 -41.95 -4.68
N GLU A 631 0.29 -42.20 -5.00
CA GLU A 631 -0.73 -41.17 -5.05
C GLU A 631 -1.71 -41.35 -3.90
N GLY A 632 -2.03 -40.26 -3.22
CA GLY A 632 -2.99 -40.26 -2.14
C GLY A 632 -4.24 -39.46 -2.47
N SER A 633 -5.19 -39.53 -1.54
CA SER A 633 -6.46 -38.83 -1.69
C SER A 633 -6.31 -37.38 -1.20
N ILE A 634 -7.41 -36.65 -1.22
CA ILE A 634 -7.38 -35.25 -0.82
C ILE A 634 -7.03 -35.14 0.67
N GLY A 635 -7.55 -36.05 1.49
CA GLY A 635 -7.25 -36.01 2.91
C GLY A 635 -5.78 -36.29 3.21
N LYS A 636 -5.19 -37.25 2.50
CA LYS A 636 -3.77 -37.54 2.69
C LYS A 636 -2.92 -36.33 2.30
N VAL A 637 -3.28 -35.67 1.20
CA VAL A 637 -2.55 -34.47 0.78
C VAL A 637 -2.68 -33.39 1.83
N CYS A 638 -3.89 -33.21 2.38
CA CYS A 638 -4.10 -32.20 3.41
C CYS A 638 -3.22 -32.48 4.63
N ARG A 639 -3.20 -33.74 5.07
CA ARG A 639 -2.39 -34.09 6.24
C ARG A 639 -0.90 -33.91 5.96
N THR A 640 -0.46 -34.25 4.75
CA THR A 640 0.95 -34.04 4.41
C THR A 640 1.32 -32.57 4.43
N LEU A 641 0.46 -31.71 3.86
CA LEU A 641 0.75 -30.28 3.87
C LEU A 641 0.74 -29.71 5.28
N LEU A 642 -0.20 -30.17 6.11
CA LEU A 642 -0.21 -29.74 7.51
C LEU A 642 1.07 -30.15 8.22
N ALA A 643 1.52 -31.38 7.99
CA ALA A 643 2.77 -31.83 8.62
C ALA A 643 3.94 -31.00 8.15
N LYS A 644 3.99 -30.69 6.85
CA LYS A 644 5.08 -29.85 6.34
C LYS A 644 5.08 -28.48 7.00
N SER A 645 3.90 -27.87 7.14
CA SER A 645 3.83 -26.56 7.78
C SER A 645 4.25 -26.63 9.25
N VAL A 646 3.80 -27.67 9.96
CA VAL A 646 4.15 -27.79 11.38
C VAL A 646 5.66 -28.00 11.53
N PHE A 647 6.27 -28.77 10.64
CA PHE A 647 7.71 -28.97 10.73
C PHE A 647 8.48 -27.72 10.31
N ASN A 648 7.94 -26.94 9.38
CA ASN A 648 8.54 -25.63 9.10
C ASN A 648 8.53 -24.77 10.35
N SER A 649 7.45 -24.81 11.12
CA SER A 649 7.38 -24.03 12.35
C SER A 649 8.34 -24.57 13.40
N LEU A 650 8.40 -25.89 13.58
CA LEU A 650 9.22 -26.47 14.64
C LEU A 650 10.70 -26.37 14.34
N TYR A 651 11.09 -26.44 13.07
CA TYR A 651 12.49 -26.44 12.65
C TYR A 651 12.83 -25.19 11.86
N ALA A 652 12.36 -24.03 12.32
CA ALA A 652 12.65 -22.78 11.63
C ALA A 652 14.11 -22.39 11.84
N SER A 653 14.78 -22.01 10.76
CA SER A 653 16.17 -21.60 10.81
C SER A 653 16.46 -20.76 9.58
N PRO A 654 17.52 -19.94 9.61
CA PRO A 654 17.90 -19.19 8.41
C PRO A 654 18.21 -20.08 7.23
N GLN A 655 18.73 -21.29 7.49
CA GLN A 655 19.02 -22.22 6.41
C GLN A 655 17.76 -22.58 5.64
N LEU A 656 16.65 -22.82 6.36
CA LEU A 656 15.40 -23.14 5.69
C LEU A 656 14.92 -21.98 4.83
N GLU A 657 14.99 -20.76 5.35
CA GLU A 657 14.58 -19.60 4.57
C GLU A 657 15.40 -19.48 3.29
N GLY A 658 16.72 -19.55 3.42
CA GLY A 658 17.57 -19.44 2.25
C GLY A 658 17.29 -20.54 1.24
N PHE A 659 17.16 -21.78 1.71
CA PHE A 659 16.91 -22.89 0.80
C PHE A 659 15.60 -22.72 0.06
N SER A 660 14.54 -22.34 0.77
CA SER A 660 13.26 -22.15 0.11
C SER A 660 13.33 -21.06 -0.94
N ALA A 661 13.91 -19.91 -0.58
CA ALA A 661 13.98 -18.80 -1.52
C ALA A 661 14.79 -19.17 -2.75
N GLU A 662 15.93 -19.86 -2.55
CA GLU A 662 16.80 -20.17 -3.68
C GLU A 662 16.24 -21.29 -4.55
N SER A 663 15.59 -22.30 -3.95
CA SER A 663 15.08 -23.43 -4.72
C SER A 663 13.75 -23.11 -5.39
N ARG A 664 13.07 -22.04 -4.99
CA ARG A 664 11.86 -21.65 -5.72
C ARG A 664 12.18 -21.35 -7.18
N LYS A 665 13.31 -20.67 -7.43
CA LYS A 665 13.69 -20.36 -8.81
C LYS A 665 13.95 -21.61 -9.62
N LEU A 666 14.64 -22.59 -9.04
CA LEU A 666 14.90 -23.83 -9.76
C LEU A 666 13.59 -24.60 -10.01
N LEU A 667 12.68 -24.57 -9.04
CA LEU A 667 11.35 -25.15 -9.27
C LEU A 667 10.66 -24.49 -10.46
N LEU A 668 10.73 -23.16 -10.53
CA LEU A 668 10.08 -22.45 -11.63
C LEU A 668 10.75 -22.76 -12.97
N ILE A 669 12.08 -22.92 -12.98
CA ILE A 669 12.77 -23.28 -14.21
C ILE A 669 12.35 -24.68 -14.67
N VAL A 670 12.26 -25.61 -13.73
CA VAL A 670 11.83 -26.97 -14.08
C VAL A 670 10.38 -26.94 -14.57
N GLN A 671 9.54 -26.10 -13.96
CA GLN A 671 8.16 -25.97 -14.41
C GLN A 671 8.10 -25.43 -15.83
N ALA A 672 8.92 -24.43 -16.14
CA ALA A 672 8.96 -23.90 -17.51
C ALA A 672 9.43 -24.97 -18.48
N LEU A 673 10.38 -25.81 -18.06
CA LEU A 673 10.79 -26.93 -18.90
C LEU A 673 9.64 -27.89 -19.14
N ARG A 674 8.84 -28.18 -18.11
CA ARG A 674 7.73 -29.10 -18.25
C ARG A 674 6.57 -28.53 -19.05
N ASP A 675 6.53 -27.21 -19.23
CA ASP A 675 5.48 -26.54 -20.00
C ASP A 675 5.87 -26.33 -21.46
N ASN A 676 7.04 -26.82 -21.88
CA ASN A 676 7.52 -26.60 -23.25
C ASN A 676 7.69 -25.12 -23.55
N LEU A 677 8.26 -24.39 -22.58
CA LEU A 677 8.51 -22.96 -22.74
C LEU A 677 9.98 -22.65 -23.00
N GLU A 678 10.76 -23.65 -23.41
CA GLU A 678 12.14 -23.45 -23.82
C GLU A 678 12.92 -22.61 -22.82
N PRO A 679 13.01 -23.04 -21.57
CA PRO A 679 13.73 -22.24 -20.57
C PRO A 679 15.21 -22.14 -20.89
N GLY A 680 15.82 -21.05 -20.43
CA GLY A 680 17.24 -20.86 -20.57
C GLY A 680 17.81 -20.25 -19.31
N THR A 681 19.10 -20.49 -19.09
CA THR A 681 19.81 -20.00 -17.93
C THR A 681 21.06 -19.25 -18.38
N PHE A 682 21.68 -18.56 -17.45
CA PHE A 682 22.92 -17.84 -17.71
C PHE A 682 24.08 -18.33 -16.86
N ASP A 683 23.87 -18.57 -15.57
CA ASP A 683 24.92 -19.02 -14.66
C ASP A 683 24.40 -20.13 -13.75
N LEU A 684 23.81 -21.17 -14.34
CA LEU A 684 23.13 -22.20 -13.55
C LEU A 684 24.00 -22.72 -12.41
N GLU A 685 25.31 -22.88 -12.65
CA GLU A 685 26.18 -23.33 -11.57
C GLU A 685 26.18 -22.35 -10.42
N GLY A 686 26.07 -21.05 -10.71
CA GLY A 686 25.91 -20.07 -9.65
C GLY A 686 24.65 -20.30 -8.84
N LEU A 687 23.56 -20.65 -9.52
CA LEU A 687 22.31 -20.97 -8.81
C LEU A 687 22.48 -22.19 -7.92
N TYR A 688 23.14 -23.22 -8.42
CA TYR A 688 23.37 -24.41 -7.60
C TYR A 688 24.24 -24.08 -6.39
N GLU A 689 25.27 -23.25 -6.57
CA GLU A 689 26.09 -22.85 -5.45
C GLU A 689 25.28 -22.06 -4.42
N ALA A 690 24.40 -21.17 -4.90
CA ALA A 690 23.56 -20.41 -3.99
C ALA A 690 22.65 -21.34 -3.19
N ILE A 691 22.08 -22.34 -3.86
CA ILE A 691 21.20 -23.29 -3.17
C ILE A 691 21.98 -24.07 -2.12
N GLU A 692 23.15 -24.58 -2.50
CA GLU A 692 23.91 -25.46 -1.62
C GLU A 692 24.60 -24.69 -0.49
N GLU A 693 24.74 -23.37 -0.62
CA GLU A 693 25.35 -22.61 0.46
C GLU A 693 24.50 -22.61 1.73
N CYS A 694 23.22 -23.01 1.63
CA CYS A 694 22.30 -22.99 2.74
C CYS A 694 22.17 -24.34 3.43
N LEU A 695 22.75 -25.40 2.89
CA LEU A 695 22.65 -26.75 3.45
C LEU A 695 23.87 -26.98 4.32
N ILE A 696 23.70 -26.88 5.64
CA ILE A 696 24.84 -27.02 6.54
C ILE A 696 24.63 -28.15 7.53
N ASN A 697 23.68 -27.99 8.45
CA ASN A 697 23.50 -29.01 9.48
C ASN A 697 22.06 -29.24 9.92
N ASP A 698 21.06 -28.58 9.32
CA ASP A 698 19.70 -28.68 9.83
C ASP A 698 19.01 -29.91 9.25
N PRO A 699 18.49 -30.82 10.07
CA PRO A 699 17.85 -32.02 9.51
C PRO A 699 16.69 -31.70 8.57
N TRP A 700 15.89 -30.70 8.91
CA TRP A 700 14.73 -30.36 8.09
C TRP A 700 15.14 -29.87 6.71
N VAL A 701 16.14 -29.01 6.64
CA VAL A 701 16.59 -28.48 5.36
C VAL A 701 17.24 -29.59 4.53
N LEU A 702 18.00 -30.47 5.18
CA LEU A 702 18.61 -31.59 4.46
C LEU A 702 17.55 -32.52 3.88
N LEU A 703 16.49 -32.79 4.65
CA LEU A 703 15.41 -33.62 4.13
C LEU A 703 14.71 -32.93 2.97
N ASN A 704 14.53 -31.61 3.06
CA ASN A 704 13.93 -30.89 1.94
C ASN A 704 14.80 -30.98 0.69
N ALA A 705 16.13 -30.91 0.86
CA ALA A 705 17.03 -31.07 -0.28
C ALA A 705 16.91 -32.47 -0.89
N SER A 706 16.80 -33.49 -0.05
CA SER A 706 16.62 -34.85 -0.56
C SER A 706 15.30 -34.96 -1.33
N TRP A 707 14.24 -34.34 -0.80
CA TRP A 707 12.96 -34.32 -1.50
C TRP A 707 13.09 -33.63 -2.85
N PHE A 708 13.85 -32.53 -2.91
CA PHE A 708 14.03 -31.83 -4.16
C PHE A 708 14.78 -32.69 -5.17
N ASN A 709 15.78 -33.45 -4.69
CA ASN A 709 16.49 -34.36 -5.60
C ASN A 709 15.56 -35.44 -6.14
N SER A 710 14.70 -35.99 -5.27
CA SER A 710 13.73 -36.97 -5.74
C SER A 710 12.79 -36.37 -6.77
N PHE A 711 12.32 -35.14 -6.53
CA PHE A 711 11.46 -34.48 -7.49
C PHE A 711 12.15 -34.26 -8.81
N LEU A 712 13.44 -33.87 -8.78
CA LEU A 712 14.18 -33.71 -10.02
C LEU A 712 14.27 -35.04 -10.76
N THR A 713 14.50 -36.13 -10.03
CA THR A 713 14.56 -37.43 -10.68
C THR A 713 13.25 -37.79 -11.36
N HIS A 714 12.13 -37.54 -10.67
CA HIS A 714 10.84 -38.01 -11.18
C HIS A 714 10.22 -37.07 -12.21
N ALA A 715 10.53 -35.77 -12.15
CA ALA A 715 9.90 -34.80 -13.03
C ALA A 715 10.47 -34.85 -14.43
N LEU A 716 11.77 -35.09 -14.56
CA LEU A 716 12.46 -35.08 -15.84
C LEU A 716 12.64 -36.48 -16.41
N ARG A 717 11.70 -37.38 -16.13
CA ARG A 717 11.73 -38.73 -16.68
C ARG A 717 10.40 -39.09 -17.32
N MET B 1 6.12 -46.28 2.91
CA MET B 1 5.93 -45.23 1.87
C MET B 1 6.40 -43.88 2.40
N ASP B 2 7.57 -43.45 1.96
CA ASP B 2 8.10 -42.15 2.36
C ASP B 2 7.27 -41.03 1.77
N VAL B 3 6.86 -40.09 2.61
CA VAL B 3 6.03 -38.96 2.17
C VAL B 3 6.94 -37.87 1.62
N ASN B 4 6.68 -37.46 0.39
CA ASN B 4 7.46 -36.42 -0.29
C ASN B 4 6.51 -35.32 -0.76
N PRO B 5 6.33 -34.26 0.02
CA PRO B 5 5.41 -33.19 -0.41
C PRO B 5 5.77 -32.58 -1.75
N THR B 6 7.06 -32.45 -2.05
CA THR B 6 7.46 -31.80 -3.30
C THR B 6 6.89 -32.52 -4.53
N LEU B 7 6.67 -33.83 -4.42
CA LEU B 7 6.14 -34.57 -5.56
C LEU B 7 4.75 -34.10 -5.95
N LEU B 8 4.06 -33.35 -5.08
CA LEU B 8 2.78 -32.80 -5.45
C LEU B 8 2.91 -31.91 -6.68
N PHE B 9 4.10 -31.35 -6.93
CA PHE B 9 4.31 -30.51 -8.10
C PHE B 9 4.30 -31.30 -9.40
N LEU B 10 4.34 -32.62 -9.35
CA LEU B 10 4.26 -33.42 -10.57
C LEU B 10 2.89 -33.36 -11.22
N LYS B 11 1.88 -32.92 -10.49
CA LYS B 11 0.52 -32.78 -11.01
C LYS B 11 -0.01 -31.36 -10.92
N VAL B 12 0.31 -30.65 -9.84
CA VAL B 12 -0.12 -29.25 -9.68
C VAL B 12 1.01 -28.35 -10.16
N PRO B 13 0.76 -27.43 -11.10
CA PRO B 13 1.82 -26.52 -11.53
C PRO B 13 2.37 -25.71 -10.37
N VAL B 14 3.66 -25.39 -10.44
CA VAL B 14 4.34 -24.77 -9.31
C VAL B 14 3.68 -23.46 -8.92
N GLN B 15 3.30 -22.65 -9.90
CA GLN B 15 2.65 -21.38 -9.58
C GLN B 15 1.35 -21.61 -8.83
N ASN B 16 0.53 -22.54 -9.30
CA ASN B 16 -0.77 -22.79 -8.68
C ASN B 16 -0.63 -23.30 -7.26
N ALA B 17 0.54 -23.77 -6.86
CA ALA B 17 0.82 -24.15 -5.48
C ALA B 17 2.02 -23.38 -4.91
N ILE B 18 2.29 -22.19 -5.45
CA ILE B 18 3.49 -21.47 -5.04
C ILE B 18 3.48 -21.19 -3.54
N SER B 19 2.29 -21.05 -2.95
CA SER B 19 2.20 -20.74 -1.53
C SER B 19 2.84 -21.82 -0.67
N THR B 20 2.98 -23.04 -1.19
CA THR B 20 3.61 -24.11 -0.42
C THR B 20 5.11 -23.90 -0.26
N THR B 21 5.71 -23.05 -1.09
CA THR B 21 7.15 -22.84 -1.07
C THR B 21 7.59 -21.75 -0.11
N PHE B 22 6.66 -21.15 0.63
CA PHE B 22 6.98 -20.09 1.58
C PHE B 22 6.86 -20.63 3.00
N PRO B 23 7.96 -20.90 3.70
CA PRO B 23 7.87 -21.43 5.07
C PRO B 23 7.65 -20.32 6.10
N TYR B 24 6.57 -19.56 5.93
CA TYR B 24 6.32 -18.36 6.72
C TYR B 24 5.48 -18.65 7.96
N THR B 25 5.52 -19.87 8.47
CA THR B 25 4.92 -20.20 9.76
C THR B 25 5.93 -20.22 10.90
N GLY B 26 7.22 -20.23 10.59
CA GLY B 26 8.25 -20.15 11.60
C GLY B 26 8.77 -18.73 11.77
N ASP B 27 9.50 -18.53 12.86
CA ASP B 27 10.04 -17.21 13.15
C ASP B 27 11.11 -16.84 12.13
N PRO B 28 11.20 -15.57 11.74
CA PRO B 28 12.21 -15.15 10.77
C PRO B 28 13.56 -14.98 11.43
N PRO B 29 14.65 -15.05 10.66
CA PRO B 29 15.98 -14.87 11.25
C PRO B 29 16.20 -13.46 11.78
N TYR B 30 17.04 -13.36 12.80
CA TYR B 30 17.35 -12.10 13.45
C TYR B 30 18.87 -11.93 13.54
N SER B 31 19.29 -10.68 13.71
CA SER B 31 20.68 -10.35 13.98
C SER B 31 20.87 -10.20 15.49
N HIS B 32 21.97 -10.74 16.01
CA HIS B 32 22.19 -10.81 17.45
C HIS B 32 23.08 -9.69 17.95
N GLY B 33 24.28 -9.55 17.40
CA GLY B 33 25.24 -8.61 17.95
C GLY B 33 25.39 -7.32 17.19
N THR B 34 26.62 -7.01 16.80
CA THR B 34 26.96 -5.74 16.16
C THR B 34 26.78 -5.82 14.66
N GLY B 35 26.62 -4.65 14.04
CA GLY B 35 26.59 -4.52 12.60
C GLY B 35 27.83 -3.93 11.99
N THR B 36 28.92 -3.77 12.75
CA THR B 36 30.13 -3.16 12.22
C THR B 36 30.74 -4.01 11.11
N GLY B 37 30.72 -5.33 11.27
CA GLY B 37 31.28 -6.20 10.24
C GLY B 37 30.59 -6.03 8.91
N TYR B 38 29.25 -5.98 8.93
CA TYR B 38 28.50 -5.83 7.69
C TYR B 38 28.74 -4.46 7.05
N THR B 39 28.83 -3.42 7.87
CA THR B 39 29.11 -2.09 7.33
C THR B 39 30.49 -2.03 6.69
N MET B 40 31.50 -2.59 7.35
CA MET B 40 32.84 -2.61 6.78
C MET B 40 32.87 -3.42 5.49
N ASP B 41 32.18 -4.57 5.46
CA ASP B 41 32.11 -5.36 4.25
C ASP B 41 31.45 -4.58 3.12
N THR B 42 30.36 -3.86 3.43
CA THR B 42 29.69 -3.09 2.39
C THR B 42 30.59 -2.00 1.84
N VAL B 43 31.29 -1.28 2.72
CA VAL B 43 32.17 -0.21 2.26
C VAL B 43 33.28 -0.78 1.39
N ASN B 44 33.92 -1.85 1.85
CA ASN B 44 35.01 -2.44 1.09
C ASN B 44 34.54 -2.96 -0.25
N ARG B 45 33.37 -3.61 -0.30
CA ARG B 45 32.87 -4.14 -1.55
C ARG B 45 32.48 -3.02 -2.51
N THR B 46 31.89 -1.94 -1.99
CA THR B 46 31.55 -0.80 -2.83
C THR B 46 32.80 -0.19 -3.45
N HIS B 47 33.87 -0.06 -2.68
CA HIS B 47 35.11 0.47 -3.24
C HIS B 47 35.77 -0.53 -4.19
N LYS B 48 35.61 -1.83 -3.94
CA LYS B 48 36.18 -2.83 -4.84
C LYS B 48 35.51 -2.81 -6.20
N TYR B 49 34.20 -2.56 -6.25
CA TYR B 49 33.51 -2.47 -7.52
C TYR B 49 33.96 -1.27 -8.35
N SER B 50 34.68 -0.32 -7.75
CA SER B 50 35.12 0.89 -8.45
C SER B 50 36.62 1.11 -8.32
N GLU B 51 37.38 0.05 -8.06
CA GLU B 51 38.79 0.20 -7.69
C GLU B 51 39.59 0.92 -8.78
N LYS B 52 39.23 0.75 -10.04
CA LYS B 52 39.98 1.35 -11.14
C LYS B 52 39.64 2.82 -11.36
N GLY B 53 38.94 3.46 -10.43
CA GLY B 53 38.56 4.85 -10.59
C GLY B 53 39.68 5.79 -10.15
N LYS B 54 39.32 7.06 -10.06
CA LYS B 54 40.24 8.13 -9.72
C LYS B 54 40.14 8.46 -8.24
N TRP B 55 41.27 8.45 -7.54
CA TRP B 55 41.32 8.76 -6.12
C TRP B 55 41.67 10.23 -5.94
N THR B 56 40.89 10.93 -5.11
CA THR B 56 41.15 12.32 -4.80
C THR B 56 40.92 12.54 -3.31
N THR B 57 41.31 13.71 -2.82
CA THR B 57 41.09 14.11 -1.44
C THR B 57 40.13 15.29 -1.42
N ASN B 58 39.09 15.18 -0.61
CA ASN B 58 38.11 16.26 -0.51
C ASN B 58 38.71 17.42 0.27
N THR B 59 38.67 18.62 -0.32
CA THR B 59 39.28 19.79 0.29
C THR B 59 38.50 20.30 1.49
N GLU B 60 37.21 19.96 1.60
CA GLU B 60 36.39 20.45 2.70
C GLU B 60 36.37 19.49 3.88
N THR B 61 36.35 18.18 3.62
CA THR B 61 36.34 17.18 4.68
C THR B 61 37.66 16.42 4.81
N GLY B 62 38.48 16.40 3.76
CA GLY B 62 39.73 15.66 3.78
C GLY B 62 39.59 14.18 3.53
N ALA B 63 38.39 13.68 3.34
CA ALA B 63 38.16 12.26 3.18
C ALA B 63 38.56 11.81 1.78
N PRO B 64 39.26 10.69 1.64
CA PRO B 64 39.54 10.14 0.30
C PRO B 64 38.23 9.81 -0.41
N GLN B 65 38.22 10.05 -1.71
CA GLN B 65 37.02 9.81 -2.53
C GLN B 65 37.43 9.12 -3.81
N LEU B 66 36.60 8.17 -4.24
CA LEU B 66 36.84 7.36 -5.42
C LEU B 66 35.80 7.69 -6.47
N ASN B 67 36.25 7.97 -7.69
CA ASN B 67 35.40 8.39 -8.79
C ASN B 67 35.52 7.40 -9.94
N PRO B 68 34.56 6.48 -10.11
CA PRO B 68 34.60 5.55 -11.24
C PRO B 68 33.97 6.06 -12.53
N ILE B 69 33.34 7.24 -12.51
CA ILE B 69 32.66 7.72 -13.70
C ILE B 69 33.67 7.88 -14.83
N ASP B 70 33.24 7.55 -16.04
CA ASP B 70 34.12 7.60 -17.21
C ASP B 70 35.37 6.76 -17.00
N GLY B 71 35.21 5.63 -16.31
CA GLY B 71 36.30 4.71 -16.09
C GLY B 71 36.47 3.75 -17.25
N PRO B 72 37.43 2.84 -17.13
CA PRO B 72 37.65 1.88 -18.22
C PRO B 72 36.43 1.00 -18.43
N LEU B 73 36.19 0.64 -19.68
CA LEU B 73 35.09 -0.27 -19.99
C LEU B 73 35.44 -1.67 -19.50
N PRO B 74 34.48 -2.41 -18.93
CA PRO B 74 34.79 -3.75 -18.42
C PRO B 74 35.19 -4.71 -19.53
N GLU B 75 36.04 -5.67 -19.18
CA GLU B 75 36.46 -6.73 -20.07
C GLU B 75 35.91 -8.09 -19.66
N ASP B 76 35.05 -8.14 -18.64
CA ASP B 76 34.49 -9.39 -18.15
C ASP B 76 33.09 -9.12 -17.62
N ASN B 77 32.53 -10.09 -16.92
CA ASN B 77 31.15 -10.02 -16.44
C ASN B 77 31.04 -9.73 -14.95
N GLU B 78 32.15 -9.39 -14.29
CA GLU B 78 32.07 -9.04 -12.88
C GLU B 78 31.34 -7.70 -12.72
N PRO B 79 30.68 -7.48 -11.58
CA PRO B 79 30.01 -6.19 -11.36
C PRO B 79 31.02 -5.05 -11.41
N SER B 80 30.59 -3.93 -11.99
CA SER B 80 31.45 -2.77 -12.14
C SER B 80 30.60 -1.51 -12.10
N GLY B 81 31.22 -0.43 -11.64
CA GLY B 81 30.53 0.84 -11.52
C GLY B 81 31.09 1.93 -12.41
N TYR B 82 31.65 1.54 -13.55
CA TYR B 82 32.26 2.49 -14.48
C TYR B 82 31.21 2.93 -15.51
N ALA B 83 30.23 3.69 -15.02
CA ALA B 83 29.21 4.25 -15.89
C ALA B 83 29.80 5.34 -16.77
N GLN B 84 29.28 5.45 -17.99
CA GLN B 84 29.71 6.44 -18.95
C GLN B 84 28.70 7.58 -18.96
N THR B 85 29.17 8.80 -18.71
CA THR B 85 28.26 9.94 -18.59
C THR B 85 27.52 10.20 -19.90
N ASP B 86 28.21 10.11 -21.02
CA ASP B 86 27.57 10.36 -22.30
C ASP B 86 26.43 9.37 -22.55
N CYS B 87 26.62 8.11 -22.17
CA CYS B 87 25.57 7.13 -22.36
C CYS B 87 24.35 7.42 -21.49
N VAL B 88 24.56 7.84 -20.24
CA VAL B 88 23.43 8.19 -19.38
C VAL B 88 22.68 9.39 -19.94
N LEU B 89 23.42 10.41 -20.40
CA LEU B 89 22.78 11.58 -21.00
C LEU B 89 21.99 11.17 -22.24
N GLU B 90 22.54 10.28 -23.06
CA GLU B 90 21.84 9.85 -24.27
C GLU B 90 20.59 9.06 -23.92
N ALA B 91 20.65 8.23 -22.88
CA ALA B 91 19.45 7.52 -22.44
C ALA B 91 18.37 8.48 -22.00
N MET B 92 18.73 9.50 -21.22
CA MET B 92 17.76 10.51 -20.82
C MET B 92 17.19 11.25 -22.04
N ALA B 93 18.06 11.59 -22.98
CA ALA B 93 17.61 12.31 -24.18
C ALA B 93 16.62 11.48 -24.99
N PHE B 94 16.90 10.20 -25.16
CA PHE B 94 15.97 9.35 -25.92
C PHE B 94 14.68 9.11 -25.15
N LEU B 95 14.75 9.01 -23.82
CA LEU B 95 13.51 8.92 -23.04
C LEU B 95 12.66 10.16 -23.23
N GLU B 96 13.29 11.35 -23.25
CA GLU B 96 12.55 12.57 -23.54
C GLU B 96 11.98 12.54 -24.95
N GLU B 97 12.74 12.03 -25.91
CA GLU B 97 12.28 11.98 -27.29
C GLU B 97 11.05 11.09 -27.44
N SER B 98 11.02 9.96 -26.74
CA SER B 98 9.91 9.03 -26.89
C SER B 98 8.64 9.53 -26.21
N HIS B 99 8.79 10.35 -25.16
CA HIS B 99 7.66 10.88 -24.40
C HIS B 99 7.81 12.40 -24.32
N PRO B 100 7.45 13.12 -25.38
CA PRO B 100 7.68 14.56 -25.38
C PRO B 100 6.98 15.26 -24.22
N GLY B 101 7.67 16.22 -23.62
CA GLY B 101 7.11 17.03 -22.57
C GLY B 101 7.06 16.39 -21.20
N ILE B 102 7.59 15.18 -21.04
CA ILE B 102 7.53 14.50 -19.76
C ILE B 102 8.32 15.28 -18.70
N PHE B 103 9.56 15.64 -19.02
CA PHE B 103 10.39 16.33 -18.04
C PHE B 103 9.85 17.72 -17.74
N GLU B 104 9.31 18.42 -18.74
CA GLU B 104 8.79 19.76 -18.51
C GLU B 104 7.62 19.74 -17.52
N ASN B 105 6.63 18.89 -17.78
CA ASN B 105 5.48 18.81 -16.89
C ASN B 105 5.87 18.30 -15.52
N SER B 106 6.77 17.32 -15.47
CA SER B 106 7.26 16.84 -14.18
C SER B 106 7.90 17.98 -13.39
N CYS B 107 8.70 18.80 -14.04
CA CYS B 107 9.35 19.92 -13.36
C CYS B 107 8.33 20.95 -12.91
N LEU B 108 7.29 21.19 -13.69
CA LEU B 108 6.26 22.13 -13.26
C LEU B 108 5.58 21.64 -11.99
N GLU B 109 5.15 20.38 -11.98
CA GLU B 109 4.50 19.84 -10.79
C GLU B 109 5.44 19.87 -9.59
N THR B 110 6.71 19.51 -9.81
CA THR B 110 7.66 19.52 -8.70
C THR B 110 7.94 20.92 -8.20
N MET B 111 7.94 21.92 -9.08
CA MET B 111 8.10 23.29 -8.64
C MET B 111 6.95 23.70 -7.74
N GLU B 112 5.72 23.33 -8.12
CA GLU B 112 4.59 23.61 -7.24
C GLU B 112 4.77 22.94 -5.90
N ILE B 113 5.17 21.66 -5.90
CA ILE B 113 5.34 20.92 -4.65
C ILE B 113 6.40 21.59 -3.78
N VAL B 114 7.52 21.98 -4.39
CA VAL B 114 8.61 22.59 -3.63
C VAL B 114 8.17 23.90 -3.02
N GLN B 115 7.43 24.71 -3.79
CA GLN B 115 6.99 26.00 -3.28
C GLN B 115 5.91 25.87 -2.20
N GLN B 116 5.18 24.75 -2.18
CA GLN B 116 4.09 24.58 -1.22
C GLN B 116 4.47 23.79 0.03
N THR B 117 5.45 22.90 -0.04
CA THR B 117 5.69 21.96 1.04
C THR B 117 6.07 22.69 2.33
N ARG B 118 5.59 22.15 3.45
CA ARG B 118 5.86 22.68 4.77
C ARG B 118 6.95 21.86 5.47
N VAL B 119 7.55 22.47 6.50
CA VAL B 119 8.66 21.82 7.19
C VAL B 119 8.18 20.60 7.97
N ASP B 120 6.93 20.61 8.42
CA ASP B 120 6.44 19.50 9.23
C ASP B 120 6.47 18.18 8.47
N LYS B 121 6.60 18.23 7.15
CA LYS B 121 6.73 17.01 6.37
C LYS B 121 7.91 16.18 6.86
N LEU B 122 8.93 16.82 7.41
CA LEU B 122 10.09 16.09 7.89
C LEU B 122 9.81 15.29 9.16
N THR B 123 8.75 15.64 9.89
CA THR B 123 8.43 14.87 11.09
C THR B 123 7.94 13.46 10.76
N GLN B 124 7.55 13.22 9.51
CA GLN B 124 7.19 11.87 9.10
C GLN B 124 8.42 10.97 9.11
N GLY B 125 8.18 9.68 9.37
CA GLY B 125 9.24 8.71 9.52
C GLY B 125 9.28 8.15 10.93
N ARG B 126 10.16 7.17 11.11
CA ARG B 126 10.31 6.49 12.39
C ARG B 126 11.52 6.99 13.17
N GLN B 127 12.71 6.93 12.56
CA GLN B 127 13.94 7.34 13.21
C GLN B 127 14.69 8.30 12.30
N THR B 128 15.70 8.96 12.88
CA THR B 128 16.54 9.88 12.15
C THR B 128 17.84 10.04 12.93
N TYR B 129 18.96 10.01 12.21
CA TYR B 129 20.26 10.21 12.86
C TYR B 129 20.38 11.67 13.26
N ASP B 130 20.44 11.92 14.56
CA ASP B 130 20.54 13.27 15.10
C ASP B 130 22.02 13.63 15.21
N TRP B 131 22.45 14.62 14.44
CA TRP B 131 23.85 15.01 14.44
C TRP B 131 24.27 15.64 15.77
N THR B 132 23.32 16.11 16.58
CA THR B 132 23.65 16.70 17.87
C THR B 132 23.87 15.65 18.95
N LEU B 133 23.54 14.38 18.69
CA LEU B 133 23.70 13.32 19.68
C LEU B 133 24.45 12.10 19.15
N ASN B 134 24.83 12.08 17.87
CA ASN B 134 25.59 10.97 17.31
C ASN B 134 24.87 9.64 17.52
N ARG B 135 23.57 9.62 17.27
CA ARG B 135 22.78 8.40 17.37
C ARG B 135 21.39 8.70 16.81
N ASN B 136 20.53 7.69 16.82
CA ASN B 136 19.20 7.81 16.26
C ASN B 136 18.22 8.35 17.29
N GLN B 137 17.31 9.20 16.83
CA GLN B 137 16.24 9.77 17.64
C GLN B 137 14.98 9.78 16.80
N PRO B 138 13.81 9.86 17.44
CA PRO B 138 12.58 10.01 16.66
C PRO B 138 12.65 11.24 15.76
N ALA B 139 12.02 11.12 14.58
CA ALA B 139 12.15 12.16 13.56
C ALA B 139 11.74 13.53 14.11
N ALA B 140 10.61 13.58 14.82
CA ALA B 140 10.17 14.86 15.38
C ALA B 140 11.18 15.39 16.40
N THR B 141 11.72 14.50 17.24
CA THR B 141 12.72 14.93 18.21
C THR B 141 13.97 15.46 17.52
N ALA B 142 14.43 14.77 16.48
CA ALA B 142 15.61 15.22 15.75
C ALA B 142 15.37 16.58 15.12
N LEU B 143 14.20 16.77 14.50
CA LEU B 143 13.90 18.05 13.89
C LEU B 143 13.83 19.16 14.93
N ALA B 144 13.22 18.88 16.08
CA ALA B 144 13.14 19.89 17.13
C ALA B 144 14.52 20.28 17.63
N ASN B 145 15.39 19.29 17.87
CA ASN B 145 16.74 19.59 18.33
C ASN B 145 17.52 20.41 17.30
N THR B 146 17.40 20.03 16.03
CA THR B 146 18.11 20.78 14.98
C THR B 146 17.62 22.21 14.88
N ILE B 147 16.30 22.41 14.96
CA ILE B 147 15.76 23.77 14.92
C ILE B 147 16.25 24.57 16.11
N GLU B 148 16.27 23.95 17.30
CA GLU B 148 16.75 24.65 18.48
C GLU B 148 18.20 25.07 18.32
N VAL B 149 19.05 24.17 17.81
CA VAL B 149 20.46 24.51 17.63
C VAL B 149 20.61 25.62 16.61
N PHE B 150 19.88 25.53 15.50
CA PHE B 150 19.96 26.59 14.48
C PHE B 150 19.53 27.93 15.05
N ARG B 151 18.46 27.96 15.84
CA ARG B 151 18.05 29.20 16.46
C ARG B 151 19.13 29.74 17.39
N SER B 152 19.75 28.85 18.17
CA SER B 152 20.84 29.29 19.04
C SER B 152 22.04 29.80 18.25
N ASN B 153 22.19 29.39 16.99
CA ASN B 153 23.30 29.82 16.15
C ASN B 153 22.88 30.88 15.13
N GLY B 154 21.75 31.55 15.36
CA GLY B 154 21.31 32.61 14.48
C GLY B 154 20.92 32.17 13.09
N LEU B 155 20.17 31.07 12.97
CA LEU B 155 19.67 30.56 11.69
C LEU B 155 18.18 30.32 11.87
N THR B 156 17.37 31.34 11.56
CA THR B 156 15.95 31.32 11.90
C THR B 156 15.05 31.47 10.67
N ALA B 157 15.55 31.17 9.47
CA ALA B 157 14.69 31.20 8.30
C ALA B 157 13.58 30.16 8.42
N ASN B 158 13.84 29.07 9.14
CA ASN B 158 12.82 28.02 9.29
C ASN B 158 11.56 28.54 9.95
N GLU B 159 11.63 29.70 10.62
CA GLU B 159 10.42 30.27 11.19
C GLU B 159 9.35 30.49 10.14
N SER B 160 9.74 30.66 8.87
CA SER B 160 8.76 30.81 7.81
C SER B 160 7.82 29.61 7.71
N GLY B 161 8.25 28.43 8.17
CA GLY B 161 7.44 27.24 8.10
C GLY B 161 7.54 26.47 6.81
N ARG B 162 8.34 26.94 5.85
CA ARG B 162 8.52 26.27 4.57
C ARG B 162 9.75 25.38 4.63
N LEU B 163 9.68 24.23 3.96
CA LEU B 163 10.81 23.31 3.95
C LEU B 163 12.02 23.94 3.25
N ILE B 164 11.78 24.70 2.18
CA ILE B 164 12.87 25.29 1.43
C ILE B 164 13.64 26.30 2.27
N ASP B 165 12.95 27.01 3.16
CA ASP B 165 13.65 27.90 4.08
C ASP B 165 14.51 27.12 5.07
N PHE B 166 14.03 25.93 5.49
CA PHE B 166 14.87 25.07 6.31
C PHE B 166 16.11 24.63 5.55
N LEU B 167 15.96 24.34 4.26
CA LEU B 167 17.12 23.99 3.44
C LEU B 167 18.09 25.16 3.31
N LYS B 168 17.56 26.39 3.19
CA LYS B 168 18.41 27.56 3.22
C LYS B 168 19.17 27.64 4.54
N ASP B 169 18.50 27.34 5.66
CA ASP B 169 19.17 27.33 6.95
C ASP B 169 20.29 26.30 6.98
N VAL B 170 20.04 25.11 6.41
CA VAL B 170 21.08 24.08 6.37
C VAL B 170 22.29 24.58 5.58
N MET B 171 22.04 25.18 4.41
CA MET B 171 23.12 25.67 3.58
C MET B 171 23.90 26.76 4.31
N ASP B 172 23.21 27.67 4.99
CA ASP B 172 23.90 28.72 5.72
C ASP B 172 24.69 28.18 6.91
N SER B 173 24.18 27.13 7.56
CA SER B 173 24.94 26.50 8.64
C SER B 173 26.20 25.85 8.12
N MET B 174 26.17 25.33 6.88
CA MET B 174 27.38 24.76 6.32
C MET B 174 28.53 25.76 6.30
N ASP B 175 28.23 27.05 6.20
CA ASP B 175 29.25 28.08 6.11
C ASP B 175 29.67 28.65 7.46
N LYS B 176 28.99 28.29 8.54
CA LYS B 176 29.37 28.78 9.86
C LYS B 176 30.77 28.30 10.22
N GLU B 177 31.57 29.21 10.78
CA GLU B 177 32.91 28.83 11.22
C GLU B 177 32.85 27.85 12.39
N GLU B 178 31.86 28.03 13.28
CA GLU B 178 31.71 27.18 14.44
C GLU B 178 30.22 26.93 14.69
N MET B 179 29.94 25.84 15.41
CA MET B 179 28.60 25.53 15.87
C MET B 179 28.66 25.21 17.36
N GLU B 180 27.58 25.49 18.07
CA GLU B 180 27.51 25.26 19.51
C GLU B 180 26.26 24.46 19.84
N ILE B 181 26.43 23.38 20.59
CA ILE B 181 25.34 22.48 20.96
C ILE B 181 25.42 22.19 22.45
N THR B 182 24.39 21.54 22.96
CA THR B 182 24.27 21.20 24.37
C THR B 182 24.31 19.69 24.54
N THR B 183 24.92 19.23 25.63
CA THR B 183 25.11 17.82 25.91
C THR B 183 24.70 17.52 27.35
N HIS B 184 24.22 16.30 27.56
CA HIS B 184 23.73 15.84 28.85
C HIS B 184 24.62 14.72 29.37
N PHE B 185 24.67 14.59 30.70
CA PHE B 185 25.53 13.62 31.36
C PHE B 185 24.92 13.29 32.72
N GLN B 186 25.71 12.62 33.56
CA GLN B 186 25.30 12.32 34.93
C GLN B 186 25.85 13.37 35.89
N ILE B 205 21.89 14.91 35.29
CA ILE B 205 21.37 15.36 34.01
C ILE B 205 21.75 16.81 33.77
N GLY B 206 23.02 17.12 33.95
CA GLY B 206 23.50 18.48 33.72
C GLY B 206 23.57 18.81 32.25
N LYS B 207 23.73 20.10 31.97
CA LYS B 207 23.83 20.61 30.60
C LYS B 207 25.19 21.27 30.41
N LYS B 208 25.91 20.85 29.38
CA LYS B 208 27.22 21.40 29.06
C LYS B 208 27.22 21.83 27.60
N LYS B 209 28.13 22.75 27.27
CA LYS B 209 28.22 23.29 25.92
C LYS B 209 29.39 22.67 25.18
N GLN B 210 29.16 22.31 23.91
CA GLN B 210 30.19 21.75 23.04
C GLN B 210 30.28 22.58 21.77
N ARG B 211 31.52 22.86 21.35
CA ARG B 211 31.79 23.68 20.18
C ARG B 211 32.41 22.82 19.10
N LEU B 212 31.82 22.82 17.91
CA LEU B 212 32.27 22.05 16.77
C LEU B 212 32.83 22.98 15.72
N ASN B 213 34.05 22.71 15.27
CA ASN B 213 34.65 23.52 14.21
C ASN B 213 34.01 23.16 12.88
N LYS B 214 34.39 23.90 11.84
CA LYS B 214 33.69 23.79 10.56
C LYS B 214 33.77 22.38 9.99
N ARG B 215 34.95 21.77 10.01
CA ARG B 215 35.10 20.45 9.39
C ARG B 215 34.38 19.37 10.19
N SER B 216 34.41 19.45 11.51
CA SER B 216 33.72 18.46 12.32
C SER B 216 32.21 18.51 12.06
N TYR B 217 31.64 19.71 12.07
CA TYR B 217 30.21 19.84 11.78
C TYR B 217 29.90 19.38 10.37
N LEU B 218 30.76 19.70 9.40
CA LEU B 218 30.51 19.28 8.03
C LEU B 218 30.50 17.75 7.92
N ILE B 219 31.43 17.10 8.62
CA ILE B 219 31.46 15.63 8.61
C ILE B 219 30.19 15.09 9.25
N ARG B 220 29.75 15.69 10.35
CA ARG B 220 28.51 15.23 10.99
C ARG B 220 27.31 15.40 10.08
N ALA B 221 27.29 16.48 9.29
CA ALA B 221 26.14 16.78 8.45
C ALA B 221 26.01 15.82 7.27
N LEU B 222 27.10 15.19 6.84
CA LEU B 222 27.10 14.28 5.71
C LEU B 222 27.13 12.82 6.13
N THR B 223 26.77 12.53 7.36
CA THR B 223 26.90 11.20 7.93
C THR B 223 25.56 10.48 7.94
N LEU B 224 25.58 9.19 7.56
CA LEU B 224 24.43 8.31 7.65
C LEU B 224 24.76 7.17 8.61
N ASN B 225 23.87 6.94 9.58
CA ASN B 225 24.09 5.85 10.52
C ASN B 225 23.84 4.52 9.84
N THR B 226 24.40 3.45 10.40
CA THR B 226 24.26 2.12 9.84
C THR B 226 23.94 1.12 10.94
N MET B 227 23.26 0.05 10.55
CA MET B 227 22.86 -1.01 11.48
C MET B 227 22.56 -2.26 10.68
N THR B 228 22.04 -3.29 11.37
CA THR B 228 21.72 -4.56 10.76
C THR B 228 20.21 -4.75 10.74
N LYS B 229 19.69 -5.29 9.63
CA LYS B 229 18.26 -5.50 9.50
C LYS B 229 17.85 -6.82 10.14
N ASP B 230 16.71 -6.81 10.81
CA ASP B 230 16.19 -7.97 11.52
C ASP B 230 14.88 -8.43 10.89
N ALA B 231 14.63 -9.73 11.00
CA ALA B 231 13.37 -10.34 10.55
C ALA B 231 13.16 -10.11 9.05
N GLU B 232 14.06 -10.68 8.25
CA GLU B 232 13.94 -10.67 6.80
C GLU B 232 13.85 -12.12 6.30
N ARG B 233 12.85 -12.38 5.46
CA ARG B 233 12.58 -13.72 4.97
C ARG B 233 13.41 -14.01 3.71
N GLY B 234 13.81 -15.27 3.58
CA GLY B 234 14.43 -15.75 2.36
C GLY B 234 15.92 -15.51 2.24
N LYS B 235 16.57 -15.03 3.29
CA LYS B 235 18.01 -14.74 3.26
C LYS B 235 18.72 -15.57 4.31
N LEU B 236 19.80 -16.24 3.89
CA LEU B 236 20.61 -17.00 4.84
C LEU B 236 21.48 -16.07 5.68
N LYS B 237 22.05 -15.03 5.07
CA LYS B 237 23.01 -14.16 5.71
C LYS B 237 22.42 -12.78 5.94
N ARG B 238 22.93 -12.11 6.97
CA ARG B 238 22.44 -10.78 7.32
C ARG B 238 23.06 -9.73 6.41
N ARG B 239 22.54 -8.51 6.52
CA ARG B 239 23.01 -7.40 5.70
C ARG B 239 22.78 -6.10 6.46
N ALA B 240 23.41 -5.03 5.97
CA ALA B 240 23.38 -3.73 6.62
C ALA B 240 22.36 -2.81 5.98
N ILE B 241 21.85 -1.87 6.78
CA ILE B 241 20.91 -0.85 6.36
C ILE B 241 21.39 0.49 6.92
N ALA B 242 20.91 1.57 6.33
CA ALA B 242 21.37 2.92 6.64
C ALA B 242 20.21 3.81 7.02
N THR B 243 20.53 4.86 7.77
CA THR B 243 19.57 5.86 8.22
C THR B 243 20.15 7.23 7.92
N PRO B 244 19.45 8.08 7.17
CA PRO B 244 20.01 9.40 6.82
C PRO B 244 19.94 10.40 7.97
N GLY B 245 20.71 11.47 7.82
CA GLY B 245 20.71 12.54 8.79
C GLY B 245 19.64 13.57 8.52
N MET B 246 19.64 14.62 9.37
CA MET B 246 18.60 15.64 9.29
C MET B 246 18.81 16.56 8.10
N GLN B 247 20.07 16.86 7.76
CA GLN B 247 20.34 17.87 6.73
C GLN B 247 19.89 17.41 5.35
N ILE B 248 19.94 16.10 5.08
CA ILE B 248 19.77 15.60 3.72
C ILE B 248 18.34 15.13 3.42
N ARG B 249 17.48 15.05 4.44
N ARG B 249 17.48 15.05 4.42
CA ARG B 249 16.15 14.49 4.23
CA ARG B 249 16.15 14.48 4.21
C ARG B 249 15.32 15.36 3.28
C ARG B 249 15.31 15.35 3.28
N GLY B 250 15.37 16.68 3.44
CA GLY B 250 14.54 17.55 2.61
C GLY B 250 14.93 17.50 1.14
N PHE B 251 16.22 17.54 0.85
CA PHE B 251 16.67 17.49 -0.54
C PHE B 251 16.28 16.17 -1.18
N VAL B 252 16.45 15.06 -0.45
CA VAL B 252 16.05 13.76 -0.97
C VAL B 252 14.56 13.73 -1.21
N TYR B 253 13.79 14.36 -0.32
CA TYR B 253 12.34 14.39 -0.50
C TYR B 253 11.96 15.11 -1.80
N PHE B 254 12.58 16.26 -2.06
CA PHE B 254 12.27 16.98 -3.29
C PHE B 254 12.69 16.18 -4.53
N VAL B 255 13.88 15.57 -4.48
CA VAL B 255 14.33 14.78 -5.62
C VAL B 255 13.39 13.62 -5.87
N GLU B 256 12.93 12.96 -4.81
CA GLU B 256 12.02 11.83 -4.98
C GLU B 256 10.65 12.28 -5.43
N ALA B 257 10.21 13.48 -5.06
CA ALA B 257 8.98 14.01 -5.62
C ALA B 257 9.10 14.18 -7.13
N LEU B 258 10.22 14.73 -7.58
CA LEU B 258 10.45 14.85 -9.02
C LEU B 258 10.45 13.48 -9.70
N ALA B 259 11.15 12.53 -9.10
CA ALA B 259 11.22 11.18 -9.67
C ALA B 259 9.85 10.53 -9.73
N ARG B 260 9.04 10.73 -8.69
CA ARG B 260 7.69 10.20 -8.67
C ARG B 260 6.85 10.81 -9.79
N SER B 261 6.96 12.12 -9.98
CA SER B 261 6.23 12.76 -11.07
C SER B 261 6.63 12.16 -12.41
N ILE B 262 7.93 11.92 -12.61
CA ILE B 262 8.38 11.32 -13.87
C ILE B 262 7.82 9.91 -14.02
N CYS B 263 7.89 9.12 -12.94
CA CYS B 263 7.50 7.72 -13.02
C CYS B 263 5.99 7.57 -13.26
N GLU B 264 5.19 8.51 -12.78
CA GLU B 264 3.76 8.43 -12.98
C GLU B 264 3.37 8.50 -14.46
N LYS B 265 4.28 8.94 -15.33
CA LYS B 265 3.98 9.14 -16.74
C LYS B 265 4.57 8.07 -17.64
N LEU B 266 5.08 6.97 -17.08
CA LEU B 266 5.72 5.91 -17.85
C LEU B 266 4.95 4.61 -17.67
N GLU B 267 4.76 3.90 -18.78
CA GLU B 267 4.03 2.63 -18.74
C GLU B 267 4.87 1.50 -18.17
N GLN B 268 6.18 1.49 -18.43
CA GLN B 268 7.03 0.42 -17.95
C GLN B 268 7.29 0.50 -16.46
N SER B 269 6.99 1.62 -15.82
CA SER B 269 7.32 1.80 -14.41
C SER B 269 6.41 0.96 -13.53
N GLY B 270 7.01 0.21 -12.61
CA GLY B 270 6.29 -0.53 -11.60
C GLY B 270 6.05 0.23 -10.32
N LEU B 271 6.46 1.48 -10.25
CA LEU B 271 6.26 2.36 -9.12
C LEU B 271 5.61 3.65 -9.60
N PRO B 272 4.90 4.37 -8.71
CA PRO B 272 4.60 4.05 -7.32
C PRO B 272 3.22 3.41 -7.14
N VAL B 273 2.90 2.42 -7.96
CA VAL B 273 1.64 1.70 -7.87
C VAL B 273 1.88 0.39 -7.12
N GLY B 274 0.83 -0.10 -6.48
CA GLY B 274 0.96 -1.34 -5.71
C GLY B 274 -0.38 -2.04 -5.58
N GLY B 275 -0.30 -3.30 -5.18
CA GLY B 275 -1.51 -4.07 -4.93
C GLY B 275 -2.27 -4.37 -6.20
N ASN B 276 -3.60 -4.29 -6.10
CA ASN B 276 -4.46 -4.63 -7.23
C ASN B 276 -4.23 -3.70 -8.41
N GLU B 277 -4.05 -2.41 -8.13
CA GLU B 277 -3.79 -1.47 -9.22
C GLU B 277 -2.49 -1.79 -9.94
N LYS B 278 -1.45 -2.14 -9.18
CA LYS B 278 -0.18 -2.54 -9.79
C LYS B 278 -0.35 -3.79 -10.63
N LYS B 279 -1.07 -4.79 -10.11
CA LYS B 279 -1.27 -6.01 -10.87
C LYS B 279 -2.04 -5.73 -12.16
N ALA B 280 -3.07 -4.89 -12.08
CA ALA B 280 -3.82 -4.54 -13.28
C ALA B 280 -2.94 -3.81 -14.30
N LYS B 281 -2.11 -2.87 -13.83
CA LYS B 281 -1.24 -2.16 -14.75
C LYS B 281 -0.24 -3.10 -15.41
N LEU B 282 0.36 -4.00 -14.63
CA LEU B 282 1.33 -4.92 -15.21
C LEU B 282 0.67 -5.85 -16.22
N ALA B 283 -0.54 -6.35 -15.90
CA ALA B 283 -1.24 -7.22 -16.84
C ALA B 283 -1.58 -6.47 -18.12
N ASN B 284 -2.05 -5.23 -18.00
CA ASN B 284 -2.37 -4.45 -19.20
C ASN B 284 -1.14 -4.20 -20.05
N VAL B 285 -0.02 -3.85 -19.41
CA VAL B 285 1.21 -3.57 -20.15
C VAL B 285 1.70 -4.83 -20.85
N VAL B 286 1.68 -5.96 -20.15
CA VAL B 286 2.16 -7.21 -20.74
C VAL B 286 1.27 -7.62 -21.91
N ARG B 287 -0.05 -7.51 -21.77
CA ARG B 287 -0.92 -7.89 -22.87
C ARG B 287 -0.79 -6.95 -24.05
N LYS B 288 -0.56 -5.66 -23.81
CA LYS B 288 -0.31 -4.73 -24.91
C LYS B 288 0.97 -5.10 -25.65
N MET B 289 2.02 -5.44 -24.90
CA MET B 289 3.26 -5.89 -25.54
C MET B 289 3.02 -7.14 -26.37
N MET B 290 2.24 -8.08 -25.84
CA MET B 290 1.94 -9.30 -26.58
C MET B 290 1.18 -9.00 -27.87
N THR B 291 0.19 -8.11 -27.80
CA THR B 291 -0.58 -7.77 -29.00
C THR B 291 0.29 -7.08 -30.03
N ASN B 292 1.16 -6.16 -29.59
CA ASN B 292 2.03 -5.47 -30.54
C ASN B 292 2.99 -6.44 -31.23
N SER B 293 3.32 -7.55 -30.56
CA SER B 293 4.20 -8.53 -31.17
C SER B 293 3.58 -9.10 -32.44
N GLN B 294 4.39 -9.22 -33.48
CA GLN B 294 3.92 -9.81 -34.72
C GLN B 294 3.61 -11.29 -34.51
N ASP B 295 2.77 -11.83 -35.39
CA ASP B 295 2.37 -13.22 -35.28
C ASP B 295 3.39 -14.18 -35.90
N THR B 296 4.47 -13.67 -36.48
CA THR B 296 5.50 -14.49 -37.10
C THR B 296 6.88 -14.15 -36.55
N GLU B 297 6.98 -13.98 -35.24
CA GLU B 297 8.27 -13.72 -34.62
C GLU B 297 8.26 -14.26 -33.20
N LEU B 298 9.39 -14.84 -32.80
CA LEU B 298 9.55 -15.38 -31.46
C LEU B 298 9.53 -14.28 -30.42
N SER B 299 8.91 -14.58 -29.27
CA SER B 299 8.85 -13.70 -28.13
C SER B 299 9.31 -14.47 -26.90
N PHE B 300 10.25 -13.88 -26.15
CA PHE B 300 10.75 -14.48 -24.92
C PHE B 300 10.64 -13.46 -23.79
N THR B 301 10.53 -13.97 -22.57
CA THR B 301 10.48 -13.13 -21.38
C THR B 301 11.60 -13.55 -20.44
N ILE B 302 12.29 -12.56 -19.90
CA ILE B 302 13.39 -12.73 -18.96
C ILE B 302 12.92 -12.23 -17.61
N THR B 303 12.90 -13.12 -16.62
CA THR B 303 12.75 -12.75 -15.23
C THR B 303 14.13 -12.45 -14.69
N GLY B 304 14.42 -11.18 -14.39
CA GLY B 304 15.77 -10.82 -14.07
C GLY B 304 15.97 -10.13 -12.74
N ASP B 305 17.18 -10.21 -12.23
CA ASP B 305 17.61 -9.47 -11.06
C ASP B 305 18.92 -8.77 -11.40
N ASN B 306 19.16 -7.64 -10.75
CA ASN B 306 20.39 -6.89 -10.91
C ASN B 306 21.24 -7.07 -9.66
N THR B 307 22.50 -7.48 -9.86
CA THR B 307 23.39 -7.76 -8.73
C THR B 307 23.94 -6.46 -8.15
N LYS B 308 23.85 -6.33 -6.83
CA LYS B 308 24.37 -5.16 -6.11
C LYS B 308 24.01 -3.87 -6.83
N TRP B 309 22.70 -3.64 -6.98
CA TRP B 309 22.21 -2.46 -7.67
C TRP B 309 22.68 -1.19 -6.99
N ASN B 310 22.49 -1.09 -5.68
CA ASN B 310 22.76 0.14 -4.95
C ASN B 310 24.24 0.39 -4.72
N GLU B 311 25.08 -0.63 -4.80
CA GLU B 311 26.51 -0.45 -4.63
C GLU B 311 27.22 -0.10 -5.93
N ASN B 312 26.52 -0.13 -7.06
CA ASN B 312 27.10 0.24 -8.34
C ASN B 312 26.52 1.53 -8.92
N GLN B 313 25.33 1.95 -8.50
CA GLN B 313 24.82 3.23 -8.92
C GLN B 313 25.58 4.36 -8.22
N ASN B 314 25.92 5.39 -8.98
CA ASN B 314 26.76 6.46 -8.44
C ASN B 314 25.95 7.74 -8.29
N PRO B 315 26.15 8.51 -7.22
CA PRO B 315 25.43 9.79 -7.11
C PRO B 315 25.74 10.76 -8.23
N ARG B 316 26.93 10.70 -8.82
CA ARG B 316 27.28 11.65 -9.88
C ARG B 316 26.41 11.45 -11.11
N MET B 317 26.09 10.21 -11.44
CA MET B 317 25.20 9.95 -12.57
C MET B 317 23.79 10.45 -12.27
N PHE B 318 23.33 10.35 -11.02
CA PHE B 318 22.05 10.95 -10.66
C PHE B 318 22.10 12.47 -10.78
N LEU B 319 23.24 13.08 -10.42
CA LEU B 319 23.39 14.51 -10.64
C LEU B 319 23.28 14.86 -12.11
N ALA B 320 23.91 14.06 -12.97
CA ALA B 320 23.82 14.29 -14.41
C ALA B 320 22.38 14.16 -14.90
N MET B 321 21.68 13.13 -14.43
CA MET B 321 20.29 12.92 -14.85
C MET B 321 19.42 14.09 -14.41
N ILE B 322 19.59 14.55 -13.17
CA ILE B 322 18.80 15.69 -12.69
C ILE B 322 19.13 16.93 -13.50
N THR B 323 20.41 17.14 -13.82
CA THR B 323 20.79 18.30 -14.61
C THR B 323 20.14 18.26 -15.99
N TYR B 324 20.06 17.08 -16.60
CA TYR B 324 19.42 16.99 -17.91
C TYR B 324 17.91 17.16 -17.79
N ILE B 325 17.31 16.68 -16.70
CA ILE B 325 15.86 16.77 -16.55
C ILE B 325 15.43 18.21 -16.34
N THR B 326 16.21 18.99 -15.59
CA THR B 326 15.84 20.34 -15.20
C THR B 326 16.39 21.40 -16.14
N ARG B 327 16.61 21.07 -17.40
CA ARG B 327 17.03 22.08 -18.37
C ARG B 327 15.90 23.07 -18.62
N ASN B 328 16.29 24.32 -18.91
CA ASN B 328 15.33 25.37 -19.22
C ASN B 328 14.36 25.59 -18.06
N GLN B 329 14.89 25.57 -16.85
CA GLN B 329 14.12 25.79 -15.63
C GLN B 329 14.80 26.87 -14.82
N PRO B 330 14.07 27.52 -13.90
CA PRO B 330 14.69 28.55 -13.07
C PRO B 330 15.87 28.00 -12.29
N GLU B 331 16.87 28.86 -12.07
CA GLU B 331 18.12 28.39 -11.48
C GLU B 331 17.91 27.91 -10.05
N TRP B 332 17.03 28.56 -9.29
CA TRP B 332 16.80 28.15 -7.91
C TRP B 332 16.29 26.73 -7.83
N PHE B 333 15.37 26.37 -8.74
CA PHE B 333 14.85 25.00 -8.78
C PHE B 333 15.96 24.01 -9.06
N ARG B 334 16.82 24.32 -10.03
CA ARG B 334 17.92 23.42 -10.36
C ARG B 334 18.87 23.25 -9.19
N ASN B 335 19.17 24.34 -8.47
CA ASN B 335 20.07 24.26 -7.34
C ASN B 335 19.47 23.41 -6.23
N VAL B 336 18.21 23.67 -5.88
CA VAL B 336 17.59 22.93 -4.78
C VAL B 336 17.47 21.46 -5.13
N LEU B 337 17.31 21.13 -6.40
CA LEU B 337 17.29 19.72 -6.79
C LEU B 337 18.69 19.11 -6.82
N SER B 338 19.70 19.88 -7.20
CA SER B 338 21.05 19.36 -7.36
C SER B 338 21.76 19.18 -6.03
N ILE B 339 21.30 19.83 -4.97
CA ILE B 339 22.01 19.71 -3.69
C ILE B 339 22.08 18.27 -3.22
N ALA B 340 21.00 17.50 -3.42
CA ALA B 340 20.96 16.14 -2.88
C ALA B 340 22.06 15.24 -3.42
N PRO B 341 22.23 15.09 -4.74
CA PRO B 341 23.37 14.29 -5.21
C PRO B 341 24.71 14.83 -4.76
N ILE B 342 24.85 16.14 -4.62
CA ILE B 342 26.10 16.71 -4.15
C ILE B 342 26.40 16.24 -2.73
N MET B 343 25.39 16.27 -1.86
CA MET B 343 25.58 15.81 -0.49
C MET B 343 25.80 14.31 -0.43
N PHE B 344 25.21 13.55 -1.36
CA PHE B 344 25.31 12.10 -1.31
C PHE B 344 26.62 11.57 -1.87
N SER B 345 27.31 12.34 -2.71
CA SER B 345 28.61 11.91 -3.22
C SER B 345 29.74 12.22 -2.25
N ASN B 346 29.47 12.95 -1.18
CA ASN B 346 30.46 13.25 -0.14
C ASN B 346 30.02 12.66 1.20
N LYS B 347 29.30 11.55 1.16
CA LYS B 347 28.69 11.00 2.36
C LYS B 347 29.69 10.19 3.18
N MET B 348 29.40 10.08 4.47
CA MET B 348 30.18 9.27 5.40
C MET B 348 29.28 8.17 5.95
N ALA B 349 29.90 7.10 6.42
CA ALA B 349 29.18 5.96 6.98
C ALA B 349 29.66 5.71 8.41
N ARG B 350 28.72 5.69 9.36
CA ARG B 350 29.03 5.29 10.72
C ARG B 350 29.32 3.80 10.77
N LEU B 351 30.35 3.42 11.54
CA LEU B 351 30.76 2.03 11.56
C LEU B 351 29.76 1.15 12.31
N GLY B 352 29.29 1.61 13.48
CA GLY B 352 28.31 0.89 14.24
C GLY B 352 28.69 0.81 15.70
N LYS B 353 28.14 -0.19 16.38
CA LYS B 353 28.40 -0.36 17.81
C LYS B 353 29.87 -0.64 18.08
N GLY B 354 30.50 -1.49 17.25
CA GLY B 354 31.86 -1.92 17.47
C GLY B 354 31.94 -3.44 17.51
N TYR B 355 32.71 -3.95 18.46
CA TYR B 355 32.82 -5.40 18.66
C TYR B 355 32.80 -5.69 20.15
N MET B 356 32.82 -6.98 20.48
CA MET B 356 32.95 -7.42 21.86
C MET B 356 34.07 -8.45 21.94
N PHE B 357 34.86 -8.35 23.00
CA PHE B 357 35.97 -9.28 23.24
C PHE B 357 35.69 -10.11 24.48
N GLU B 358 36.19 -11.33 24.46
CA GLU B 358 35.97 -12.29 25.55
C GLU B 358 37.30 -12.90 25.94
N SER B 359 37.50 -13.07 27.25
CA SER B 359 38.65 -13.76 27.81
C SER B 359 38.14 -14.99 28.55
N LYS B 360 38.51 -16.17 28.05
CA LYS B 360 38.05 -17.43 28.63
C LYS B 360 38.76 -17.73 29.94
N SER B 361 40.08 -17.53 30.00
CA SER B 361 40.82 -17.81 31.22
C SER B 361 40.32 -16.96 32.37
N MET B 362 40.24 -15.65 32.15
CA MET B 362 39.69 -14.75 33.15
C MET B 362 38.16 -14.75 33.17
N LYS B 363 37.54 -15.28 32.12
CA LYS B 363 36.08 -15.35 32.03
C LYS B 363 35.47 -13.95 32.20
N LEU B 364 35.77 -13.08 31.24
CA LEU B 364 35.22 -11.73 31.26
C LEU B 364 34.96 -11.27 29.84
N ARG B 365 34.09 -10.27 29.70
CA ARG B 365 33.71 -9.74 28.40
C ARG B 365 33.75 -8.23 28.42
N THR B 366 34.00 -7.64 27.27
CA THR B 366 34.11 -6.18 27.18
C THR B 366 33.65 -5.72 25.81
N GLN B 367 33.25 -4.44 25.75
CA GLN B 367 32.76 -3.81 24.53
C GLN B 367 33.83 -2.86 24.00
N VAL B 368 34.17 -3.01 22.73
CA VAL B 368 35.17 -2.19 22.05
C VAL B 368 34.43 -1.30 21.06
N PRO B 369 34.36 0.01 21.29
CA PRO B 369 33.63 0.89 20.37
C PRO B 369 34.28 0.97 19.00
N ALA B 370 33.49 1.39 18.03
CA ALA B 370 33.95 1.53 16.66
C ALA B 370 34.83 2.75 16.43
N GLU B 371 34.88 3.69 17.38
CA GLU B 371 35.77 4.83 17.23
C GLU B 371 37.23 4.46 17.47
N MET B 372 37.49 3.30 18.07
CA MET B 372 38.85 2.88 18.33
C MET B 372 39.45 2.03 17.22
N LEU B 373 38.65 1.66 16.21
CA LEU B 373 39.16 0.79 15.16
C LEU B 373 40.28 1.44 14.35
N ALA B 374 40.40 2.75 14.40
CA ALA B 374 41.42 3.44 13.60
C ALA B 374 42.82 3.00 14.03
N ASN B 375 43.07 2.91 15.33
CA ASN B 375 44.41 2.64 15.85
C ASN B 375 44.35 1.61 16.97
N ILE B 376 43.58 0.55 16.76
CA ILE B 376 43.49 -0.58 17.69
C ILE B 376 44.40 -1.69 17.20
N ASP B 377 45.14 -2.31 18.11
CA ASP B 377 45.98 -3.43 17.75
C ASP B 377 45.14 -4.55 17.17
N LEU B 378 45.66 -5.23 16.15
CA LEU B 378 44.91 -6.22 15.40
C LEU B 378 45.11 -7.64 15.91
N LYS B 379 45.72 -7.80 17.08
CA LYS B 379 45.90 -9.15 17.63
C LYS B 379 44.61 -9.73 18.18
N TYR B 380 43.63 -8.90 18.53
CA TYR B 380 42.39 -9.39 19.10
C TYR B 380 41.51 -10.06 18.05
N PHE B 381 41.52 -9.56 16.83
CA PHE B 381 40.54 -9.94 15.82
C PHE B 381 40.97 -11.21 15.09
N ASN B 382 39.98 -11.91 14.54
CA ASN B 382 40.24 -13.07 13.71
C ASN B 382 40.68 -12.62 12.32
N LYS B 383 40.92 -13.59 11.44
CA LYS B 383 41.51 -13.28 10.14
C LYS B 383 40.59 -12.39 9.32
N SER B 384 39.30 -12.73 9.25
CA SER B 384 38.38 -12.00 8.40
C SER B 384 38.21 -10.56 8.87
N THR B 385 37.96 -10.37 10.17
CA THR B 385 37.79 -9.02 10.70
C THR B 385 39.09 -8.23 10.58
N ARG B 386 40.23 -8.89 10.79
CA ARG B 386 41.51 -8.20 10.64
C ARG B 386 41.69 -7.69 9.21
N GLU B 387 41.35 -8.53 8.22
CA GLU B 387 41.44 -8.09 6.83
C GLU B 387 40.49 -6.93 6.56
N LYS B 388 39.26 -7.01 7.07
CA LYS B 388 38.31 -5.92 6.90
C LYS B 388 38.89 -4.62 7.42
N ILE B 389 39.41 -4.64 8.65
CA ILE B 389 39.90 -3.42 9.28
C ILE B 389 41.10 -2.88 8.51
N GLU B 390 42.01 -3.78 8.10
CA GLU B 390 43.17 -3.33 7.34
C GLU B 390 42.76 -2.67 6.04
N LYS B 391 41.79 -3.25 5.33
CA LYS B 391 41.35 -2.65 4.07
C LYS B 391 40.66 -1.32 4.29
N ILE B 392 39.88 -1.18 5.37
CA ILE B 392 39.05 0.00 5.54
C ILE B 392 39.74 1.13 6.29
N ARG B 393 40.88 0.87 6.94
CA ARG B 393 41.52 1.92 7.73
C ARG B 393 41.83 3.18 6.94
N PRO B 394 42.34 3.12 5.71
CA PRO B 394 42.65 4.36 4.98
C PRO B 394 41.46 5.29 4.83
N LEU B 395 40.24 4.77 4.87
CA LEU B 395 39.04 5.54 4.66
C LEU B 395 38.46 6.12 5.95
N LEU B 396 39.04 5.82 7.10
CA LEU B 396 38.43 6.20 8.38
C LEU B 396 38.80 7.64 8.73
N ILE B 397 37.79 8.43 9.06
CA ILE B 397 37.98 9.82 9.47
C ILE B 397 36.91 10.17 10.51
N ASP B 398 37.36 10.65 11.67
CA ASP B 398 36.46 11.17 12.69
C ASP B 398 35.40 10.14 13.07
N GLY B 399 35.82 8.88 13.16
CA GLY B 399 34.94 7.81 13.60
C GLY B 399 34.01 7.26 12.55
N THR B 400 34.10 7.74 11.31
CA THR B 400 33.28 7.25 10.21
C THR B 400 34.19 6.78 9.07
N ALA B 401 33.57 6.29 8.01
CA ALA B 401 34.27 5.81 6.83
C ALA B 401 33.82 6.60 5.61
N SER B 402 34.79 6.94 4.76
CA SER B 402 34.50 7.67 3.54
C SER B 402 33.90 6.72 2.50
N LEU B 403 32.70 7.02 2.05
CA LEU B 403 31.98 6.19 1.07
C LEU B 403 31.40 7.12 0.02
N SER B 404 32.20 7.44 -1.00
CA SER B 404 31.75 8.32 -2.07
C SER B 404 30.88 7.57 -3.08
N PRO B 405 31.35 6.45 -3.65
CA PRO B 405 30.53 5.75 -4.64
C PRO B 405 29.39 4.97 -4.01
N GLY B 406 28.35 4.77 -4.81
CA GLY B 406 27.24 3.92 -4.39
C GLY B 406 26.12 4.69 -3.72
N MET B 407 24.92 4.14 -3.85
CA MET B 407 23.77 4.57 -3.05
C MET B 407 23.64 3.62 -1.87
N MET B 408 23.50 4.17 -0.66
CA MET B 408 23.71 3.34 0.52
C MET B 408 22.72 2.18 0.61
N MET B 409 21.44 2.46 0.85
CA MET B 409 20.46 1.40 1.05
C MET B 409 19.07 1.97 0.89
N GLY B 410 18.33 1.50 -0.12
CA GLY B 410 16.92 1.84 -0.23
C GLY B 410 16.64 3.32 -0.36
N MET B 411 17.45 4.03 -1.13
CA MET B 411 17.25 5.45 -1.37
C MET B 411 17.33 5.72 -2.86
N PHE B 412 16.63 6.76 -3.30
CA PHE B 412 16.53 7.10 -4.71
C PHE B 412 15.96 5.93 -5.53
N ASN B 413 14.97 5.25 -4.95
CA ASN B 413 14.37 4.11 -5.64
C ASN B 413 13.69 4.53 -6.94
N MET B 414 12.99 5.67 -6.92
CA MET B 414 12.25 6.09 -8.10
C MET B 414 13.17 6.65 -9.19
N LEU B 415 14.26 7.31 -8.81
CA LEU B 415 15.23 7.75 -9.81
C LEU B 415 15.93 6.55 -10.45
N SER B 416 16.23 5.53 -9.65
CA SER B 416 16.74 4.28 -10.21
C SER B 416 15.73 3.66 -11.16
N THR B 417 14.44 3.73 -10.80
CA THR B 417 13.40 3.24 -11.69
C THR B 417 13.40 4.01 -13.00
N VAL B 418 13.61 5.33 -12.94
CA VAL B 418 13.66 6.13 -14.15
C VAL B 418 14.83 5.68 -15.03
N LEU B 419 15.99 5.44 -14.43
CA LEU B 419 17.14 5.00 -15.21
C LEU B 419 16.89 3.65 -15.87
N GLY B 420 16.33 2.70 -15.10
CA GLY B 420 16.01 1.40 -15.67
C GLY B 420 14.99 1.50 -16.80
N VAL B 421 13.97 2.35 -16.62
CA VAL B 421 12.96 2.51 -17.66
C VAL B 421 13.56 3.17 -18.89
N SER B 422 14.54 4.06 -18.72
CA SER B 422 15.21 4.63 -19.89
C SER B 422 15.95 3.55 -20.67
N ILE B 423 16.65 2.66 -19.95
CA ILE B 423 17.32 1.57 -20.66
C ILE B 423 16.30 0.68 -21.37
N LEU B 424 15.16 0.43 -20.72
CA LEU B 424 14.10 -0.35 -21.38
C LEU B 424 13.59 0.37 -22.62
N ASN B 425 13.41 1.69 -22.53
CA ASN B 425 12.92 2.47 -23.66
C ASN B 425 13.90 2.42 -24.83
N LEU B 426 15.18 2.26 -24.54
CA LEU B 426 16.17 2.14 -25.62
C LEU B 426 15.95 0.92 -26.51
N GLY B 427 14.97 0.07 -26.20
CA GLY B 427 14.74 -1.14 -26.95
C GLY B 427 13.81 -1.05 -28.13
N GLN B 428 13.31 0.14 -28.45
CA GLN B 428 12.41 0.29 -29.58
C GLN B 428 13.17 0.11 -30.89
N LYS B 429 12.42 -0.27 -31.93
CA LYS B 429 13.06 -0.50 -33.23
C LYS B 429 13.68 0.76 -33.80
N LYS B 430 13.12 1.93 -33.46
CA LYS B 430 13.71 3.18 -33.93
C LYS B 430 15.10 3.41 -33.33
N TYR B 431 15.46 2.70 -32.26
CA TYR B 431 16.76 2.82 -31.63
C TYR B 431 17.65 1.61 -31.85
N THR B 432 17.08 0.40 -31.86
CA THR B 432 17.89 -0.77 -32.15
C THR B 432 18.32 -0.82 -33.60
N LYS B 433 17.47 -0.35 -34.52
CA LYS B 433 17.79 -0.29 -35.94
C LYS B 433 18.09 -1.68 -36.49
N THR B 434 17.32 -2.67 -36.04
CA THR B 434 17.49 -4.04 -36.50
C THR B 434 16.16 -4.76 -36.31
N THR B 435 16.15 -6.07 -36.56
CA THR B 435 14.90 -6.83 -36.59
C THR B 435 14.42 -7.25 -35.20
N TYR B 436 15.23 -7.12 -34.16
CA TYR B 436 14.81 -7.45 -32.81
C TYR B 436 14.51 -6.17 -32.02
N TRP B 437 13.69 -6.32 -30.99
CA TRP B 437 13.38 -5.22 -30.10
C TRP B 437 12.97 -5.78 -28.75
N TRP B 438 12.85 -4.89 -27.76
CA TRP B 438 12.49 -5.32 -26.42
C TRP B 438 11.73 -4.22 -25.69
N ASP B 439 11.00 -4.63 -24.67
CA ASP B 439 10.32 -3.74 -23.74
C ASP B 439 10.23 -4.47 -22.41
N GLY B 440 9.46 -3.95 -21.47
CA GLY B 440 9.21 -4.71 -20.26
C GLY B 440 8.85 -3.81 -19.09
N LEU B 441 9.03 -4.38 -17.91
CA LEU B 441 8.62 -3.77 -16.64
C LEU B 441 9.84 -3.56 -15.76
N GLN B 442 9.92 -2.40 -15.12
CA GLN B 442 10.99 -2.02 -14.22
C GLN B 442 10.40 -1.57 -12.90
N SER B 443 11.02 -1.98 -11.80
CA SER B 443 10.63 -1.52 -10.47
C SER B 443 11.90 -1.42 -9.64
N SER B 444 12.41 -0.20 -9.49
CA SER B 444 13.66 0.02 -8.78
C SER B 444 14.78 -0.78 -9.45
N ASP B 445 15.08 -1.97 -8.94
CA ASP B 445 16.13 -2.82 -9.49
C ASP B 445 15.64 -4.14 -10.03
N ASP B 446 14.37 -4.47 -9.85
CA ASP B 446 13.80 -5.70 -10.40
C ASP B 446 13.21 -5.43 -11.77
N PHE B 447 13.31 -6.42 -12.66
CA PHE B 447 12.84 -6.19 -14.02
C PHE B 447 12.39 -7.48 -14.69
N ALA B 448 11.45 -7.31 -15.61
CA ALA B 448 11.03 -8.35 -16.55
C ALA B 448 11.19 -7.79 -17.94
N LEU B 449 11.82 -8.54 -18.83
CA LEU B 449 12.15 -8.05 -20.16
C LEU B 449 11.55 -8.95 -21.23
N ILE B 450 10.71 -8.38 -22.09
CA ILE B 450 10.13 -9.11 -23.21
C ILE B 450 10.91 -8.74 -24.47
N VAL B 451 11.47 -9.74 -25.13
CA VAL B 451 12.31 -9.57 -26.31
C VAL B 451 11.63 -10.27 -27.48
N ASN B 452 11.44 -9.54 -28.58
CA ASN B 452 10.85 -10.09 -29.80
C ASN B 452 11.88 -10.06 -30.92
N ALA B 453 11.99 -11.17 -31.64
CA ALA B 453 12.92 -11.27 -32.76
C ALA B 453 12.44 -12.34 -33.71
N PRO B 454 12.80 -12.26 -35.00
CA PRO B 454 12.31 -13.27 -35.95
C PRO B 454 12.75 -14.70 -35.65
N ASN B 455 13.95 -14.90 -35.09
CA ASN B 455 14.47 -16.22 -34.83
C ASN B 455 15.26 -16.21 -33.53
N HIS B 456 15.82 -17.38 -33.18
CA HIS B 456 16.53 -17.51 -31.91
C HIS B 456 17.80 -16.66 -31.88
N GLU B 457 18.52 -16.60 -32.99
CA GLU B 457 19.72 -15.76 -33.02
C GLU B 457 19.38 -14.30 -32.77
N GLY B 458 18.21 -13.86 -33.26
CA GLY B 458 17.76 -12.51 -32.94
C GLY B 458 17.51 -12.33 -31.46
N ILE B 459 16.94 -13.34 -30.80
CA ILE B 459 16.72 -13.27 -29.37
C ILE B 459 18.06 -13.15 -28.65
N GLN B 460 19.04 -13.95 -29.06
CA GLN B 460 20.36 -13.89 -28.43
C GLN B 460 20.99 -12.51 -28.62
N ALA B 461 20.90 -11.97 -29.85
CA ALA B 461 21.48 -10.66 -30.12
C ALA B 461 20.81 -9.58 -29.28
N GLY B 462 19.49 -9.63 -29.17
CA GLY B 462 18.78 -8.64 -28.36
C GLY B 462 19.15 -8.73 -26.90
N VAL B 463 19.23 -9.95 -26.37
CA VAL B 463 19.62 -10.11 -24.96
C VAL B 463 21.03 -9.58 -24.73
N ASP B 464 21.95 -9.89 -25.64
CA ASP B 464 23.32 -9.40 -25.50
C ASP B 464 23.38 -7.89 -25.56
N ARG B 465 22.65 -7.28 -26.49
CA ARG B 465 22.68 -5.82 -26.59
C ARG B 465 22.08 -5.17 -25.36
N PHE B 466 20.99 -5.72 -24.83
CA PHE B 466 20.42 -5.20 -23.60
C PHE B 466 21.42 -5.30 -22.45
N TYR B 467 22.09 -6.45 -22.34
CA TYR B 467 23.07 -6.65 -21.27
C TYR B 467 24.20 -5.64 -21.37
N ARG B 468 24.74 -5.43 -22.58
CA ARG B 468 25.87 -4.53 -22.73
C ARG B 468 25.45 -3.07 -22.53
N THR B 469 24.27 -2.70 -23.02
CA THR B 469 23.79 -1.34 -22.79
C THR B 469 23.59 -1.08 -21.30
N CYS B 470 23.07 -2.06 -20.57
CA CYS B 470 23.00 -1.92 -19.11
C CYS B 470 24.39 -1.77 -18.51
N LYS B 471 25.36 -2.54 -19.00
CA LYS B 471 26.73 -2.41 -18.51
C LYS B 471 27.25 -1.00 -18.70
N LEU B 472 26.88 -0.35 -19.81
CA LEU B 472 27.39 1.00 -20.08
C LEU B 472 26.94 1.99 -19.02
N VAL B 473 25.74 1.81 -18.46
CA VAL B 473 25.19 2.77 -17.51
C VAL B 473 25.38 2.26 -16.08
N GLY B 474 26.25 1.27 -15.89
CA GLY B 474 26.55 0.78 -14.56
C GLY B 474 25.51 -0.14 -13.98
N ILE B 475 24.77 -0.87 -14.81
CA ILE B 475 23.75 -1.81 -14.36
C ILE B 475 24.18 -3.21 -14.76
N ASN B 476 24.27 -4.10 -13.77
CA ASN B 476 24.75 -5.47 -13.97
C ASN B 476 23.59 -6.44 -13.79
N MET B 477 23.31 -7.22 -14.83
CA MET B 477 22.24 -8.22 -14.76
C MET B 477 22.74 -9.45 -14.04
N SER B 478 22.06 -9.83 -12.97
CA SER B 478 22.43 -11.02 -12.20
C SER B 478 22.23 -12.25 -13.07
N LYS B 479 23.32 -12.91 -13.44
CA LYS B 479 23.22 -14.06 -14.33
C LYS B 479 22.70 -15.30 -13.61
N LYS B 480 23.10 -15.49 -12.35
CA LYS B 480 22.71 -16.69 -11.63
C LYS B 480 21.31 -16.62 -11.05
N LYS B 481 20.71 -15.43 -10.98
CA LYS B 481 19.34 -15.27 -10.48
C LYS B 481 18.36 -14.91 -11.58
N SER B 482 18.81 -14.74 -12.82
CA SER B 482 17.95 -14.39 -13.94
C SER B 482 17.77 -15.59 -14.85
N TYR B 483 16.59 -15.69 -15.46
CA TYR B 483 16.36 -16.76 -16.42
C TYR B 483 15.39 -16.27 -17.49
N ILE B 484 15.25 -17.07 -18.54
CA ILE B 484 14.50 -16.68 -19.73
C ILE B 484 13.67 -17.87 -20.20
N ASN B 485 12.44 -17.60 -20.62
CA ASN B 485 11.58 -18.63 -21.18
C ASN B 485 10.69 -17.98 -22.23
N ARG B 486 9.77 -18.76 -22.79
CA ARG B 486 8.81 -18.21 -23.73
C ARG B 486 7.81 -17.32 -23.01
N THR B 487 7.35 -16.29 -23.71
CA THR B 487 6.41 -15.34 -23.11
C THR B 487 5.14 -16.06 -22.69
N GLY B 488 4.68 -15.74 -21.48
CA GLY B 488 3.49 -16.36 -20.94
C GLY B 488 3.57 -16.64 -19.46
N THR B 489 4.77 -16.79 -18.93
CA THR B 489 4.98 -16.95 -17.50
C THR B 489 6.23 -16.19 -17.10
N PHE B 490 6.20 -15.59 -15.91
CA PHE B 490 7.36 -14.90 -15.37
C PHE B 490 7.09 -14.56 -13.90
N GLU B 491 8.06 -13.89 -13.29
CA GLU B 491 7.95 -13.44 -11.91
C GLU B 491 8.47 -12.01 -11.84
N PHE B 492 7.77 -11.17 -11.09
CA PHE B 492 8.13 -9.76 -10.99
C PHE B 492 7.73 -9.24 -9.62
N THR B 493 8.72 -8.78 -8.85
CA THR B 493 8.49 -8.20 -7.54
C THR B 493 7.65 -9.12 -6.65
N SER B 494 7.96 -10.41 -6.72
CA SER B 494 7.33 -11.45 -5.91
C SER B 494 5.91 -11.77 -6.36
N PHE B 495 5.50 -11.28 -7.53
CA PHE B 495 4.24 -11.67 -8.14
C PHE B 495 4.53 -12.69 -9.23
N PHE B 496 3.81 -13.81 -9.19
CA PHE B 496 4.04 -14.92 -10.12
C PHE B 496 2.95 -14.88 -11.18
N TYR B 497 3.34 -14.56 -12.40
CA TYR B 497 2.42 -14.46 -13.53
C TYR B 497 2.47 -15.75 -14.32
N ARG B 498 1.33 -16.44 -14.40
CA ARG B 498 1.15 -17.63 -15.23
C ARG B 498 -0.10 -17.40 -16.06
N TYR B 499 0.06 -16.71 -17.20
CA TYR B 499 -1.08 -16.29 -18.01
C TYR B 499 -2.02 -15.41 -17.22
N GLY B 500 -1.49 -14.73 -16.21
CA GLY B 500 -2.27 -13.94 -15.27
C GLY B 500 -1.69 -14.18 -13.90
N PHE B 501 -1.73 -13.15 -13.07
CA PHE B 501 -1.17 -13.24 -11.73
C PHE B 501 -1.95 -14.25 -10.90
N VAL B 502 -1.23 -15.02 -10.09
CA VAL B 502 -1.81 -16.07 -9.27
C VAL B 502 -1.83 -15.59 -7.82
N ALA B 503 -2.72 -16.20 -7.03
CA ALA B 503 -2.83 -15.87 -5.63
C ALA B 503 -1.70 -16.50 -4.83
N ASN B 504 -1.30 -15.82 -3.75
CA ASN B 504 -0.24 -16.30 -2.86
C ASN B 504 -0.68 -15.98 -1.44
N PHE B 505 -1.27 -16.97 -0.77
CA PHE B 505 -1.82 -16.75 0.56
C PHE B 505 -0.75 -16.71 1.64
N SER B 506 0.34 -17.48 1.49
CA SER B 506 1.33 -17.57 2.54
C SER B 506 2.01 -16.23 2.79
N MET B 507 2.07 -15.36 1.79
CA MET B 507 2.73 -14.06 1.96
C MET B 507 2.01 -13.21 3.00
N GLU B 508 0.68 -13.22 2.98
CA GLU B 508 -0.11 -12.45 3.93
C GLU B 508 -0.42 -13.21 5.21
N LEU B 509 -0.03 -14.49 5.28
CA LEU B 509 -0.40 -15.30 6.44
C LEU B 509 0.04 -14.70 7.77
N PRO B 510 1.24 -14.12 7.90
CA PRO B 510 1.63 -13.56 9.20
C PRO B 510 0.69 -12.49 9.71
N SER B 511 -0.10 -11.85 8.85
CA SER B 511 -1.04 -10.84 9.31
C SER B 511 -2.18 -11.45 10.12
N PHE B 512 -2.48 -12.72 9.95
CA PHE B 512 -3.48 -13.38 10.76
C PHE B 512 -3.00 -13.50 12.19
N GLY B 513 -3.88 -13.19 13.15
CA GLY B 513 -3.55 -13.25 14.55
C GLY B 513 -4.06 -12.02 15.27
N VAL B 514 -3.42 -11.73 16.41
CA VAL B 514 -3.82 -10.63 17.28
C VAL B 514 -2.82 -9.50 17.10
N SER B 515 -3.32 -8.32 16.73
CA SER B 515 -2.43 -7.20 16.43
C SER B 515 -1.70 -6.72 17.67
N GLY B 516 -2.42 -6.54 18.78
CA GLY B 516 -1.80 -6.06 20.00
C GLY B 516 -2.00 -4.58 20.23
N ILE B 517 -3.16 -4.06 19.84
CA ILE B 517 -3.51 -2.66 20.06
C ILE B 517 -4.37 -2.59 21.31
N ASN B 518 -5.52 -3.23 21.26
CA ASN B 518 -6.40 -3.43 22.42
C ASN B 518 -7.49 -4.39 21.96
N GLU B 519 -8.44 -4.65 22.85
CA GLU B 519 -9.44 -5.68 22.59
C GLU B 519 -10.29 -5.32 21.37
N SER B 520 -10.86 -4.12 21.35
CA SER B 520 -11.75 -3.73 20.26
C SER B 520 -11.00 -3.70 18.93
N ALA B 521 -9.85 -3.02 18.91
CA ALA B 521 -9.09 -2.90 17.68
C ALA B 521 -8.63 -4.26 17.18
N ASP B 522 -8.23 -5.15 18.09
CA ASP B 522 -7.78 -6.47 17.66
C ASP B 522 -8.91 -7.28 17.07
N MET B 523 -10.10 -7.24 17.68
CA MET B 523 -11.24 -7.93 17.09
C MET B 523 -11.53 -7.42 15.68
N SER B 524 -11.57 -6.09 15.54
CA SER B 524 -11.85 -5.50 14.23
C SER B 524 -10.79 -5.92 13.21
N VAL B 525 -9.52 -5.87 13.60
CA VAL B 525 -8.44 -6.21 12.68
C VAL B 525 -8.55 -7.66 12.25
N GLY B 526 -8.83 -8.57 13.18
CA GLY B 526 -8.93 -9.97 12.81
C GLY B 526 -10.03 -10.23 11.80
N VAL B 527 -11.23 -9.72 12.08
CA VAL B 527 -12.34 -9.96 11.16
C VAL B 527 -12.07 -9.31 9.82
N THR B 528 -11.52 -8.09 9.82
CA THR B 528 -11.27 -7.39 8.57
C THR B 528 -10.19 -8.11 7.75
N VAL B 529 -9.18 -8.65 8.41
CA VAL B 529 -8.14 -9.38 7.69
C VAL B 529 -8.73 -10.62 7.03
N ILE B 530 -9.59 -11.36 7.75
CA ILE B 530 -10.22 -12.52 7.14
C ILE B 530 -11.03 -12.09 5.91
N LYS B 531 -11.81 -11.02 6.05
CA LYS B 531 -12.63 -10.55 4.94
C LYS B 531 -11.78 -10.15 3.73
N ASN B 532 -10.71 -9.37 3.99
CA ASN B 532 -9.88 -8.89 2.90
C ASN B 532 -9.17 -10.04 2.19
N ASN B 533 -8.72 -11.04 2.93
CA ASN B 533 -8.08 -12.18 2.30
C ASN B 533 -9.08 -13.03 1.53
N MET B 534 -10.35 -13.05 1.95
CA MET B 534 -11.37 -13.65 1.12
C MET B 534 -11.50 -12.89 -0.20
N ILE B 535 -11.47 -11.57 -0.14
CA ILE B 535 -11.68 -10.76 -1.34
C ILE B 535 -10.48 -10.89 -2.30
N ASN B 536 -9.26 -10.92 -1.76
CA ASN B 536 -8.06 -10.74 -2.57
C ASN B 536 -7.27 -12.02 -2.81
N ASN B 537 -6.99 -12.81 -1.77
CA ASN B 537 -6.08 -13.93 -1.88
C ASN B 537 -6.78 -15.27 -2.07
N ASP B 538 -8.04 -15.26 -2.51
CA ASP B 538 -8.77 -16.48 -2.83
C ASP B 538 -8.89 -17.40 -1.61
N LEU B 539 -9.14 -16.81 -0.45
CA LEU B 539 -9.41 -17.59 0.75
C LEU B 539 -10.86 -18.06 0.72
N GLY B 540 -11.06 -19.38 0.75
CA GLY B 540 -12.36 -19.95 0.56
C GLY B 540 -13.29 -19.76 1.75
N PRO B 541 -14.57 -20.11 1.58
CA PRO B 541 -15.54 -19.91 2.67
C PRO B 541 -15.28 -20.76 3.90
N ALA B 542 -15.07 -22.06 3.69
CA ALA B 542 -14.81 -22.95 4.81
C ALA B 542 -13.53 -22.58 5.53
N THR B 543 -12.48 -22.28 4.79
CA THR B 543 -11.24 -21.84 5.42
C THR B 543 -11.42 -20.50 6.11
N ALA B 544 -12.29 -19.63 5.58
CA ALA B 544 -12.59 -18.38 6.28
C ALA B 544 -13.26 -18.65 7.62
N GLN B 545 -14.20 -19.59 7.66
CA GLN B 545 -14.85 -19.93 8.92
C GLN B 545 -13.86 -20.51 9.92
N MET B 546 -12.99 -21.40 9.45
CA MET B 546 -11.98 -21.98 10.34
C MET B 546 -11.00 -20.91 10.83
N ALA B 547 -10.64 -19.96 9.96
CA ALA B 547 -9.79 -18.86 10.37
C ALA B 547 -10.47 -18.01 11.44
N LEU B 548 -11.77 -17.78 11.29
CA LEU B 548 -12.51 -17.06 12.31
C LEU B 548 -12.47 -17.80 13.64
N GLN B 549 -12.69 -19.12 13.62
CA GLN B 549 -12.65 -19.89 14.84
C GLN B 549 -11.26 -19.82 15.50
N LEU B 550 -10.21 -19.98 14.71
CA LEU B 550 -8.86 -19.92 15.24
C LEU B 550 -8.54 -18.54 15.81
N PHE B 551 -8.98 -17.49 15.12
CA PHE B 551 -8.74 -16.13 15.62
C PHE B 551 -9.45 -15.90 16.94
N ILE B 552 -10.70 -16.36 17.05
CA ILE B 552 -11.42 -16.16 18.31
C ILE B 552 -10.74 -16.92 19.43
N LYS B 553 -10.23 -18.13 19.14
CA LYS B 553 -9.51 -18.88 20.16
C LYS B 553 -8.27 -18.13 20.63
N ASP B 554 -7.47 -17.64 19.67
CA ASP B 554 -6.25 -16.90 20.03
C ASP B 554 -6.59 -15.64 20.80
N TYR B 555 -7.65 -14.94 20.38
CA TYR B 555 -8.08 -13.72 21.05
C TYR B 555 -8.45 -14.00 22.50
N ARG B 556 -9.26 -15.04 22.72
CA ARG B 556 -9.68 -15.37 24.08
C ARG B 556 -8.49 -15.75 24.94
N TYR B 557 -7.55 -16.52 24.39
CA TYR B 557 -6.39 -16.90 25.19
C TYR B 557 -5.50 -15.71 25.49
N THR B 558 -5.34 -14.80 24.53
CA THR B 558 -4.46 -13.65 24.75
C THR B 558 -5.05 -12.69 25.79
N TYR B 559 -6.35 -12.41 25.72
CA TYR B 559 -6.96 -11.40 26.56
C TYR B 559 -7.67 -11.98 27.78
N ARG B 560 -7.54 -13.29 28.02
CA ARG B 560 -8.14 -13.91 29.20
C ARG B 560 -9.64 -13.67 29.27
N CYS B 561 -10.30 -13.68 28.11
CA CYS B 561 -11.71 -13.36 28.04
C CYS B 561 -12.52 -14.57 27.57
N HIS B 562 -12.23 -15.74 28.12
CA HIS B 562 -12.98 -16.93 27.77
C HIS B 562 -14.45 -16.76 28.18
N ARG B 563 -15.31 -17.58 27.60
CA ARG B 563 -16.74 -17.46 27.85
C ARG B 563 -17.04 -17.61 29.33
N GLY B 564 -18.02 -16.83 29.80
CA GLY B 564 -18.35 -16.83 31.22
C GLY B 564 -18.88 -18.15 31.72
N ASP B 565 -19.42 -18.99 30.84
CA ASP B 565 -19.97 -20.28 31.23
C ASP B 565 -18.93 -21.40 31.16
N THR B 566 -17.65 -21.07 31.24
CA THR B 566 -16.57 -22.04 31.28
C THR B 566 -15.89 -21.99 32.64
N GLN B 567 -14.97 -22.93 32.85
CA GLN B 567 -14.21 -23.01 34.09
C GLN B 567 -12.71 -22.94 33.82
N ILE B 568 -12.30 -22.01 32.96
CA ILE B 568 -10.88 -21.76 32.74
C ILE B 568 -10.36 -20.88 33.87
N GLN B 569 -9.28 -21.31 34.50
CA GLN B 569 -8.73 -20.60 35.65
C GLN B 569 -7.85 -19.46 35.16
N THR B 570 -8.30 -18.22 35.39
CA THR B 570 -7.51 -17.04 35.10
C THR B 570 -7.84 -15.98 36.13
N ARG B 571 -6.95 -15.00 36.27
CA ARG B 571 -7.19 -13.92 37.23
C ARG B 571 -8.43 -13.11 36.87
N ARG B 572 -8.85 -13.14 35.60
CA ARG B 572 -9.99 -12.38 35.13
C ARG B 572 -11.28 -13.19 35.11
N ALA B 573 -11.23 -14.47 35.48
CA ALA B 573 -12.40 -15.33 35.33
C ALA B 573 -13.51 -14.99 36.31
N PHE B 574 -13.16 -14.54 37.52
CA PHE B 574 -14.18 -14.25 38.52
C PHE B 574 -15.09 -13.11 38.09
N GLU B 575 -14.50 -12.01 37.61
CA GLU B 575 -15.29 -10.87 37.17
C GLU B 575 -16.17 -11.25 35.98
N LEU B 576 -15.61 -11.98 35.03
CA LEU B 576 -16.40 -12.41 33.87
C LEU B 576 -17.54 -13.31 34.29
N LYS B 577 -17.30 -14.20 35.26
CA LYS B 577 -18.37 -15.07 35.73
C LYS B 577 -19.48 -14.28 36.40
N LYS B 578 -19.12 -13.29 37.22
CA LYS B 578 -20.14 -12.45 37.84
C LYS B 578 -20.94 -11.70 36.80
N LEU B 579 -20.26 -11.11 35.81
CA LEU B 579 -20.96 -10.39 34.75
C LEU B 579 -21.87 -11.31 33.96
N TRP B 580 -21.41 -12.52 33.68
CA TRP B 580 -22.23 -13.50 32.97
C TRP B 580 -23.48 -13.86 33.77
N GLU B 581 -23.33 -14.06 35.07
CA GLU B 581 -24.47 -14.45 35.89
C GLU B 581 -25.48 -13.31 36.03
N GLN B 582 -25.01 -12.07 36.14
CA GLN B 582 -25.92 -10.95 36.32
C GLN B 582 -26.59 -10.50 35.03
N THR B 583 -26.19 -11.04 33.89
CA THR B 583 -26.72 -10.60 32.59
C THR B 583 -27.85 -11.50 32.15
N ARG B 584 -28.87 -10.89 31.54
CA ARG B 584 -30.04 -11.62 31.07
C ARG B 584 -29.89 -12.03 29.59
N SER B 585 -29.43 -11.10 28.76
CA SER B 585 -29.18 -11.38 27.35
C SER B 585 -27.70 -11.69 27.18
N LYS B 586 -27.38 -12.96 26.98
CA LYS B 586 -25.98 -13.37 26.87
C LYS B 586 -25.39 -12.98 25.52
N ALA B 587 -26.18 -13.11 24.45
CA ALA B 587 -25.66 -12.83 23.12
C ALA B 587 -25.22 -11.38 22.97
N GLY B 588 -25.73 -10.48 23.80
CA GLY B 588 -25.35 -9.08 23.71
C GLY B 588 -23.97 -8.80 24.26
N LEU B 589 -23.42 -9.69 25.08
CA LEU B 589 -22.09 -9.48 25.64
C LEU B 589 -21.03 -9.60 24.55
N LEU B 590 -20.02 -8.74 24.62
CA LEU B 590 -18.88 -8.85 23.72
C LEU B 590 -18.03 -10.06 24.10
N VAL B 591 -17.19 -10.48 23.15
CA VAL B 591 -16.23 -11.54 23.46
C VAL B 591 -15.28 -11.08 24.55
N SER B 592 -14.95 -9.80 24.57
CA SER B 592 -14.10 -9.25 25.63
C SER B 592 -14.76 -9.36 27.00
N ASP B 593 -16.09 -9.47 27.05
CA ASP B 593 -16.82 -9.63 28.29
C ASP B 593 -17.28 -11.06 28.52
N GLY B 594 -16.70 -12.02 27.81
CA GLY B 594 -17.07 -13.41 27.97
C GLY B 594 -18.29 -13.83 27.19
N GLY B 595 -18.73 -13.03 26.22
CA GLY B 595 -19.89 -13.37 25.44
C GLY B 595 -19.58 -14.35 24.33
N PRO B 596 -20.62 -14.72 23.60
CA PRO B 596 -20.45 -15.67 22.49
C PRO B 596 -20.02 -14.98 21.21
N ASN B 597 -19.67 -15.79 20.23
CA ASN B 597 -19.24 -15.33 18.91
C ASN B 597 -20.42 -15.38 17.96
N LEU B 598 -20.76 -14.24 17.36
CA LEU B 598 -21.88 -14.13 16.44
C LEU B 598 -21.43 -13.88 15.00
N TYR B 599 -20.13 -13.98 14.73
CA TYR B 599 -19.61 -13.69 13.40
C TYR B 599 -19.75 -14.90 12.49
N ASN B 600 -20.05 -14.63 11.22
CA ASN B 600 -20.00 -15.63 10.16
C ASN B 600 -19.59 -14.90 8.89
N ILE B 601 -19.71 -15.58 7.75
CA ILE B 601 -19.24 -15.00 6.50
C ILE B 601 -20.02 -13.73 6.17
N ARG B 602 -21.33 -13.75 6.35
CA ARG B 602 -22.17 -12.67 5.86
C ARG B 602 -21.95 -11.36 6.60
N ASN B 603 -21.49 -11.40 7.84
CA ASN B 603 -21.39 -10.20 8.68
C ASN B 603 -19.96 -9.98 9.15
N LEU B 604 -18.98 -10.24 8.31
CA LEU B 604 -17.59 -9.93 8.63
C LEU B 604 -17.28 -8.44 8.48
N HIS B 605 -18.14 -7.68 7.81
CA HIS B 605 -17.89 -6.27 7.53
C HIS B 605 -18.53 -5.34 8.54
N ILE B 606 -19.11 -5.87 9.61
CA ILE B 606 -19.83 -5.05 10.59
C ILE B 606 -19.08 -5.04 11.90
N PRO B 607 -18.96 -3.90 12.58
CA PRO B 607 -18.31 -3.88 13.89
C PRO B 607 -19.05 -4.75 14.90
N GLU B 608 -18.29 -5.30 15.84
CA GLU B 608 -18.88 -6.22 16.82
C GLU B 608 -19.92 -5.52 17.68
N VAL B 609 -19.61 -4.31 18.17
CA VAL B 609 -20.54 -3.61 19.04
C VAL B 609 -21.82 -3.26 18.29
N CYS B 610 -21.69 -2.82 17.04
CA CYS B 610 -22.86 -2.54 16.24
C CYS B 610 -23.60 -3.82 15.86
N LEU B 611 -22.88 -4.93 15.71
CA LEU B 611 -23.50 -6.17 15.30
C LEU B 611 -24.52 -6.66 16.33
N LYS B 612 -24.19 -6.55 17.61
CA LYS B 612 -25.04 -7.04 18.69
C LYS B 612 -25.56 -5.91 19.57
N TRP B 613 -25.77 -4.72 18.98
CA TRP B 613 -26.30 -3.60 19.74
C TRP B 613 -27.72 -3.88 20.22
N GLU B 614 -28.53 -4.50 19.39
CA GLU B 614 -29.93 -4.78 19.70
C GLU B 614 -30.10 -6.05 20.53
N LEU B 615 -29.05 -6.51 21.20
CA LEU B 615 -29.13 -7.63 22.12
C LEU B 615 -28.58 -7.30 23.50
N MET B 616 -28.13 -6.08 23.74
CA MET B 616 -27.50 -5.72 24.99
C MET B 616 -28.53 -5.24 26.00
N ASP B 617 -28.33 -5.61 27.25
CA ASP B 617 -29.14 -5.08 28.34
C ASP B 617 -28.88 -3.58 28.49
N GLU B 618 -29.92 -2.86 28.91
CA GLU B 618 -29.78 -1.40 29.02
C GLU B 618 -28.68 -1.03 30.00
N ASP B 619 -28.64 -1.68 31.16
CA ASP B 619 -27.62 -1.33 32.15
C ASP B 619 -26.22 -1.69 31.64
N TYR B 620 -26.06 -2.88 31.08
CA TYR B 620 -24.76 -3.26 30.53
C TYR B 620 -24.36 -2.35 29.37
N GLN B 621 -25.31 -2.03 28.50
CA GLN B 621 -25.02 -1.16 27.38
C GLN B 621 -24.59 0.22 27.85
N GLY B 622 -25.27 0.76 28.86
CA GLY B 622 -24.90 2.06 29.38
C GLY B 622 -23.55 2.05 30.07
N ARG B 623 -23.26 1.02 30.84
CA ARG B 623 -21.95 0.92 31.48
C ARG B 623 -20.84 0.80 30.44
N LEU B 624 -21.08 0.00 29.40
CA LEU B 624 -20.07 -0.18 28.36
C LEU B 624 -19.77 1.13 27.66
N CYS B 625 -20.80 1.81 27.16
CA CYS B 625 -20.64 3.09 26.47
C CYS B 625 -20.95 4.25 27.42
N ASN B 626 -20.13 4.38 28.46
CA ASN B 626 -20.25 5.47 29.42
C ASN B 626 -19.11 6.46 29.19
N PRO B 627 -19.39 7.70 28.79
CA PRO B 627 -18.28 8.62 28.47
C PRO B 627 -17.34 8.85 29.63
N MET B 628 -17.81 8.74 30.87
CA MET B 628 -16.97 8.98 32.04
C MET B 628 -16.28 7.71 32.52
N ASN B 629 -15.61 7.00 31.62
CA ASN B 629 -14.86 5.80 31.96
C ASN B 629 -13.37 6.14 31.98
N PRO B 630 -12.66 5.94 33.09
CA PRO B 630 -11.26 6.38 33.15
C PRO B 630 -10.33 5.65 32.20
N PHE B 631 -10.80 4.64 31.48
CA PHE B 631 -9.96 3.94 30.53
C PHE B 631 -9.83 4.68 29.20
N VAL B 632 -10.57 5.77 29.02
CA VAL B 632 -10.44 6.64 27.87
C VAL B 632 -10.51 8.08 28.37
N SER B 633 -9.66 8.94 27.84
CA SER B 633 -9.53 10.30 28.35
C SER B 633 -10.82 11.09 28.17
N HIS B 634 -10.85 12.31 28.72
CA HIS B 634 -12.02 13.17 28.64
C HIS B 634 -11.60 14.53 28.09
N LYS B 635 -12.52 15.15 27.35
CA LYS B 635 -12.29 16.48 26.83
C LYS B 635 -12.59 17.51 27.91
N GLU B 636 -12.40 18.79 27.58
CA GLU B 636 -12.53 19.87 28.55
C GLU B 636 -13.52 20.95 28.13
N ILE B 637 -14.19 20.80 26.98
CA ILE B 637 -15.17 21.81 26.58
C ILE B 637 -16.24 21.92 27.66
N ASP B 638 -16.59 23.15 28.01
CA ASP B 638 -17.43 23.40 29.18
C ASP B 638 -16.75 22.81 30.40
N SER B 639 -17.16 21.61 30.82
CA SER B 639 -16.44 20.84 31.83
C SER B 639 -15.88 19.55 31.25
N VAL B 640 -16.73 18.71 30.67
CA VAL B 640 -16.30 17.46 30.04
C VAL B 640 -17.34 17.09 28.99
N ASN B 641 -16.88 16.69 27.81
CA ASN B 641 -17.80 16.30 26.73
C ASN B 641 -18.38 14.94 27.08
N ASN B 642 -19.53 14.95 27.75
CA ASN B 642 -20.18 13.72 28.21
C ASN B 642 -21.24 13.28 27.21
N ALA B 643 -20.80 13.06 25.97
CA ALA B 643 -21.69 12.60 24.90
C ALA B 643 -21.32 11.20 24.43
N VAL B 644 -20.08 11.00 23.98
CA VAL B 644 -19.63 9.70 23.48
C VAL B 644 -18.27 9.40 24.10
N VAL B 645 -17.92 8.12 24.17
CA VAL B 645 -16.58 7.74 24.59
C VAL B 645 -15.63 8.19 23.50
N MET B 646 -14.76 9.14 23.82
CA MET B 646 -13.83 9.71 22.85
C MET B 646 -12.40 9.54 23.34
N PRO B 647 -11.47 9.17 22.45
CA PRO B 647 -10.07 9.00 22.86
C PRO B 647 -9.43 10.29 23.33
N SER B 654 -6.70 8.88 15.88
CA SER B 654 -5.96 7.72 16.37
C SER B 654 -6.87 6.51 16.56
N MET B 655 -8.08 6.59 16.00
CA MET B 655 -9.06 5.50 16.11
C MET B 655 -9.00 4.63 14.87
N GLU B 656 -7.86 3.98 14.68
CA GLU B 656 -7.68 3.05 13.58
C GLU B 656 -8.23 1.68 13.97
N TYR B 657 -9.04 1.11 13.09
CA TYR B 657 -9.66 -0.19 13.31
C TYR B 657 -10.56 -0.21 14.55
N ASP B 658 -10.95 0.95 15.04
CA ASP B 658 -11.81 1.07 16.22
C ASP B 658 -12.91 2.06 15.89
N ALA B 659 -14.00 1.56 15.32
CA ALA B 659 -15.08 2.43 14.86
C ALA B 659 -15.77 3.10 16.04
N VAL B 660 -16.17 2.33 17.04
CA VAL B 660 -16.89 2.83 18.20
C VAL B 660 -16.02 2.59 19.42
N ALA B 661 -15.72 3.66 20.16
CA ALA B 661 -14.89 3.54 21.36
C ALA B 661 -15.74 3.11 22.54
N THR B 662 -15.27 2.09 23.25
CA THR B 662 -15.93 1.61 24.46
C THR B 662 -14.90 1.52 25.58
N THR B 663 -15.27 0.92 26.70
CA THR B 663 -14.32 0.74 27.79
C THR B 663 -13.21 -0.23 27.44
N HIS B 664 -13.34 -0.96 26.33
CA HIS B 664 -12.32 -1.90 25.88
C HIS B 664 -11.30 -1.26 24.95
N SER B 665 -11.35 0.06 24.77
CA SER B 665 -10.37 0.79 23.98
C SER B 665 -9.25 1.36 24.84
N TRP B 666 -8.92 0.70 25.94
CA TRP B 666 -7.87 1.17 26.84
C TRP B 666 -6.53 1.22 26.12
N ILE B 667 -5.55 1.82 26.79
CA ILE B 667 -4.21 2.03 26.25
C ILE B 667 -3.22 1.34 27.18
N PRO B 668 -2.29 0.54 26.66
CA PRO B 668 -1.33 -0.14 27.53
C PRO B 668 -0.18 0.77 27.95
N LYS B 669 0.64 0.25 28.85
CA LYS B 669 1.73 1.01 29.44
C LYS B 669 2.78 1.33 28.38
N ARG B 670 3.83 2.05 28.81
CA ARG B 670 4.92 2.44 27.95
C ARG B 670 6.23 1.87 28.47
N ASN B 671 7.18 1.72 27.54
CA ASN B 671 8.51 1.23 27.91
C ASN B 671 9.22 2.25 28.78
N ARG B 672 9.86 1.78 29.85
CA ARG B 672 10.45 2.64 30.87
C ARG B 672 11.97 2.57 30.89
N SER B 673 12.60 2.16 29.79
CA SER B 673 14.05 2.05 29.76
C SER B 673 14.73 3.40 29.97
N ILE B 674 14.20 4.45 29.33
CA ILE B 674 14.84 5.76 29.39
C ILE B 674 15.01 6.25 30.81
N LEU B 675 14.22 5.71 31.75
CA LEU B 675 14.32 6.15 33.14
C LEU B 675 15.71 5.88 33.73
N ASN B 676 16.48 4.99 33.13
CA ASN B 676 17.81 4.67 33.62
C ASN B 676 18.93 5.36 32.84
N THR B 677 18.58 6.33 32.00
CA THR B 677 19.54 7.05 31.17
C THR B 677 19.55 8.53 31.56
N SER B 678 20.38 9.29 30.84
CA SER B 678 20.47 10.73 31.04
C SER B 678 19.40 11.49 30.28
N GLN B 679 18.71 10.85 29.34
CA GLN B 679 17.66 11.48 28.56
C GLN B 679 16.31 11.48 29.25
N ARG B 680 16.21 10.89 30.44
CA ARG B 680 14.91 10.78 31.10
C ARG B 680 14.27 12.14 31.32
N GLY B 681 15.09 13.18 31.55
CA GLY B 681 14.53 14.52 31.68
C GLY B 681 13.70 14.92 30.48
N ILE B 682 14.04 14.40 29.30
CA ILE B 682 13.30 14.72 28.10
C ILE B 682 11.82 14.40 28.28
N LEU B 683 11.52 13.33 29.02
CA LEU B 683 10.13 13.04 29.35
C LEU B 683 9.42 14.29 29.83
N GLU B 684 9.93 14.90 30.91
CA GLU B 684 9.36 16.15 31.41
C GLU B 684 9.05 17.08 30.25
N ASP B 685 10.06 17.36 29.42
CA ASP B 685 9.88 18.31 28.33
C ASP B 685 8.66 17.95 27.50
N GLU B 686 8.58 16.71 27.03
CA GLU B 686 7.45 16.37 26.17
C GLU B 686 6.14 16.57 26.92
N GLN B 687 6.09 16.13 28.19
CA GLN B 687 4.89 16.37 28.98
C GLN B 687 4.54 17.85 28.97
N MET B 688 5.52 18.71 29.26
CA MET B 688 5.25 20.14 29.25
C MET B 688 4.73 20.58 27.89
N TYR B 689 5.36 20.11 26.81
CA TYR B 689 4.86 20.45 25.48
C TYR B 689 3.37 20.15 25.40
N GLN B 690 2.98 18.93 25.78
CA GLN B 690 1.57 18.57 25.73
C GLN B 690 0.73 19.61 26.46
N LYS B 691 1.14 19.94 27.69
CA LYS B 691 0.44 20.97 28.44
C LYS B 691 0.17 22.18 27.56
N CYS B 692 1.23 22.79 27.04
CA CYS B 692 1.05 23.98 26.20
C CYS B 692 0.10 23.69 25.06
N CYS B 693 0.33 22.58 24.35
CA CYS B 693 -0.54 22.26 23.22
C CYS B 693 -1.98 22.18 23.66
N ASN B 694 -2.25 21.56 24.81
CA ASN B 694 -3.62 21.47 25.29
C ASN B 694 -4.25 22.84 25.36
N LEU B 695 -3.54 23.80 25.94
CA LEU B 695 -4.09 25.15 26.06
C LEU B 695 -4.41 25.72 24.69
N PHE B 696 -3.54 25.48 23.72
CA PHE B 696 -3.77 26.05 22.39
C PHE B 696 -5.05 25.52 21.78
N GLU B 697 -5.47 24.31 22.18
CA GLU B 697 -6.71 23.76 21.65
C GLU B 697 -7.94 24.39 22.27
N LYS B 698 -7.80 25.14 23.36
CA LYS B 698 -8.92 25.85 23.94
C LYS B 698 -9.21 27.18 23.24
N PHE B 699 -8.29 27.64 22.40
CA PHE B 699 -8.49 28.85 21.61
C PHE B 699 -8.83 28.55 20.16
N PHE B 700 -8.24 27.51 19.58
CA PHE B 700 -8.44 27.13 18.18
C PHE B 700 -8.97 25.70 18.14
N PRO B 701 -10.29 25.51 18.16
CA PRO B 701 -10.84 24.15 18.22
C PRO B 701 -10.44 23.27 17.05
N SER B 702 -10.20 23.84 15.88
CA SER B 702 -9.95 23.06 14.67
C SER B 702 -8.53 22.52 14.60
N SER B 703 -7.65 22.89 15.54
CA SER B 703 -6.26 22.47 15.45
C SER B 703 -6.13 20.95 15.47
N SER B 704 -6.88 20.28 16.34
CA SER B 704 -6.83 18.83 16.38
C SER B 704 -7.31 18.21 15.07
N TYR B 705 -8.40 18.73 14.51
CA TYR B 705 -8.93 18.18 13.27
C TYR B 705 -8.00 18.48 12.10
N ARG B 706 -7.56 19.73 11.96
CA ARG B 706 -6.68 20.13 10.87
C ARG B 706 -5.48 20.86 11.43
N ARG B 707 -4.33 20.67 10.79
CA ARG B 707 -3.07 21.18 11.30
C ARG B 707 -2.97 22.68 11.11
N PRO B 708 -2.77 23.47 12.16
CA PRO B 708 -2.68 24.93 11.97
C PRO B 708 -1.36 25.34 11.34
N VAL B 709 -1.42 26.44 10.60
CA VAL B 709 -0.28 26.98 9.87
C VAL B 709 -0.17 28.47 10.17
N GLY B 710 0.99 28.91 10.60
CA GLY B 710 1.19 30.32 10.90
C GLY B 710 2.63 30.58 11.31
N ILE B 711 2.98 31.86 11.30
CA ILE B 711 4.32 32.30 11.67
C ILE B 711 4.37 32.94 13.05
N SER B 712 3.26 33.48 13.55
CA SER B 712 3.26 34.11 14.85
C SER B 712 3.45 33.08 15.96
N SER B 713 3.98 33.55 17.09
CA SER B 713 4.17 32.68 18.23
C SER B 713 2.83 32.21 18.79
N MET B 714 2.88 31.12 19.55
CA MET B 714 1.65 30.56 20.11
C MET B 714 0.95 31.56 21.03
N VAL B 715 1.72 32.22 21.90
CA VAL B 715 1.13 33.16 22.85
C VAL B 715 0.47 34.32 22.13
N GLU B 716 1.13 34.87 21.12
CA GLU B 716 0.57 36.00 20.38
C GLU B 716 -0.74 35.60 19.70
N ALA B 717 -0.74 34.43 19.04
CA ALA B 717 -1.96 33.98 18.37
C ALA B 717 -3.09 33.77 19.37
N MET B 718 -2.77 33.17 20.52
CA MET B 718 -3.81 32.94 21.52
C MET B 718 -4.37 34.26 22.05
N VAL B 719 -3.50 35.24 22.31
CA VAL B 719 -3.97 36.52 22.82
C VAL B 719 -4.83 37.23 21.77
N SER B 720 -4.41 37.21 20.51
CA SER B 720 -5.20 37.85 19.47
C SER B 720 -6.55 37.17 19.34
N ARG B 721 -6.59 35.84 19.39
CA ARG B 721 -7.85 35.13 19.31
C ARG B 721 -8.74 35.48 20.49
N ALA B 722 -8.16 35.58 21.69
CA ALA B 722 -8.95 35.96 22.86
C ALA B 722 -9.56 37.34 22.69
N ARG B 723 -8.76 38.30 22.21
CA ARG B 723 -9.27 39.66 22.03
C ARG B 723 -10.40 39.69 21.01
N ILE B 724 -10.21 39.05 19.86
CA ILE B 724 -11.24 39.09 18.82
C ILE B 724 -12.50 38.38 19.30
N ASP B 725 -12.35 37.25 19.99
CA ASP B 725 -13.52 36.55 20.50
C ASP B 725 -14.26 37.39 21.53
N ALA B 726 -13.54 38.07 22.41
CA ALA B 726 -14.19 38.94 23.38
C ALA B 726 -14.96 40.04 22.69
N ARG B 727 -14.35 40.67 21.69
CA ARG B 727 -15.04 41.74 20.96
C ARG B 727 -16.31 41.21 20.29
N ILE B 728 -16.21 40.06 19.63
CA ILE B 728 -17.35 39.50 18.92
C ILE B 728 -18.47 39.17 19.89
N ASP B 729 -18.14 38.52 21.00
CA ASP B 729 -19.16 38.16 21.98
C ASP B 729 -19.81 39.39 22.56
N PHE B 730 -19.02 40.41 22.90
CA PHE B 730 -19.60 41.63 23.48
C PHE B 730 -20.51 42.32 22.48
N GLU B 731 -20.10 42.38 21.20
CA GLU B 731 -20.95 43.01 20.20
C GLU B 731 -22.24 42.24 20.00
N SER B 732 -22.17 40.92 20.00
CA SER B 732 -23.37 40.09 19.79
C SER B 732 -24.19 39.90 21.07
N GLY B 733 -23.73 40.43 22.20
CA GLY B 733 -24.49 40.34 23.43
C GLY B 733 -24.36 39.02 24.16
N ARG B 734 -23.34 38.22 23.84
CA ARG B 734 -23.15 36.95 24.53
C ARG B 734 -22.56 37.12 25.92
N ILE B 735 -21.82 38.20 26.15
CA ILE B 735 -21.20 38.47 27.44
C ILE B 735 -21.45 39.92 27.83
N LYS B 736 -21.26 40.20 29.11
CA LYS B 736 -21.46 41.54 29.64
C LYS B 736 -20.14 42.30 29.67
N LYS B 737 -20.24 43.62 29.84
CA LYS B 737 -19.07 44.48 29.68
C LYS B 737 -18.02 44.23 30.74
N GLU B 738 -18.42 43.76 31.92
CA GLU B 738 -17.44 43.46 32.96
C GLU B 738 -16.49 42.35 32.51
N GLU B 739 -17.03 41.28 31.92
CA GLU B 739 -16.17 40.22 31.42
C GLU B 739 -15.25 40.73 30.32
N PHE B 740 -15.76 41.60 29.45
CA PHE B 740 -14.94 42.15 28.38
C PHE B 740 -13.76 42.95 28.97
N ALA B 741 -14.05 43.80 29.95
CA ALA B 741 -12.98 44.57 30.58
C ALA B 741 -11.96 43.67 31.25
N GLU B 742 -12.43 42.62 31.95
CA GLU B 742 -11.51 41.71 32.61
C GLU B 742 -10.64 40.98 31.61
N ILE B 743 -11.23 40.51 30.51
CA ILE B 743 -10.46 39.81 29.49
C ILE B 743 -9.41 40.72 28.89
N MET B 744 -9.78 41.97 28.59
CA MET B 744 -8.80 42.91 28.06
C MET B 744 -7.68 43.18 29.06
N LYS B 745 -8.03 43.30 30.35
CA LYS B 745 -6.99 43.52 31.36
C LYS B 745 -6.03 42.34 31.43
N ILE B 746 -6.56 41.12 31.39
CA ILE B 746 -5.69 39.94 31.46
C ILE B 746 -4.83 39.84 30.21
N CYS B 747 -5.39 40.22 29.06
CA CYS B 747 -4.58 40.25 27.83
C CYS B 747 -3.44 41.24 27.95
N SER B 748 -3.70 42.42 28.51
CA SER B 748 -2.63 43.38 28.72
C SER B 748 -1.58 42.84 29.69
N THR B 749 -2.03 42.14 30.74
CA THR B 749 -1.09 41.53 31.66
C THR B 749 -0.21 40.50 30.96
N ILE B 750 -0.80 39.69 30.08
CA ILE B 750 -0.02 38.71 29.33
C ILE B 750 0.97 39.41 28.42
N GLU B 751 0.56 40.53 27.80
CA GLU B 751 1.49 41.30 26.98
C GLU B 751 2.66 41.79 27.82
N GLU B 752 2.38 42.26 29.04
CA GLU B 752 3.47 42.68 29.93
C GLU B 752 4.39 41.52 30.24
N LEU B 753 3.83 40.36 30.56
CA LEU B 753 4.65 39.20 30.87
C LEU B 753 5.50 38.78 29.68
N ARG B 754 4.99 38.97 28.46
CA ARG B 754 5.72 38.55 27.27
C ARG B 754 7.09 39.21 27.19
N ARG B 755 7.16 40.51 27.51
CA ARG B 755 8.45 41.21 27.46
C ARG B 755 9.35 40.79 28.62
N GLN B 756 8.78 40.56 29.80
CA GLN B 756 9.54 40.14 30.96
C GLN B 756 9.48 38.63 31.15
N MET C 1 -12.90 32.83 29.97
CA MET C 1 -12.23 33.35 31.20
C MET C 1 -11.26 32.32 31.77
N GLU C 2 -11.64 31.05 31.73
CA GLU C 2 -10.73 30.00 32.16
C GLU C 2 -9.51 29.92 31.25
N ARG C 3 -9.73 30.04 29.93
CA ARG C 3 -8.62 29.95 28.98
C ARG C 3 -7.58 31.03 29.25
N ILE C 4 -8.03 32.27 29.44
CA ILE C 4 -7.09 33.37 29.61
C ILE C 4 -6.37 33.27 30.96
N LYS C 5 -7.09 32.86 32.00
CA LYS C 5 -6.43 32.67 33.30
C LYS C 5 -5.37 31.59 33.22
N GLU C 6 -5.66 30.48 32.55
CA GLU C 6 -4.68 29.41 32.41
C GLU C 6 -3.49 29.87 31.57
N LEU C 7 -3.75 30.63 30.50
CA LEU C 7 -2.65 31.16 29.70
C LEU C 7 -1.75 32.07 30.54
N ARG C 8 -2.35 32.94 31.35
CA ARG C 8 -1.56 33.80 32.21
C ARG C 8 -0.75 32.99 33.22
N ASP C 9 -1.36 31.96 33.79
CA ASP C 9 -0.64 31.10 34.73
C ASP C 9 0.55 30.44 34.08
N LEU C 10 0.37 29.91 32.87
CA LEU C 10 1.50 29.30 32.16
C LEU C 10 2.57 30.33 31.85
N MET C 11 2.18 31.51 31.37
CA MET C 11 3.15 32.54 31.04
C MET C 11 3.90 33.04 32.27
N SER C 12 3.33 32.88 33.46
CA SER C 12 4.04 33.26 34.67
C SER C 12 5.30 32.42 34.86
N GLN C 13 5.21 31.12 34.58
CA GLN C 13 6.35 30.22 34.74
C GLN C 13 7.35 30.42 33.60
N SER C 14 8.58 29.95 33.84
CA SER C 14 9.68 30.26 32.93
C SER C 14 9.73 29.30 31.75
N ARG C 15 9.76 28.00 32.00
CA ARG C 15 9.85 27.03 30.91
C ARG C 15 8.65 27.12 29.99
N THR C 16 7.45 27.22 30.58
CA THR C 16 6.24 27.34 29.76
C THR C 16 6.26 28.63 28.95
N ARG C 17 6.69 29.73 29.56
CA ARG C 17 6.76 30.98 28.83
C ARG C 17 7.73 30.90 27.66
N GLU C 18 8.89 30.28 27.89
CA GLU C 18 9.87 30.12 26.82
C GLU C 18 9.30 29.27 25.69
N ILE C 19 8.60 28.18 26.03
CA ILE C 19 8.00 27.34 25.00
C ILE C 19 6.97 28.14 24.19
N LEU C 20 6.11 28.89 24.89
CA LEU C 20 5.06 29.61 24.21
C LEU C 20 5.59 30.76 23.37
N THR C 21 6.74 31.33 23.75
CA THR C 21 7.29 32.48 23.06
C THR C 21 8.16 32.08 21.86
N LYS C 22 9.04 31.10 22.05
CA LYS C 22 9.96 30.72 20.99
C LYS C 22 9.32 29.81 19.95
N THR C 23 8.12 29.29 20.20
CA THR C 23 7.47 28.34 19.32
C THR C 23 6.42 29.04 18.48
N THR C 24 6.52 28.89 17.16
CA THR C 24 5.50 29.40 16.27
C THR C 24 4.36 28.39 16.14
N VAL C 25 3.31 28.78 15.42
CA VAL C 25 2.20 27.87 15.20
C VAL C 25 2.64 26.70 14.32
N ASP C 26 3.54 26.96 13.37
CA ASP C 26 4.04 25.89 12.52
C ASP C 26 4.81 24.85 13.34
N HIS C 27 5.65 25.30 14.28
CA HIS C 27 6.44 24.39 15.09
C HIS C 27 5.63 23.74 16.20
N MET C 28 4.40 24.21 16.44
CA MET C 28 3.54 23.52 17.39
C MET C 28 3.27 22.09 16.94
N ALA C 29 3.09 21.89 15.64
CA ALA C 29 2.91 20.55 15.11
C ALA C 29 4.14 19.68 15.36
N ILE C 30 5.33 20.26 15.18
CA ILE C 30 6.56 19.50 15.40
C ILE C 30 6.69 19.10 16.86
N ILE C 31 6.45 20.03 17.78
CA ILE C 31 6.58 19.70 19.20
C ILE C 31 5.44 18.79 19.67
N LYS C 32 4.32 18.76 18.96
CA LYS C 32 3.22 17.88 19.35
C LYS C 32 3.61 16.42 19.19
N LYS C 33 4.36 16.10 18.15
CA LYS C 33 4.88 14.75 17.97
C LYS C 33 6.15 14.50 18.78
N TYR C 34 6.69 15.52 19.43
CA TYR C 34 7.90 15.36 20.23
C TYR C 34 7.67 14.32 21.32
N THR C 35 8.62 13.41 21.46
CA THR C 35 8.52 12.35 22.46
C THR C 35 9.91 11.76 22.70
N SER C 36 10.03 11.01 23.79
CA SER C 36 11.27 10.31 24.07
C SER C 36 11.44 9.09 23.18
N GLY C 37 10.35 8.59 22.58
CA GLY C 37 10.43 7.46 21.68
C GLY C 37 9.46 6.36 22.05
N ARG C 38 8.70 5.87 21.07
CA ARG C 38 7.81 4.73 21.27
C ARG C 38 8.57 3.47 20.87
N GLN C 39 9.33 2.93 21.83
CA GLN C 39 10.15 1.76 21.56
C GLN C 39 9.30 0.51 21.47
N GLU C 40 8.48 0.43 20.42
CA GLU C 40 7.68 -0.76 20.12
C GLU C 40 8.01 -1.18 18.69
N LYS C 41 8.44 -2.43 18.52
CA LYS C 41 8.75 -2.98 17.21
C LYS C 41 7.95 -4.22 16.88
N ASN C 42 7.44 -4.94 17.88
CA ASN C 42 6.64 -6.14 17.68
C ASN C 42 5.39 -6.01 18.56
N PRO C 43 4.37 -5.29 18.09
CA PRO C 43 3.20 -5.06 18.95
C PRO C 43 2.52 -6.32 19.43
N ALA C 44 2.47 -7.38 18.61
CA ALA C 44 1.82 -8.62 19.03
C ALA C 44 2.61 -9.29 20.13
N LEU C 45 3.93 -9.42 19.95
CA LEU C 45 4.76 -10.00 21.00
C LEU C 45 4.70 -9.16 22.26
N ARG C 46 4.71 -7.84 22.12
CA ARG C 46 4.66 -6.97 23.28
C ARG C 46 3.33 -7.13 24.02
N MET C 47 2.23 -7.27 23.29
CA MET C 47 0.93 -7.47 23.93
C MET C 47 0.89 -8.80 24.67
N LYS C 48 1.39 -9.87 24.05
CA LYS C 48 1.42 -11.16 24.72
C LYS C 48 2.27 -11.08 25.98
N TRP C 49 3.41 -10.39 25.91
CA TRP C 49 4.27 -10.24 27.08
C TRP C 49 3.57 -9.43 28.18
N MET C 50 2.88 -8.35 27.80
CA MET C 50 2.30 -7.45 28.79
C MET C 50 1.08 -8.07 29.46
N MET C 51 0.29 -8.83 28.73
CA MET C 51 -0.92 -9.41 29.31
C MET C 51 -0.60 -10.38 30.44
N ALA C 52 0.64 -10.86 30.52
CA ALA C 52 1.06 -11.68 31.66
C ALA C 52 1.44 -10.85 32.88
N MET C 53 1.51 -9.53 32.74
CA MET C 53 1.85 -8.65 33.86
C MET C 53 0.62 -8.39 34.72
N LYS C 54 0.86 -7.88 35.92
CA LYS C 54 -0.23 -7.63 36.86
C LYS C 54 -1.10 -6.47 36.39
N TYR C 55 -0.48 -5.33 36.05
CA TYR C 55 -1.18 -4.10 35.72
C TYR C 55 -0.67 -3.57 34.38
N PRO C 56 -1.16 -4.11 33.27
CA PRO C 56 -0.68 -3.63 31.96
C PRO C 56 -1.39 -2.40 31.44
N ILE C 57 -2.56 -2.05 31.96
CA ILE C 57 -3.37 -0.99 31.39
C ILE C 57 -3.05 0.33 32.07
N THR C 58 -3.33 1.43 31.37
CA THR C 58 -3.16 2.77 31.90
C THR C 58 -4.51 3.44 32.05
N ALA C 59 -4.71 4.15 33.16
CA ALA C 59 -5.98 4.81 33.42
C ALA C 59 -5.74 6.14 34.11
N ASP C 60 -6.71 7.05 33.95
CA ASP C 60 -6.62 8.36 34.59
C ASP C 60 -6.77 8.23 36.09
N LYS C 61 -6.21 9.20 36.82
CA LYS C 61 -6.25 9.16 38.28
C LYS C 61 -7.67 9.10 38.82
N ARG C 62 -8.66 9.56 38.04
CA ARG C 62 -10.04 9.53 38.51
C ARG C 62 -10.47 8.13 38.88
N ILE C 63 -9.84 7.11 38.29
CA ILE C 63 -10.23 5.73 38.57
C ILE C 63 -10.03 5.42 40.05
N MET C 64 -9.03 6.03 40.67
CA MET C 64 -8.81 5.80 42.10
C MET C 64 -9.99 6.24 42.93
N GLU C 65 -10.78 7.20 42.44
CA GLU C 65 -11.93 7.73 43.15
C GLU C 65 -13.24 7.06 42.76
N MET C 66 -13.22 6.17 41.76
CA MET C 66 -14.44 5.61 41.20
C MET C 66 -14.53 4.09 41.33
N ILE C 67 -13.41 3.39 41.40
CA ILE C 67 -13.41 1.93 41.45
C ILE C 67 -12.67 1.49 42.72
N PRO C 68 -13.19 0.53 43.47
CA PRO C 68 -12.46 0.09 44.68
C PRO C 68 -11.13 -0.55 44.33
N GLU C 69 -10.18 -0.44 45.25
CA GLU C 69 -8.86 -1.00 45.02
C GLU C 69 -8.89 -2.52 44.93
N ARG C 70 -9.93 -3.16 45.46
CA ARG C 70 -10.05 -4.62 45.41
C ARG C 70 -11.51 -5.00 45.27
N ASN C 71 -11.74 -6.14 44.63
CA ASN C 71 -13.08 -6.65 44.39
C ASN C 71 -13.53 -7.50 45.58
N GLU C 72 -14.60 -8.27 45.40
CA GLU C 72 -15.13 -9.07 46.50
C GLU C 72 -14.08 -10.05 47.03
N GLN C 73 -13.32 -10.67 46.13
CA GLN C 73 -12.35 -11.69 46.51
C GLN C 73 -10.98 -11.13 46.84
N GLY C 74 -10.85 -9.80 46.93
CA GLY C 74 -9.59 -9.20 47.30
C GLY C 74 -8.59 -9.03 46.18
N GLN C 75 -8.97 -9.36 44.95
CA GLN C 75 -8.06 -9.18 43.82
C GLN C 75 -7.86 -7.70 43.54
N THR C 76 -6.61 -7.30 43.37
CA THR C 76 -6.30 -5.88 43.17
C THR C 76 -6.68 -5.46 41.76
N LEU C 77 -7.36 -4.32 41.65
CA LEU C 77 -7.81 -3.80 40.37
C LEU C 77 -6.93 -2.69 39.82
N TRP C 78 -6.24 -1.94 40.69
CA TRP C 78 -5.34 -0.90 40.22
C TRP C 78 -4.32 -0.60 41.31
N SER C 79 -3.25 0.08 40.92
CA SER C 79 -2.18 0.49 41.80
C SER C 79 -1.92 1.98 41.65
N LYS C 80 -1.10 2.52 42.54
CA LYS C 80 -0.82 3.95 42.56
C LYS C 80 0.41 4.34 41.75
N THR C 81 1.12 3.38 41.18
CA THR C 81 2.31 3.71 40.40
C THR C 81 1.91 4.41 39.11
N ASN C 82 2.56 5.54 38.83
CA ASN C 82 2.25 6.30 37.64
C ASN C 82 2.94 5.72 36.41
N ASP C 83 2.45 6.10 35.23
CA ASP C 83 3.07 5.72 33.98
C ASP C 83 4.16 6.72 33.63
N ALA C 84 5.33 6.21 33.27
CA ALA C 84 6.47 7.08 32.97
C ALA C 84 6.12 8.04 31.84
N GLY C 85 6.52 9.30 32.01
CA GLY C 85 6.23 10.32 31.02
C GLY C 85 4.82 10.84 31.04
N SER C 86 4.09 10.65 32.15
CA SER C 86 2.71 11.12 32.28
C SER C 86 2.34 11.04 33.76
N ASP C 87 1.06 11.26 34.05
CA ASP C 87 0.55 11.18 35.40
C ASP C 87 -0.54 10.12 35.55
N ARG C 88 -0.79 9.32 34.53
CA ARG C 88 -1.77 8.24 34.61
C ARG C 88 -1.20 7.08 35.43
N VAL C 89 -2.11 6.30 36.00
CA VAL C 89 -1.75 5.20 36.88
C VAL C 89 -1.95 3.88 36.14
N MET C 90 -1.46 2.80 36.76
CA MET C 90 -1.54 1.46 36.19
C MET C 90 -2.73 0.71 36.76
N VAL C 91 -3.42 -0.03 35.89
CA VAL C 91 -4.63 -0.75 36.23
C VAL C 91 -4.64 -2.09 35.52
N SER C 92 -5.51 -2.97 35.98
CA SER C 92 -5.64 -4.33 35.49
C SER C 92 -6.93 -4.50 34.69
N PRO C 93 -6.99 -5.47 33.77
CA PRO C 93 -8.24 -5.69 33.03
C PRO C 93 -9.41 -6.03 33.94
N LEU C 94 -9.13 -6.59 35.12
CA LEU C 94 -10.18 -6.80 36.10
C LEU C 94 -10.93 -5.51 36.38
N ALA C 95 -10.24 -4.37 36.35
CA ALA C 95 -10.91 -3.09 36.54
C ALA C 95 -11.91 -2.83 35.42
N VAL C 96 -11.53 -3.12 34.18
CA VAL C 96 -12.42 -2.90 33.04
C VAL C 96 -13.66 -3.77 33.17
N THR C 97 -13.48 -5.06 33.47
CA THR C 97 -14.63 -5.93 33.56
C THR C 97 -15.44 -5.70 34.83
N TRP C 98 -14.85 -5.06 35.85
CA TRP C 98 -15.63 -4.65 37.01
C TRP C 98 -16.49 -3.43 36.69
N TRP C 99 -15.93 -2.47 35.94
CA TRP C 99 -16.72 -1.33 35.51
C TRP C 99 -17.87 -1.76 34.62
N ASN C 100 -17.61 -2.69 33.70
CA ASN C 100 -18.66 -3.11 32.77
C ASN C 100 -19.83 -3.77 33.48
N ARG C 101 -19.65 -4.26 34.71
CA ARG C 101 -20.70 -4.95 35.44
C ARG C 101 -21.23 -4.17 36.64
N ASN C 102 -20.52 -3.15 37.10
CA ASN C 102 -20.95 -2.38 38.27
C ASN C 102 -20.78 -0.88 38.12
N GLY C 103 -20.36 -0.38 36.96
CA GLY C 103 -20.17 1.03 36.78
C GLY C 103 -21.49 1.77 36.66
N PRO C 104 -21.45 3.09 36.82
CA PRO C 104 -22.67 3.89 36.63
C PRO C 104 -23.19 3.80 35.21
N THR C 105 -24.51 3.81 35.07
CA THR C 105 -25.18 3.65 33.80
C THR C 105 -25.59 5.01 33.25
N THR C 106 -25.34 5.24 31.97
CA THR C 106 -25.71 6.46 31.27
C THR C 106 -26.76 6.15 30.21
N SER C 107 -27.12 7.16 29.43
CA SER C 107 -28.14 7.04 28.37
C SER C 107 -27.43 7.10 27.02
N THR C 108 -27.27 5.95 26.39
CA THR C 108 -26.61 5.85 25.09
C THR C 108 -27.65 5.76 23.97
N VAL C 109 -28.42 6.84 23.82
CA VAL C 109 -29.48 6.89 22.82
C VAL C 109 -29.04 7.59 21.53
N HIS C 110 -28.01 8.43 21.58
CA HIS C 110 -27.55 9.16 20.41
C HIS C 110 -26.41 8.46 19.68
N TYR C 111 -25.93 7.33 20.19
CA TYR C 111 -24.88 6.59 19.49
C TYR C 111 -25.30 6.17 18.09
N PRO C 112 -26.50 5.62 17.87
CA PRO C 112 -26.89 5.29 16.49
C PRO C 112 -26.84 6.48 15.54
N LYS C 113 -27.05 7.70 16.05
CA LYS C 113 -26.93 8.87 15.19
C LYS C 113 -25.47 9.20 14.89
N VAL C 114 -24.59 9.05 15.89
CA VAL C 114 -23.19 9.36 15.68
C VAL C 114 -22.56 8.35 14.74
N TYR C 115 -22.96 7.09 14.82
CA TYR C 115 -22.41 6.01 14.01
C TYR C 115 -23.46 5.46 13.06
N LYS C 116 -24.19 6.37 12.42
CA LYS C 116 -25.32 5.99 11.57
C LYS C 116 -24.89 5.06 10.45
N THR C 117 -23.67 5.19 9.94
CA THR C 117 -23.26 4.40 8.78
C THR C 117 -23.20 2.92 9.11
N TYR C 118 -22.65 2.56 10.27
CA TYR C 118 -22.52 1.15 10.62
C TYR C 118 -23.87 0.52 10.91
N PHE C 119 -24.75 1.24 11.61
CA PHE C 119 -26.08 0.72 11.82
C PHE C 119 -26.87 0.64 10.53
N GLU C 120 -26.56 1.52 9.57
CA GLU C 120 -27.15 1.41 8.25
C GLU C 120 -26.67 0.15 7.53
N LYS C 121 -25.39 -0.19 7.70
CA LYS C 121 -24.89 -1.46 7.19
C LYS C 121 -25.65 -2.63 7.80
N VAL C 122 -25.87 -2.57 9.12
CA VAL C 122 -26.59 -3.63 9.82
C VAL C 122 -28.00 -3.75 9.26
N GLU C 123 -28.68 -2.62 9.08
CA GLU C 123 -30.04 -2.65 8.55
C GLU C 123 -30.09 -3.20 7.13
N ARG C 124 -29.12 -2.82 6.30
CA ARG C 124 -29.07 -3.35 4.94
C ARG C 124 -28.89 -4.86 4.95
N LEU C 125 -28.03 -5.37 5.85
CA LEU C 125 -27.84 -6.81 5.94
C LEU C 125 -29.10 -7.50 6.45
N LYS C 126 -29.79 -6.88 7.42
CA LYS C 126 -30.95 -7.51 8.03
C LYS C 126 -32.07 -7.74 7.02
N HIS C 127 -32.34 -6.76 6.16
CA HIS C 127 -33.45 -6.83 5.23
C HIS C 127 -33.05 -7.35 3.86
N GLY C 128 -31.84 -7.87 3.71
CA GLY C 128 -31.42 -8.41 2.43
C GLY C 128 -32.11 -9.73 2.12
N THR C 129 -32.09 -10.07 0.82
CA THR C 129 -32.71 -11.29 0.31
C THR C 129 -31.64 -12.18 -0.29
N PHE C 130 -31.64 -13.46 0.08
CA PHE C 130 -30.68 -14.43 -0.41
C PHE C 130 -31.33 -15.32 -1.46
N GLY C 131 -30.66 -15.48 -2.59
CA GLY C 131 -31.10 -16.39 -3.62
C GLY C 131 -30.32 -17.68 -3.60
N PRO C 132 -30.33 -18.42 -4.69
CA PRO C 132 -29.54 -19.65 -4.77
C PRO C 132 -28.05 -19.37 -4.95
N VAL C 133 -27.27 -20.44 -4.91
CA VAL C 133 -25.83 -20.40 -5.16
C VAL C 133 -25.56 -21.14 -6.45
N HIS C 134 -24.87 -20.48 -7.37
CA HIS C 134 -24.56 -21.04 -8.68
C HIS C 134 -23.06 -21.28 -8.79
N PHE C 135 -22.68 -22.49 -9.18
CA PHE C 135 -21.28 -22.80 -9.43
C PHE C 135 -20.99 -22.61 -10.92
N ARG C 136 -19.96 -21.84 -11.22
CA ARG C 136 -19.69 -21.39 -12.58
C ARG C 136 -18.18 -21.22 -12.73
N ASN C 137 -17.78 -20.52 -13.79
CA ASN C 137 -16.39 -20.18 -14.05
C ASN C 137 -16.28 -18.66 -13.88
N GLN C 138 -15.98 -18.22 -12.67
CA GLN C 138 -15.89 -16.80 -12.39
C GLN C 138 -14.68 -16.18 -13.09
N VAL C 139 -14.87 -14.96 -13.59
CA VAL C 139 -13.80 -14.19 -14.20
C VAL C 139 -13.83 -12.81 -13.52
N LYS C 140 -13.04 -12.67 -12.46
CA LYS C 140 -12.98 -11.40 -11.74
C LYS C 140 -12.01 -10.45 -12.44
N ILE C 141 -12.39 -9.18 -12.52
CA ILE C 141 -11.60 -8.17 -13.19
C ILE C 141 -11.20 -7.11 -12.18
N ARG C 142 -9.95 -6.68 -12.23
CA ARG C 142 -9.45 -5.65 -11.31
C ARG C 142 -9.91 -4.28 -11.80
N ARG C 143 -10.78 -3.64 -11.03
CA ARG C 143 -11.31 -2.34 -11.40
C ARG C 143 -11.40 -1.46 -10.17
N ARG C 144 -11.56 -0.16 -10.41
CA ARG C 144 -11.78 0.80 -9.33
C ARG C 144 -13.25 0.80 -8.96
N VAL C 145 -13.53 0.54 -7.69
CA VAL C 145 -14.88 0.56 -7.14
C VAL C 145 -14.89 1.56 -5.98
N ASP C 146 -16.08 1.82 -5.47
CA ASP C 146 -16.26 2.75 -4.36
C ASP C 146 -16.63 1.97 -3.11
N ILE C 147 -15.94 2.27 -2.01
CA ILE C 147 -16.15 1.55 -0.75
C ILE C 147 -16.91 2.44 0.22
N ASN C 148 -16.73 3.75 0.09
CA ASN C 148 -17.52 4.74 0.83
C ASN C 148 -18.26 5.60 -0.18
N PRO C 149 -19.57 5.45 -0.35
CA PRO C 149 -20.26 6.24 -1.39
C PRO C 149 -20.17 7.73 -1.16
N GLY C 150 -20.19 8.18 0.09
CA GLY C 150 -20.20 9.61 0.34
C GLY C 150 -21.43 10.25 -0.26
N HIS C 151 -21.28 11.47 -0.73
CA HIS C 151 -22.36 12.19 -1.40
C HIS C 151 -22.17 12.12 -2.91
N ALA C 152 -23.28 12.19 -3.64
CA ALA C 152 -23.28 11.99 -5.07
C ALA C 152 -22.40 13.02 -5.79
N ASP C 153 -22.76 14.29 -5.69
CA ASP C 153 -22.07 15.35 -6.43
C ASP C 153 -21.15 16.13 -5.49
N LEU C 154 -20.12 15.44 -5.00
CA LEU C 154 -19.11 16.03 -4.15
C LEU C 154 -17.82 15.25 -4.30
N SER C 155 -16.71 15.90 -3.98
CA SER C 155 -15.39 15.28 -3.97
C SER C 155 -14.80 15.38 -2.56
N ALA C 156 -13.56 14.92 -2.42
CA ALA C 156 -12.92 14.93 -1.11
C ALA C 156 -12.69 16.35 -0.61
N LYS C 157 -12.09 17.21 -1.45
CA LYS C 157 -11.80 18.57 -1.01
C LYS C 157 -13.09 19.36 -0.76
N GLU C 158 -14.08 19.20 -1.64
CA GLU C 158 -15.35 19.90 -1.43
C GLU C 158 -16.03 19.42 -0.16
N ALA C 159 -16.02 18.11 0.09
CA ALA C 159 -16.61 17.59 1.32
C ALA C 159 -15.89 18.13 2.55
N GLN C 160 -14.56 18.20 2.51
CA GLN C 160 -13.82 18.75 3.63
C GLN C 160 -14.15 20.22 3.85
N ASP C 161 -14.26 20.99 2.77
CA ASP C 161 -14.64 22.40 2.90
C ASP C 161 -16.01 22.53 3.53
N VAL C 162 -16.97 21.69 3.10
CA VAL C 162 -18.31 21.74 3.67
C VAL C 162 -18.27 21.39 5.15
N ILE C 163 -17.49 20.38 5.51
CA ILE C 163 -17.38 19.99 6.92
C ILE C 163 -16.82 21.14 7.74
N MET C 164 -15.77 21.79 7.23
CA MET C 164 -15.19 22.92 7.95
C MET C 164 -16.21 24.04 8.12
N GLU C 165 -16.94 24.37 7.05
CA GLU C 165 -17.91 25.44 7.12
C GLU C 165 -19.01 25.13 8.13
N VAL C 166 -19.50 23.89 8.14
CA VAL C 166 -20.61 23.54 9.02
C VAL C 166 -20.15 23.49 10.48
N VAL C 167 -18.97 22.93 10.72
CA VAL C 167 -18.51 22.67 12.09
C VAL C 167 -17.59 23.77 12.59
N PHE C 168 -16.75 24.34 11.73
CA PHE C 168 -15.78 25.36 12.11
C PHE C 168 -15.97 26.57 11.21
N PRO C 169 -17.01 27.38 11.46
CA PRO C 169 -17.28 28.51 10.56
C PRO C 169 -16.14 29.51 10.49
N ASN C 170 -15.45 29.76 11.60
CA ASN C 170 -14.43 30.79 11.67
C ASN C 170 -13.04 30.28 11.29
N GLU C 171 -12.88 28.98 11.05
CA GLU C 171 -11.59 28.41 10.72
C GLU C 171 -11.46 28.06 9.25
N VAL C 172 -12.40 28.53 8.41
CA VAL C 172 -12.41 28.15 7.00
C VAL C 172 -11.37 28.90 6.17
N GLY C 173 -10.63 29.82 6.77
CA GLY C 173 -9.60 30.53 6.02
C GLY C 173 -10.21 31.39 4.93
N ALA C 174 -9.73 31.22 3.71
CA ALA C 174 -10.15 32.03 2.58
C ALA C 174 -11.12 31.32 1.65
N ARG C 175 -11.50 30.08 1.95
CA ARG C 175 -12.37 29.33 1.06
C ARG C 175 -13.77 29.94 1.01
N ILE C 176 -14.37 29.93 -0.17
CA ILE C 176 -15.76 30.32 -0.39
C ILE C 176 -16.43 29.21 -1.19
N LEU C 177 -17.60 28.77 -0.73
CA LEU C 177 -18.33 27.68 -1.37
C LEU C 177 -19.03 28.24 -2.61
N THR C 178 -18.44 27.99 -3.78
CA THR C 178 -18.98 28.56 -5.02
C THR C 178 -19.93 27.61 -5.73
N SER C 179 -19.71 26.31 -5.64
CA SER C 179 -20.58 25.35 -6.32
C SER C 179 -21.97 25.37 -5.71
N GLU C 180 -22.99 25.24 -6.57
CA GLU C 180 -24.36 25.20 -6.10
C GLU C 180 -24.59 24.01 -5.18
N SER C 181 -24.04 22.85 -5.54
CA SER C 181 -24.24 21.66 -4.72
C SER C 181 -23.64 21.84 -3.33
N GLN C 182 -22.44 22.41 -3.26
CA GLN C 182 -21.82 22.63 -1.96
C GLN C 182 -22.66 23.54 -1.08
N LEU C 183 -23.16 24.64 -1.65
CA LEU C 183 -23.97 25.56 -0.88
C LEU C 183 -25.27 24.90 -0.41
N THR C 184 -25.92 24.16 -1.30
CA THR C 184 -27.17 23.50 -0.92
C THR C 184 -26.94 22.48 0.19
N ILE C 185 -25.88 21.68 0.05
CA ILE C 185 -25.58 20.68 1.07
C ILE C 185 -25.22 21.36 2.39
N THR C 186 -24.48 22.45 2.34
CA THR C 186 -24.10 23.16 3.56
C THR C 186 -25.34 23.69 4.27
N LYS C 187 -26.25 24.30 3.52
CA LYS C 187 -27.49 24.79 4.13
C LYS C 187 -28.29 23.65 4.73
N GLU C 188 -28.41 22.53 4.00
CA GLU C 188 -29.20 21.41 4.48
C GLU C 188 -28.60 20.82 5.75
N LYS C 189 -27.27 20.67 5.79
CA LYS C 189 -26.63 20.08 6.97
C LYS C 189 -26.68 21.05 8.16
N LYS C 190 -26.57 22.35 7.91
CA LYS C 190 -26.71 23.32 8.99
C LYS C 190 -28.13 23.28 9.56
N LYS C 191 -29.13 23.16 8.69
CA LYS C 191 -30.49 23.00 9.16
C LYS C 191 -30.64 21.72 9.99
N GLU C 192 -30.08 20.62 9.49
CA GLU C 192 -30.16 19.35 10.23
C GLU C 192 -29.41 19.42 11.54
N LEU C 193 -28.20 20.00 11.52
CA LEU C 193 -27.37 20.08 12.71
C LEU C 193 -27.69 21.31 13.56
N GLN C 194 -28.80 21.99 13.27
CA GLN C 194 -29.19 23.15 14.07
C GLN C 194 -29.38 22.74 15.52
N ASP C 195 -28.82 23.54 16.43
CA ASP C 195 -28.95 23.30 17.86
C ASP C 195 -28.45 21.92 18.25
N CYS C 196 -27.35 21.49 17.62
CA CYS C 196 -26.73 20.23 17.97
C CYS C 196 -25.98 20.33 19.30
N LYS C 197 -25.88 19.20 19.99
CA LYS C 197 -25.24 19.15 21.31
C LYS C 197 -24.09 18.15 21.36
N ILE C 198 -23.49 17.82 20.21
CA ILE C 198 -22.39 16.87 20.14
C ILE C 198 -21.10 17.65 19.88
N ALA C 199 -20.00 17.12 20.36
CA ALA C 199 -18.72 17.82 20.29
C ALA C 199 -18.37 18.11 18.83
N PRO C 200 -17.77 19.27 18.54
CA PRO C 200 -17.50 19.62 17.13
C PRO C 200 -16.61 18.64 16.41
N LEU C 201 -15.60 18.09 17.09
CA LEU C 201 -14.69 17.16 16.43
C LEU C 201 -15.41 15.88 16.02
N MET C 202 -16.28 15.36 16.89
CA MET C 202 -17.02 14.15 16.54
C MET C 202 -18.05 14.43 15.45
N VAL C 203 -18.62 15.63 15.45
CA VAL C 203 -19.51 16.00 14.34
C VAL C 203 -18.73 16.04 13.04
N ALA C 204 -17.50 16.55 13.07
CA ALA C 204 -16.68 16.57 11.87
C ALA C 204 -16.40 15.15 11.38
N TYR C 205 -16.10 14.24 12.29
CA TYR C 205 -15.84 12.87 11.88
C TYR C 205 -17.11 12.19 11.36
N MET C 206 -18.27 12.49 11.95
CA MET C 206 -19.52 11.97 11.44
C MET C 206 -19.77 12.45 10.01
N LEU C 207 -19.58 13.75 9.78
CA LEU C 207 -19.78 14.29 8.44
C LEU C 207 -18.76 13.72 7.46
N GLU C 208 -17.54 13.43 7.92
CA GLU C 208 -16.57 12.76 7.06
C GLU C 208 -17.06 11.37 6.68
N ARG C 209 -17.57 10.61 7.65
CA ARG C 209 -18.08 9.28 7.34
C ARG C 209 -19.29 9.34 6.42
N GLU C 210 -20.04 10.42 6.47
CA GLU C 210 -21.26 10.52 5.68
C GLU C 210 -21.02 11.03 4.27
N LEU C 211 -20.09 11.98 4.09
CA LEU C 211 -20.01 12.75 2.86
C LEU C 211 -18.80 12.44 1.99
N VAL C 212 -17.68 12.01 2.56
CA VAL C 212 -16.45 11.85 1.79
C VAL C 212 -16.50 10.53 1.02
N ARG C 213 -16.15 10.59 -0.25
CA ARG C 213 -16.20 9.44 -1.14
C ARG C 213 -14.82 8.79 -1.23
N LYS C 214 -14.77 7.47 -1.01
CA LYS C 214 -13.53 6.72 -1.00
C LYS C 214 -13.62 5.59 -2.02
N THR C 215 -12.58 5.44 -2.83
CA THR C 215 -12.54 4.45 -3.90
C THR C 215 -11.23 3.68 -3.85
N ARG C 216 -11.28 2.42 -4.28
CA ARG C 216 -10.12 1.55 -4.24
C ARG C 216 -10.17 0.58 -5.42
N PHE C 217 -9.01 0.06 -5.78
CA PHE C 217 -8.89 -0.95 -6.83
C PHE C 217 -9.08 -2.32 -6.19
N LEU C 218 -10.03 -3.09 -6.71
CA LEU C 218 -10.32 -4.42 -6.19
C LEU C 218 -10.64 -5.36 -7.35
N PRO C 219 -10.40 -6.66 -7.17
CA PRO C 219 -10.87 -7.66 -8.15
C PRO C 219 -12.34 -7.95 -7.93
N VAL C 220 -13.18 -7.46 -8.84
CA VAL C 220 -14.62 -7.48 -8.66
C VAL C 220 -15.26 -8.33 -9.74
N ALA C 221 -16.42 -8.90 -9.39
CA ALA C 221 -17.35 -9.51 -10.31
C ALA C 221 -18.75 -9.13 -9.87
N GLY C 222 -19.63 -8.90 -10.82
CA GLY C 222 -20.98 -8.46 -10.53
C GLY C 222 -21.07 -6.95 -10.52
N GLY C 223 -21.68 -6.39 -9.47
CA GLY C 223 -21.91 -4.96 -9.41
C GLY C 223 -20.82 -4.23 -8.64
N THR C 224 -20.55 -2.99 -9.06
CA THR C 224 -19.52 -2.17 -8.46
C THR C 224 -20.08 -1.08 -7.54
N SER C 225 -21.36 -1.15 -7.21
CA SER C 225 -21.95 -0.18 -6.30
C SER C 225 -21.47 -0.42 -4.87
N SER C 226 -21.52 0.63 -4.06
CA SER C 226 -21.04 0.53 -2.69
C SER C 226 -21.76 -0.55 -1.91
N VAL C 227 -23.08 -0.66 -2.09
CA VAL C 227 -23.85 -1.67 -1.36
C VAL C 227 -23.42 -3.08 -1.80
N TYR C 228 -23.06 -3.26 -3.06
CA TYR C 228 -22.62 -4.55 -3.55
C TYR C 228 -21.14 -4.82 -3.30
N ILE C 229 -20.36 -3.81 -2.93
CA ILE C 229 -18.95 -4.01 -2.62
C ILE C 229 -18.70 -4.29 -1.14
N GLU C 230 -19.62 -3.86 -0.26
CA GLU C 230 -19.46 -4.17 1.16
C GLU C 230 -19.63 -5.66 1.44
N VAL C 231 -20.41 -6.36 0.62
CA VAL C 231 -20.64 -7.79 0.81
C VAL C 231 -19.99 -8.56 -0.32
N LEU C 232 -18.92 -8.01 -0.89
CA LEU C 232 -18.24 -8.69 -2.00
C LEU C 232 -17.67 -10.02 -1.57
N HIS C 233 -17.22 -10.12 -0.31
CA HIS C 233 -16.69 -11.38 0.20
C HIS C 233 -17.74 -12.47 0.27
N LEU C 234 -19.02 -12.08 0.35
CA LEU C 234 -20.12 -13.04 0.49
C LEU C 234 -20.73 -13.44 -0.83
N THR C 235 -20.76 -12.54 -1.81
CA THR C 235 -21.53 -12.77 -3.03
C THR C 235 -20.70 -13.37 -4.16
N GLN C 236 -19.38 -13.16 -4.17
CA GLN C 236 -18.54 -13.64 -5.26
C GLN C 236 -17.41 -14.48 -4.70
N GLY C 237 -17.11 -15.58 -5.38
CA GLY C 237 -16.02 -16.46 -5.01
C GLY C 237 -15.24 -16.90 -6.23
N THR C 238 -14.22 -17.72 -5.98
CA THR C 238 -13.37 -18.18 -7.07
C THR C 238 -14.11 -19.11 -8.02
N CYS C 239 -15.14 -19.81 -7.54
CA CYS C 239 -15.88 -20.74 -8.38
C CYS C 239 -17.39 -20.66 -8.20
N TRP C 240 -17.90 -19.77 -7.34
CA TRP C 240 -19.32 -19.73 -7.02
C TRP C 240 -19.80 -18.29 -6.98
N GLU C 241 -21.11 -18.13 -7.19
CA GLU C 241 -21.78 -16.84 -7.11
C GLU C 241 -23.02 -17.01 -6.25
N GLN C 242 -23.12 -16.19 -5.20
CA GLN C 242 -24.27 -16.18 -4.31
C GLN C 242 -25.19 -15.03 -4.71
N MET C 243 -26.45 -15.35 -4.97
CA MET C 243 -27.43 -14.33 -5.34
C MET C 243 -27.92 -13.63 -4.08
N TYR C 244 -27.75 -12.30 -4.04
CA TYR C 244 -28.09 -11.54 -2.85
C TYR C 244 -28.47 -10.13 -3.27
N THR C 245 -29.48 -9.58 -2.60
CA THR C 245 -29.96 -8.23 -2.87
C THR C 245 -29.94 -7.45 -1.56
N PRO C 246 -29.24 -6.32 -1.47
CA PRO C 246 -29.26 -5.54 -0.24
C PRO C 246 -30.66 -5.06 0.10
N GLY C 247 -30.92 -4.89 1.39
CA GLY C 247 -32.23 -4.60 1.90
C GLY C 247 -32.58 -3.13 2.04
N GLY C 248 -31.74 -2.23 1.57
CA GLY C 248 -31.99 -0.81 1.66
C GLY C 248 -32.72 -0.26 0.46
N GLU C 249 -32.51 1.03 0.20
CA GLU C 249 -33.07 1.70 -0.97
C GLU C 249 -31.98 1.85 -2.02
N VAL C 250 -32.37 1.73 -3.29
CA VAL C 250 -31.44 1.72 -4.41
C VAL C 250 -31.48 3.07 -5.11
N ARG C 251 -30.30 3.61 -5.41
CA ARG C 251 -30.21 4.89 -6.10
C ARG C 251 -30.67 4.76 -7.55
N ASN C 252 -31.22 5.85 -8.07
CA ASN C 252 -31.77 5.82 -9.43
C ASN C 252 -30.67 5.82 -10.48
N ASP C 253 -29.59 6.57 -10.24
CA ASP C 253 -28.51 6.63 -11.22
C ASP C 253 -27.86 5.27 -11.41
N ASP C 254 -27.70 4.50 -10.33
CA ASP C 254 -27.17 3.14 -10.47
C ASP C 254 -28.09 2.27 -11.31
N VAL C 255 -29.40 2.39 -11.10
CA VAL C 255 -30.35 1.62 -11.90
C VAL C 255 -30.25 2.01 -13.37
N ASP C 256 -30.12 3.31 -13.65
CA ASP C 256 -30.00 3.77 -15.03
C ASP C 256 -28.75 3.20 -15.69
N GLN C 257 -27.61 3.27 -14.97
CA GLN C 257 -26.36 2.76 -15.54
C GLN C 257 -26.44 1.26 -15.79
N SER C 258 -26.98 0.51 -14.83
CA SER C 258 -27.11 -0.93 -15.01
C SER C 258 -28.04 -1.26 -16.17
N LEU C 259 -29.14 -0.52 -16.29
CA LEU C 259 -30.07 -0.76 -17.40
C LEU C 259 -29.40 -0.49 -18.73
N ILE C 260 -28.59 0.58 -18.81
CA ILE C 260 -27.90 0.89 -20.06
C ILE C 260 -26.94 -0.24 -20.42
N ILE C 261 -26.17 -0.72 -19.44
CA ILE C 261 -25.23 -1.80 -19.72
C ILE C 261 -25.96 -3.04 -20.19
N ALA C 262 -27.03 -3.41 -19.49
CA ALA C 262 -27.78 -4.62 -19.84
C ALA C 262 -28.39 -4.49 -21.24
N ALA C 263 -28.97 -3.34 -21.54
CA ALA C 263 -29.58 -3.15 -22.85
C ALA C 263 -28.54 -3.23 -23.96
N ARG C 264 -27.37 -2.61 -23.75
CA ARG C 264 -26.32 -2.68 -24.76
C ARG C 264 -25.89 -4.12 -24.99
N ASN C 265 -25.66 -4.88 -23.92
CA ASN C 265 -25.25 -6.27 -24.08
C ASN C 265 -26.31 -7.07 -24.81
N ILE C 266 -27.58 -6.89 -24.43
CA ILE C 266 -28.66 -7.67 -25.03
C ILE C 266 -28.78 -7.36 -26.52
N VAL C 267 -28.73 -6.07 -26.87
CA VAL C 267 -28.86 -5.70 -28.28
C VAL C 267 -27.68 -6.24 -29.08
N ARG C 268 -26.46 -6.12 -28.55
CA ARG C 268 -25.31 -6.60 -29.28
C ARG C 268 -25.41 -8.10 -29.53
N ARG C 269 -25.83 -8.87 -28.53
CA ARG C 269 -25.95 -10.31 -28.72
C ARG C 269 -27.13 -10.66 -29.62
N ALA C 270 -28.16 -9.82 -29.65
CA ALA C 270 -29.33 -10.11 -30.48
C ALA C 270 -29.06 -9.83 -31.95
N THR C 271 -28.20 -8.85 -32.27
CA THR C 271 -27.94 -8.54 -33.68
C THR C 271 -27.42 -9.77 -34.43
N VAL C 272 -26.59 -10.59 -33.78
CA VAL C 272 -25.99 -11.74 -34.44
C VAL C 272 -26.93 -12.92 -34.57
N SER C 273 -28.15 -12.81 -34.07
CA SER C 273 -29.11 -13.91 -34.13
C SER C 273 -29.84 -13.90 -35.47
N ALA C 274 -30.45 -15.05 -35.80
CA ALA C 274 -31.20 -15.17 -37.04
C ALA C 274 -32.53 -14.43 -36.96
N ASP C 275 -33.12 -14.34 -35.78
CA ASP C 275 -34.37 -13.60 -35.54
C ASP C 275 -34.12 -12.65 -34.39
N PRO C 276 -33.51 -11.49 -34.65
CA PRO C 276 -33.08 -10.63 -33.53
C PRO C 276 -34.21 -10.20 -32.61
N LEU C 277 -35.41 -9.97 -33.13
CA LEU C 277 -36.48 -9.41 -32.30
C LEU C 277 -36.91 -10.39 -31.22
N ALA C 278 -37.17 -11.65 -31.59
CA ALA C 278 -37.59 -12.63 -30.60
C ALA C 278 -36.50 -12.87 -29.56
N SER C 279 -35.25 -12.95 -30.02
CA SER C 279 -34.14 -13.14 -29.09
C SER C 279 -34.06 -11.97 -28.11
N LEU C 280 -34.20 -10.74 -28.60
CA LEU C 280 -34.16 -9.58 -27.73
C LEU C 280 -35.30 -9.62 -26.71
N LEU C 281 -36.51 -9.98 -27.16
CA LEU C 281 -37.64 -10.03 -26.24
C LEU C 281 -37.41 -11.05 -25.14
N GLU C 282 -36.97 -12.26 -25.51
CA GLU C 282 -36.77 -13.29 -24.49
C GLU C 282 -35.64 -12.91 -23.54
N MET C 283 -34.57 -12.33 -24.06
CA MET C 283 -33.46 -11.91 -23.19
C MET C 283 -33.93 -10.83 -22.22
N CYS C 284 -34.73 -9.89 -22.68
CA CYS C 284 -35.26 -8.87 -21.78
C CYS C 284 -36.15 -9.48 -20.72
N HIS C 285 -36.96 -10.48 -21.10
CA HIS C 285 -37.83 -11.13 -20.14
C HIS C 285 -37.11 -12.08 -19.18
N SER C 286 -35.86 -12.43 -19.49
CA SER C 286 -35.10 -13.36 -18.64
C SER C 286 -33.98 -12.67 -17.87
N THR C 287 -34.07 -11.35 -17.67
CA THR C 287 -33.00 -10.58 -17.06
C THR C 287 -33.53 -9.76 -15.88
N GLN C 288 -32.73 -9.70 -14.82
CA GLN C 288 -33.04 -8.91 -13.64
C GLN C 288 -31.86 -8.00 -13.32
N ILE C 289 -32.15 -6.82 -12.80
CA ILE C 289 -31.13 -5.82 -12.47
C ILE C 289 -31.33 -5.48 -11.01
N GLY C 290 -30.45 -5.97 -10.15
CA GLY C 290 -30.57 -5.73 -8.72
C GLY C 290 -31.81 -6.36 -8.11
N GLY C 291 -32.20 -7.55 -8.57
CA GLY C 291 -33.34 -8.23 -8.03
C GLY C 291 -34.69 -7.80 -8.60
N VAL C 292 -34.71 -6.84 -9.52
CA VAL C 292 -35.94 -6.33 -10.10
C VAL C 292 -35.98 -6.76 -11.57
N ARG C 293 -37.13 -7.27 -12.00
CA ARG C 293 -37.27 -7.69 -13.39
C ARG C 293 -37.01 -6.52 -14.32
N MET C 294 -36.31 -6.79 -15.43
CA MET C 294 -35.93 -5.72 -16.34
C MET C 294 -37.13 -5.02 -16.94
N VAL C 295 -38.22 -5.75 -17.18
CA VAL C 295 -39.38 -5.16 -17.84
C VAL C 295 -40.00 -4.07 -16.97
N ASP C 296 -40.04 -4.29 -15.66
CA ASP C 296 -40.58 -3.26 -14.76
C ASP C 296 -39.76 -1.97 -14.88
N ILE C 297 -38.43 -2.10 -14.89
CA ILE C 297 -37.58 -0.92 -15.02
C ILE C 297 -37.80 -0.25 -16.37
N LEU C 298 -37.86 -1.04 -17.44
CA LEU C 298 -38.13 -0.47 -18.75
C LEU C 298 -39.45 0.28 -18.77
N ARG C 299 -40.42 -0.17 -17.98
CA ARG C 299 -41.71 0.52 -17.93
C ARG C 299 -41.62 1.82 -17.13
N GLN C 300 -40.91 1.82 -16.01
CA GLN C 300 -40.98 2.95 -15.07
C GLN C 300 -39.68 3.76 -15.00
N ASN C 301 -38.82 3.66 -16.01
CA ASN C 301 -37.54 4.37 -15.99
C ASN C 301 -37.40 5.25 -17.22
N PRO C 302 -37.28 6.58 -17.09
CA PRO C 302 -37.13 7.47 -18.26
C PRO C 302 -35.67 7.73 -18.64
N THR C 303 -35.04 6.73 -19.25
CA THR C 303 -33.63 6.82 -19.65
C THR C 303 -33.54 7.07 -21.14
N GLU C 304 -32.68 8.01 -21.53
CA GLU C 304 -32.46 8.37 -22.93
C GLU C 304 -31.17 7.71 -23.39
N GLU C 305 -31.30 6.55 -24.04
CA GLU C 305 -30.15 5.85 -24.59
C GLU C 305 -30.64 4.97 -25.73
N GLN C 306 -29.77 4.73 -26.70
CA GLN C 306 -30.18 4.03 -27.91
C GLN C 306 -30.65 2.61 -27.60
N ALA C 307 -29.85 1.84 -26.87
CA ALA C 307 -30.21 0.46 -26.60
C ALA C 307 -31.46 0.35 -25.76
N VAL C 308 -31.60 1.23 -24.76
CA VAL C 308 -32.82 1.24 -23.95
C VAL C 308 -34.03 1.56 -24.82
N ASP C 309 -33.87 2.50 -25.76
CA ASP C 309 -34.97 2.82 -26.66
C ASP C 309 -35.33 1.64 -27.54
N ILE C 310 -34.34 0.90 -28.02
CA ILE C 310 -34.62 -0.29 -28.82
C ILE C 310 -35.39 -1.32 -28.01
N CYS C 311 -34.96 -1.53 -26.76
CA CYS C 311 -35.69 -2.48 -25.91
C CYS C 311 -37.13 -2.03 -25.69
N LYS C 312 -37.33 -0.73 -25.40
CA LYS C 312 -38.68 -0.23 -25.20
C LYS C 312 -39.54 -0.39 -26.45
N ALA C 313 -38.97 -0.08 -27.62
CA ALA C 313 -39.71 -0.24 -28.85
C ALA C 313 -40.08 -1.70 -29.08
N ALA C 314 -39.16 -2.61 -28.77
CA ALA C 314 -39.49 -4.04 -28.86
C ALA C 314 -40.63 -4.40 -27.92
N MET C 315 -40.70 -3.75 -26.76
CA MET C 315 -41.79 -3.99 -25.81
C MET C 315 -43.02 -3.14 -26.08
N GLY C 316 -43.01 -2.31 -27.12
CA GLY C 316 -44.18 -1.53 -27.48
C GLY C 316 -44.36 -0.26 -26.69
N LEU C 317 -43.33 0.19 -25.97
CA LEU C 317 -43.42 1.42 -25.20
C LEU C 317 -42.95 2.61 -26.03
N ARG C 318 -43.47 3.79 -25.71
CA ARG C 318 -43.06 5.00 -26.40
C ARG C 318 -41.66 5.41 -25.96
N ILE C 319 -40.88 5.90 -26.93
CA ILE C 319 -39.46 6.17 -26.71
C ILE C 319 -39.19 7.63 -27.04
N SER C 320 -37.96 8.05 -26.74
CA SER C 320 -37.44 9.35 -27.14
C SER C 320 -36.14 9.12 -27.91
N SER C 321 -36.06 9.70 -29.10
CA SER C 321 -34.89 9.53 -29.96
C SER C 321 -33.77 10.49 -29.52
N SER C 322 -33.43 10.39 -28.25
CA SER C 322 -32.47 11.29 -27.62
C SER C 322 -31.36 10.50 -26.95
N PHE C 323 -30.22 11.15 -26.76
CA PHE C 323 -29.11 10.59 -26.02
C PHE C 323 -28.47 11.70 -25.19
N SER C 324 -27.44 11.35 -24.43
CA SER C 324 -26.80 12.28 -23.52
C SER C 324 -25.34 12.47 -23.92
N PHE C 325 -24.84 13.68 -23.76
CA PHE C 325 -23.45 13.99 -24.08
C PHE C 325 -23.05 15.26 -23.35
N GLY C 326 -21.99 15.18 -22.54
CA GLY C 326 -21.48 16.35 -21.86
C GLY C 326 -22.48 17.01 -20.92
N GLY C 327 -23.48 16.28 -20.46
CA GLY C 327 -24.51 16.85 -19.62
C GLY C 327 -25.66 17.47 -20.37
N PHE C 328 -25.71 17.34 -21.69
CA PHE C 328 -26.79 17.86 -22.51
C PHE C 328 -27.52 16.72 -23.19
N THR C 329 -28.82 16.93 -23.44
CA THR C 329 -29.67 15.94 -24.08
C THR C 329 -29.74 16.27 -25.57
N PHE C 330 -29.04 15.49 -26.38
CA PHE C 330 -29.03 15.66 -27.83
C PHE C 330 -30.18 14.87 -28.45
N LYS C 331 -30.71 15.41 -29.55
CA LYS C 331 -31.84 14.80 -30.24
C LYS C 331 -31.72 15.15 -31.71
N ARG C 332 -31.43 14.13 -32.53
CA ARG C 332 -31.21 14.34 -33.96
C ARG C 332 -32.54 14.59 -34.65
N THR C 333 -32.75 15.83 -35.11
CA THR C 333 -33.97 16.14 -35.86
C THR C 333 -33.89 15.65 -37.29
N SER C 334 -32.71 15.73 -37.90
CA SER C 334 -32.55 15.39 -39.30
C SER C 334 -31.13 14.89 -39.55
N GLY C 335 -30.96 14.16 -40.64
CA GLY C 335 -29.67 13.65 -41.06
C GLY C 335 -29.42 12.24 -40.58
N SER C 336 -28.28 11.70 -41.03
CA SER C 336 -27.87 10.35 -40.67
C SER C 336 -26.35 10.28 -40.70
N SER C 337 -25.80 9.23 -40.09
CA SER C 337 -24.35 9.10 -39.97
C SER C 337 -23.97 7.63 -39.92
N VAL C 338 -22.67 7.39 -40.12
CA VAL C 338 -22.07 6.07 -39.96
C VAL C 338 -20.79 6.23 -39.14
N LYS C 339 -20.59 5.35 -38.18
CA LYS C 339 -19.40 5.40 -37.35
C LYS C 339 -18.18 4.92 -38.11
N ARG C 340 -17.03 5.52 -37.81
CA ARG C 340 -15.77 5.16 -38.46
C ARG C 340 -14.63 5.42 -37.50
N GLU C 341 -13.74 4.44 -37.35
CA GLU C 341 -12.60 4.61 -36.45
C GLU C 341 -11.47 5.32 -37.19
N GLU C 342 -11.14 6.53 -36.74
CA GLU C 342 -10.14 7.36 -37.38
C GLU C 342 -9.02 7.66 -36.39
N GLU C 343 -7.78 7.51 -36.82
CA GLU C 343 -6.64 7.85 -35.99
C GLU C 343 -6.32 9.33 -36.14
N VAL C 344 -6.04 9.99 -35.01
CA VAL C 344 -5.73 11.41 -34.99
C VAL C 344 -4.53 11.65 -34.08
N LEU C 345 -3.87 12.77 -34.31
CA LEU C 345 -2.73 13.21 -33.52
C LEU C 345 -3.17 14.37 -32.64
N THR C 346 -2.95 14.24 -31.34
CA THR C 346 -3.39 15.25 -30.39
C THR C 346 -2.47 16.47 -30.42
N GLY C 347 -2.95 17.57 -29.86
CA GLY C 347 -2.16 18.78 -29.81
C GLY C 347 -0.87 18.59 -29.02
N ASN C 348 -0.92 17.78 -27.97
CA ASN C 348 0.24 17.52 -27.13
C ASN C 348 1.01 16.27 -27.57
N LEU C 349 0.97 15.95 -28.86
CA LEU C 349 1.74 14.85 -29.44
C LEU C 349 1.31 13.50 -28.86
N GLN C 350 0.02 13.22 -29.02
CA GLN C 350 -0.56 11.93 -28.64
C GLN C 350 -1.40 11.41 -29.80
N THR C 351 -1.24 10.13 -30.12
CA THR C 351 -1.98 9.49 -31.19
C THR C 351 -3.08 8.63 -30.59
N LEU C 352 -4.31 8.80 -31.07
CA LEU C 352 -5.44 8.06 -30.51
C LEU C 352 -6.51 7.87 -31.57
N LYS C 353 -7.34 6.86 -31.35
CA LYS C 353 -8.47 6.59 -32.24
C LYS C 353 -9.72 7.29 -31.72
N ILE C 354 -10.57 7.69 -32.67
CA ILE C 354 -11.82 8.36 -32.36
C ILE C 354 -12.91 7.79 -33.27
N ARG C 355 -14.13 7.72 -32.73
CA ARG C 355 -15.29 7.25 -33.50
C ARG C 355 -15.93 8.45 -34.16
N VAL C 356 -15.50 8.74 -35.38
CA VAL C 356 -16.01 9.86 -36.14
C VAL C 356 -17.33 9.45 -36.80
N HIS C 357 -18.33 10.32 -36.70
CA HIS C 357 -19.61 10.11 -37.36
C HIS C 357 -19.64 10.97 -38.61
N GLU C 358 -19.84 10.34 -39.77
CA GLU C 358 -19.88 11.05 -41.03
C GLU C 358 -21.29 11.53 -41.34
N GLY C 359 -21.44 12.27 -42.43
CA GLY C 359 -22.72 12.76 -42.86
C GLY C 359 -23.12 14.06 -42.18
N TYR C 360 -24.15 14.68 -42.73
CA TYR C 360 -24.69 15.93 -42.23
C TYR C 360 -25.85 15.65 -41.27
N GLU C 361 -25.90 16.39 -40.17
CA GLU C 361 -26.93 16.17 -39.17
C GLU C 361 -27.26 17.47 -38.46
N GLU C 362 -28.46 17.49 -37.86
CA GLU C 362 -28.96 18.62 -37.10
C GLU C 362 -29.48 18.10 -35.77
N PHE C 363 -29.12 18.77 -34.68
CA PHE C 363 -29.49 18.35 -33.33
C PHE C 363 -30.02 19.54 -32.56
N THR C 364 -30.74 19.25 -31.49
CA THR C 364 -31.15 20.23 -30.51
C THR C 364 -30.64 19.81 -29.14
N MET C 365 -29.90 20.69 -28.49
CA MET C 365 -29.28 20.41 -27.19
C MET C 365 -30.09 21.09 -26.09
N VAL C 366 -30.43 20.33 -25.05
CA VAL C 366 -31.18 20.84 -23.92
C VAL C 366 -30.38 20.59 -22.65
N GLY C 367 -30.18 21.64 -21.86
CA GLY C 367 -29.44 21.54 -20.63
C GLY C 367 -30.22 22.12 -19.47
N ARG C 368 -29.77 21.79 -18.26
CA ARG C 368 -30.43 22.29 -17.06
C ARG C 368 -30.43 23.81 -17.02
N ARG C 369 -29.42 24.44 -17.62
CA ARG C 369 -29.31 25.89 -17.59
C ARG C 369 -28.89 26.47 -18.94
N ALA C 370 -29.05 25.70 -20.02
CA ALA C 370 -28.68 26.16 -21.35
C ALA C 370 -29.45 25.37 -22.38
N THR C 371 -29.51 25.92 -23.59
CA THR C 371 -30.20 25.28 -24.71
C THR C 371 -29.57 25.79 -26.00
N ALA C 372 -29.60 24.94 -27.03
CA ALA C 372 -28.94 25.29 -28.27
C ALA C 372 -29.50 24.47 -29.42
N ILE C 373 -29.23 24.94 -30.62
CA ILE C 373 -29.51 24.22 -31.86
C ILE C 373 -28.20 24.11 -32.63
N LEU C 374 -27.85 22.89 -33.04
CA LEU C 374 -26.58 22.60 -33.67
C LEU C 374 -26.80 21.98 -35.04
N ARG C 375 -25.94 22.34 -35.98
CA ARG C 375 -25.94 21.73 -37.31
C ARG C 375 -24.49 21.46 -37.68
N LYS C 376 -24.19 20.20 -38.03
CA LYS C 376 -22.81 19.78 -38.21
C LYS C 376 -22.70 18.83 -39.38
N ALA C 377 -21.47 18.66 -39.86
CA ALA C 377 -21.13 17.67 -40.88
C ALA C 377 -19.98 16.82 -40.36
N THR C 378 -19.36 16.02 -41.23
CA THR C 378 -18.27 15.15 -40.81
C THR C 378 -17.10 16.00 -40.31
N ARG C 379 -16.85 15.96 -39.00
CA ARG C 379 -15.76 16.71 -38.38
C ARG C 379 -15.81 18.18 -38.79
N ARG C 380 -17.01 18.76 -38.78
CA ARG C 380 -17.20 20.13 -39.22
C ARG C 380 -18.45 20.68 -38.57
N LEU C 381 -18.31 21.78 -37.83
CA LEU C 381 -19.44 22.44 -37.18
C LEU C 381 -19.99 23.49 -38.13
N ILE C 382 -21.15 23.21 -38.72
CA ILE C 382 -21.74 24.15 -39.67
C ILE C 382 -22.23 25.40 -38.94
N GLN C 383 -22.94 25.21 -37.83
CA GLN C 383 -23.49 26.36 -37.12
C GLN C 383 -24.02 25.93 -35.77
N LEU C 384 -23.98 26.86 -34.83
CA LEU C 384 -24.50 26.64 -33.48
C LEU C 384 -25.19 27.91 -33.02
N ILE C 385 -26.36 27.75 -32.41
CA ILE C 385 -27.12 28.86 -31.83
C ILE C 385 -27.35 28.52 -30.36
N VAL C 386 -26.89 29.38 -29.47
CA VAL C 386 -26.95 29.14 -28.02
C VAL C 386 -27.76 30.26 -27.38
N SER C 387 -28.61 29.86 -26.43
CA SER C 387 -29.50 30.79 -25.71
C SER C 387 -29.46 30.51 -24.22
N GLY C 388 -28.26 30.44 -23.66
CA GLY C 388 -28.09 30.12 -22.27
C GLY C 388 -28.55 31.25 -21.36
N LYS C 389 -28.48 30.97 -20.06
CA LYS C 389 -28.92 31.94 -19.06
C LYS C 389 -27.90 33.06 -18.90
N ASP C 390 -26.67 32.72 -18.51
CA ASP C 390 -25.62 33.72 -18.32
C ASP C 390 -24.37 33.33 -19.10
N GLU C 391 -23.26 34.05 -18.87
CA GLU C 391 -22.06 33.81 -19.64
C GLU C 391 -21.51 32.41 -19.41
N GLN C 392 -21.55 31.92 -18.17
CA GLN C 392 -20.99 30.61 -17.87
C GLN C 392 -21.74 29.50 -18.60
N SER C 393 -23.07 29.57 -18.60
CA SER C 393 -23.85 28.53 -19.26
C SER C 393 -23.58 28.51 -20.76
N ILE C 394 -23.52 29.69 -21.38
CA ILE C 394 -23.26 29.75 -22.82
C ILE C 394 -21.85 29.24 -23.12
N ALA C 395 -20.88 29.57 -22.27
CA ALA C 395 -19.53 29.08 -22.48
C ALA C 395 -19.48 27.56 -22.39
N GLU C 396 -20.16 26.98 -21.40
CA GLU C 396 -20.18 25.53 -21.26
C GLU C 396 -20.84 24.89 -22.48
N ALA C 397 -21.96 25.46 -22.94
CA ALA C 397 -22.63 24.92 -24.11
C ALA C 397 -21.74 25.01 -25.34
N ILE C 398 -21.02 26.12 -25.49
CA ILE C 398 -20.12 26.29 -26.64
C ILE C 398 -19.01 25.25 -26.59
N ILE C 399 -18.44 25.01 -25.41
CA ILE C 399 -17.38 24.01 -25.30
C ILE C 399 -17.91 22.62 -25.66
N VAL C 400 -19.09 22.29 -25.14
CA VAL C 400 -19.66 20.97 -25.43
C VAL C 400 -19.91 20.81 -26.92
N ALA C 401 -20.44 21.86 -27.56
CA ALA C 401 -20.69 21.79 -28.99
C ALA C 401 -19.40 21.67 -29.79
N MET C 402 -18.36 22.40 -29.37
CA MET C 402 -17.08 22.32 -30.07
C MET C 402 -16.49 20.91 -29.98
N VAL C 403 -16.50 20.33 -28.79
CA VAL C 403 -15.97 18.98 -28.64
C VAL C 403 -16.83 17.97 -29.39
N PHE C 404 -18.14 18.19 -29.41
CA PHE C 404 -19.05 17.29 -30.10
C PHE C 404 -18.82 17.31 -31.62
N SER C 405 -18.33 18.43 -32.15
CA SER C 405 -18.14 18.55 -33.59
C SER C 405 -16.95 17.78 -34.11
N GLN C 406 -16.06 17.32 -33.24
CA GLN C 406 -14.87 16.56 -33.65
C GLN C 406 -14.03 17.36 -34.63
N GLU C 407 -13.89 18.66 -34.38
CA GLU C 407 -13.11 19.54 -35.24
C GLU C 407 -11.63 19.32 -35.01
N ASP C 408 -10.86 19.39 -36.10
CA ASP C 408 -9.41 19.27 -35.97
C ASP C 408 -8.82 20.41 -35.16
N CYS C 409 -9.42 21.59 -35.26
CA CYS C 409 -8.96 22.72 -34.43
C CYS C 409 -9.12 22.38 -32.95
N MET C 410 -10.19 21.69 -32.59
CA MET C 410 -10.39 21.27 -31.20
C MET C 410 -9.32 20.27 -30.77
N ILE C 411 -9.00 19.30 -31.63
CA ILE C 411 -8.01 18.29 -31.28
C ILE C 411 -6.64 18.93 -31.10
N LYS C 412 -6.27 19.84 -32.01
CA LYS C 412 -4.95 20.47 -31.93
C LYS C 412 -4.84 21.46 -30.79
N ALA C 413 -5.95 21.81 -30.13
CA ALA C 413 -5.91 22.74 -29.00
C ALA C 413 -5.56 22.06 -27.69
N VAL C 414 -5.35 20.75 -27.69
CA VAL C 414 -5.00 20.05 -26.47
C VAL C 414 -3.58 20.44 -26.06
N ARG C 415 -3.42 20.82 -24.79
CA ARG C 415 -2.14 21.26 -24.25
C ARG C 415 -1.91 20.59 -22.91
N GLY C 416 -0.74 20.82 -22.33
CA GLY C 416 -0.43 20.28 -21.02
C GLY C 416 -0.19 18.78 -21.05
N ASP C 417 -0.22 18.19 -19.87
CA ASP C 417 -0.02 16.75 -19.70
C ASP C 417 -1.38 16.08 -19.56
N LEU C 418 -2.05 15.92 -20.69
CA LEU C 418 -3.33 15.22 -20.76
C LEU C 418 -3.09 13.78 -21.18
N ASN C 419 -3.64 12.84 -20.43
CA ASN C 419 -3.45 11.42 -20.66
C ASN C 419 -4.76 10.78 -21.08
N PHE C 420 -4.68 9.82 -22.01
CA PHE C 420 -5.84 9.08 -22.49
C PHE C 420 -5.84 7.64 -22.03
N VAL C 421 -5.11 7.33 -20.96
CA VAL C 421 -5.14 6.02 -20.32
C VAL C 421 -5.33 6.22 -18.82
N ASN C 422 -5.87 5.19 -18.19
CA ASN C 422 -6.04 5.19 -16.74
C ASN C 422 -4.70 5.00 -16.04
N ARG C 423 -4.67 5.29 -14.74
CA ARG C 423 -3.46 5.07 -13.96
C ARG C 423 -3.06 3.61 -13.93
N ALA C 424 -3.99 2.70 -14.27
CA ALA C 424 -3.70 1.28 -14.43
C ALA C 424 -3.55 0.88 -15.88
N ASN C 425 -3.39 1.86 -16.79
CA ASN C 425 -3.16 1.61 -18.21
C ASN C 425 -4.41 1.05 -18.90
N GLN C 426 -5.59 1.43 -18.42
CA GLN C 426 -6.85 1.06 -19.06
C GLN C 426 -7.35 2.23 -19.89
N ARG C 427 -7.81 1.93 -21.11
CA ARG C 427 -8.19 2.98 -22.03
C ARG C 427 -9.35 3.80 -21.50
N LEU C 428 -9.32 5.10 -21.78
CA LEU C 428 -10.38 6.03 -21.43
C LEU C 428 -11.06 6.55 -22.69
N ASN C 429 -12.28 7.03 -22.52
CA ASN C 429 -13.03 7.56 -23.66
C ASN C 429 -12.40 8.86 -24.12
N PRO C 430 -11.92 8.97 -25.36
CA PRO C 430 -11.26 10.22 -25.78
C PRO C 430 -12.15 11.45 -25.65
N MET C 431 -13.44 11.31 -25.97
CA MET C 431 -14.33 12.47 -25.92
C MET C 431 -14.52 12.97 -24.50
N HIS C 432 -14.66 12.05 -23.54
CA HIS C 432 -14.81 12.46 -22.15
C HIS C 432 -13.54 13.15 -21.65
N GLN C 433 -12.37 12.62 -22.03
CA GLN C 433 -11.12 13.27 -21.64
C GLN C 433 -11.02 14.66 -22.24
N LEU C 434 -11.38 14.82 -23.51
CA LEU C 434 -11.35 16.14 -24.12
C LEU C 434 -12.30 17.10 -23.42
N LEU C 435 -13.51 16.63 -23.09
CA LEU C 435 -14.47 17.47 -22.40
C LEU C 435 -13.94 17.91 -21.05
N ARG C 436 -13.38 16.97 -20.28
CA ARG C 436 -12.84 17.32 -18.97
C ARG C 436 -11.69 18.30 -19.09
N HIS C 437 -10.83 18.11 -20.09
CA HIS C 437 -9.69 19.00 -20.28
C HIS C 437 -10.15 20.42 -20.62
N PHE C 438 -11.09 20.54 -21.56
CA PHE C 438 -11.50 21.86 -22.02
C PHE C 438 -12.48 22.54 -21.09
N GLN C 439 -13.11 21.80 -20.17
CA GLN C 439 -13.99 22.45 -19.21
C GLN C 439 -13.21 23.17 -18.13
N LYS C 440 -12.03 22.67 -17.77
CA LYS C 440 -11.20 23.38 -16.80
C LYS C 440 -10.76 24.73 -17.35
N ASP C 441 -10.32 24.77 -18.60
CA ASP C 441 -9.84 26.01 -19.21
C ASP C 441 -9.87 25.84 -20.72
N ALA C 442 -10.66 26.66 -21.40
CA ALA C 442 -10.81 26.61 -22.85
C ALA C 442 -10.24 27.83 -23.55
N LYS C 443 -9.30 28.54 -22.91
CA LYS C 443 -8.75 29.74 -23.52
C LYS C 443 -8.05 29.43 -24.83
N VAL C 444 -7.22 28.38 -24.86
CA VAL C 444 -6.52 28.02 -26.09
C VAL C 444 -7.52 27.54 -27.13
N LEU C 445 -8.52 26.78 -26.72
CA LEU C 445 -9.53 26.30 -27.65
C LEU C 445 -10.24 27.45 -28.34
N PHE C 446 -10.69 28.44 -27.56
CA PHE C 446 -11.36 29.60 -28.14
C PHE C 446 -10.40 30.40 -29.01
N GLN C 447 -9.15 30.57 -28.56
CA GLN C 447 -8.19 31.35 -29.33
C GLN C 447 -7.92 30.73 -30.69
N ASN C 448 -7.81 29.40 -30.75
CA ASN C 448 -7.52 28.71 -31.99
C ASN C 448 -8.77 28.36 -32.81
N TRP C 449 -9.96 28.55 -32.25
CA TRP C 449 -11.17 28.20 -32.99
C TRP C 449 -11.33 29.05 -34.24
N GLY C 450 -11.10 30.36 -34.12
CA GLY C 450 -11.24 31.28 -35.23
C GLY C 450 -12.33 32.30 -34.99
N ILE C 451 -12.30 33.34 -35.82
CA ILE C 451 -13.25 34.44 -35.75
C ILE C 451 -13.81 34.68 -37.15
N GLU C 452 -14.97 35.35 -37.21
CA GLU C 452 -15.62 35.59 -38.48
C GLU C 452 -16.61 36.73 -38.32
N PRO C 453 -16.71 37.65 -39.28
CA PRO C 453 -17.72 38.70 -39.19
C PRO C 453 -19.13 38.13 -39.30
N ILE C 454 -20.07 38.78 -38.62
CA ILE C 454 -21.45 38.34 -38.59
C ILE C 454 -22.32 39.33 -39.36
N ASP C 455 -23.51 38.87 -39.73
CA ASP C 455 -24.41 39.64 -40.59
C ASP C 455 -25.42 40.46 -39.81
N ASN C 456 -25.45 40.36 -38.48
CA ASN C 456 -26.37 41.13 -37.65
C ASN C 456 -27.81 40.91 -38.10
N VAL C 457 -28.27 39.67 -37.94
CA VAL C 457 -29.60 39.25 -38.35
C VAL C 457 -30.42 38.93 -37.10
N MET C 458 -31.63 39.48 -37.04
CA MET C 458 -32.62 39.21 -36.00
C MET C 458 -32.23 39.77 -34.65
N GLY C 459 -31.10 40.47 -34.54
CA GLY C 459 -30.66 41.00 -33.26
C GLY C 459 -29.95 40.01 -32.37
N MET C 460 -29.75 38.77 -32.84
CA MET C 460 -29.03 37.79 -32.04
C MET C 460 -27.60 38.26 -31.79
N ILE C 461 -27.18 38.22 -30.53
CA ILE C 461 -25.91 38.83 -30.15
C ILE C 461 -24.75 37.90 -30.53
N GLY C 462 -23.56 38.48 -30.62
CA GLY C 462 -22.35 37.74 -30.94
C GLY C 462 -21.65 37.23 -29.69
N ILE C 463 -20.45 36.72 -29.91
CA ILE C 463 -19.61 36.21 -28.83
C ILE C 463 -18.18 36.11 -29.35
N LEU C 464 -17.23 36.48 -28.52
CA LEU C 464 -15.82 36.49 -28.89
C LEU C 464 -15.03 35.47 -28.08
N PRO C 465 -13.84 35.08 -28.56
CA PRO C 465 -13.03 34.09 -27.83
C PRO C 465 -12.79 34.47 -26.38
N ASP C 466 -12.88 35.77 -26.07
CA ASP C 466 -12.80 36.25 -24.70
C ASP C 466 -14.12 36.13 -23.96
N MET C 467 -15.17 35.60 -24.59
CA MET C 467 -16.48 35.46 -23.99
C MET C 467 -17.09 36.83 -23.65
N THR C 468 -17.25 37.65 -24.69
CA THR C 468 -17.89 38.95 -24.55
C THR C 468 -18.90 39.14 -25.69
N PRO C 469 -19.95 39.95 -25.48
CA PRO C 469 -20.98 40.10 -26.51
C PRO C 469 -20.61 41.09 -27.59
N SER C 470 -19.89 40.64 -28.62
CA SER C 470 -19.58 41.50 -29.75
C SER C 470 -20.75 41.54 -30.73
N THR C 471 -20.68 42.50 -31.66
CA THR C 471 -21.71 42.68 -32.67
C THR C 471 -21.17 42.71 -34.10
N GLU C 472 -19.86 42.81 -34.29
CA GLU C 472 -19.27 42.84 -35.62
C GLU C 472 -18.68 41.48 -36.02
N MET C 473 -17.90 40.87 -35.14
CA MET C 473 -17.30 39.57 -35.39
C MET C 473 -17.56 38.66 -34.21
N SER C 474 -17.66 37.36 -34.48
CA SER C 474 -17.93 36.38 -33.44
C SER C 474 -17.20 35.09 -33.77
N LEU C 475 -17.27 34.14 -32.83
CA LEU C 475 -16.67 32.83 -33.05
C LEU C 475 -17.27 32.17 -34.27
N ARG C 476 -16.42 31.50 -35.04
CA ARG C 476 -16.83 30.91 -36.31
C ARG C 476 -18.02 29.97 -36.13
N GLY C 477 -19.13 30.32 -36.74
CA GLY C 477 -20.31 29.47 -36.76
C GLY C 477 -21.19 29.55 -35.53
N VAL C 478 -20.82 30.35 -34.53
CA VAL C 478 -21.53 30.39 -33.26
C VAL C 478 -22.29 31.70 -33.17
N ARG C 479 -23.54 31.61 -32.71
CA ARG C 479 -24.39 32.78 -32.51
C ARG C 479 -25.10 32.65 -31.16
N VAL C 480 -25.43 33.80 -30.57
CA VAL C 480 -26.11 33.85 -29.28
C VAL C 480 -27.46 34.51 -29.50
N SER C 481 -28.53 33.81 -29.10
CA SER C 481 -29.89 34.31 -29.20
C SER C 481 -30.53 34.28 -27.81
N LYS C 482 -31.82 34.60 -27.76
CA LYS C 482 -32.55 34.64 -26.50
C LYS C 482 -33.91 33.95 -26.52
N MET C 483 -34.54 33.79 -27.69
CA MET C 483 -35.88 33.24 -27.77
C MET C 483 -35.91 31.77 -28.16
N GLY C 484 -34.77 31.10 -28.20
CA GLY C 484 -34.73 29.70 -28.57
C GLY C 484 -34.75 28.79 -27.37
N VAL C 485 -35.88 28.15 -27.09
CA VAL C 485 -36.00 27.22 -25.98
C VAL C 485 -36.44 25.85 -26.48
N ASP C 486 -37.65 25.78 -27.04
CA ASP C 486 -38.23 24.52 -27.52
C ASP C 486 -37.86 23.36 -26.61
N GLU C 487 -38.16 23.51 -25.32
CA GLU C 487 -37.79 22.51 -24.33
C GLU C 487 -38.93 21.58 -23.96
N TYR C 488 -40.19 22.03 -24.05
CA TYR C 488 -41.31 21.15 -23.73
C TYR C 488 -41.35 19.96 -24.66
N SER C 489 -41.13 20.17 -25.96
CA SER C 489 -41.21 19.10 -26.93
C SER C 489 -40.12 18.06 -26.76
N SER C 490 -39.08 18.34 -25.97
CA SER C 490 -38.04 17.34 -25.76
C SER C 490 -38.59 16.09 -25.09
N THR C 491 -39.45 16.27 -24.08
CA THR C 491 -40.08 15.14 -23.40
C THR C 491 -41.43 14.85 -24.05
N GLU C 492 -41.36 14.30 -25.26
CA GLU C 492 -42.52 14.07 -26.10
C GLU C 492 -42.48 12.66 -26.69
N ARG C 493 -42.29 11.67 -25.81
CA ARG C 493 -42.25 10.27 -26.21
C ARG C 493 -43.24 9.97 -27.32
N VAL C 494 -42.75 9.34 -28.39
CA VAL C 494 -43.53 9.12 -29.60
C VAL C 494 -43.71 7.62 -29.82
N VAL C 495 -44.82 7.26 -30.43
CA VAL C 495 -45.11 5.86 -30.77
C VAL C 495 -44.31 5.49 -32.01
N VAL C 496 -43.61 4.36 -31.94
CA VAL C 496 -42.73 3.93 -33.02
C VAL C 496 -42.98 2.45 -33.32
N SER C 497 -42.55 2.04 -34.51
CA SER C 497 -42.62 0.66 -34.95
C SER C 497 -41.21 0.09 -35.05
N ILE C 498 -41.06 -1.17 -34.66
CA ILE C 498 -39.77 -1.84 -34.66
C ILE C 498 -39.81 -2.98 -35.66
N ASP C 499 -38.81 -3.03 -36.53
CA ASP C 499 -38.72 -4.05 -37.56
C ASP C 499 -38.17 -5.35 -36.96
N ARG C 500 -38.30 -6.44 -37.73
CA ARG C 500 -37.77 -7.72 -37.29
C ARG C 500 -36.29 -7.61 -36.96
N PHE C 501 -35.54 -6.84 -37.74
CA PHE C 501 -34.11 -6.66 -37.53
C PHE C 501 -33.79 -5.48 -36.63
N LEU C 502 -34.72 -5.09 -35.77
CA LEU C 502 -34.48 -4.10 -34.73
C LEU C 502 -34.24 -2.71 -35.32
N ARG C 503 -34.97 -2.38 -36.38
CA ARG C 503 -34.91 -1.05 -36.99
C ARG C 503 -36.16 -0.28 -36.55
N VAL C 504 -35.97 0.64 -35.60
CA VAL C 504 -37.08 1.43 -35.10
C VAL C 504 -37.46 2.47 -36.15
N ARG C 505 -38.76 2.59 -36.42
CA ARG C 505 -39.28 3.53 -37.41
C ARG C 505 -40.37 4.38 -36.77
N ASP C 506 -40.53 5.59 -37.31
CA ASP C 506 -41.57 6.48 -36.83
C ASP C 506 -42.91 6.10 -37.46
N GLN C 507 -43.98 6.77 -37.00
CA GLN C 507 -45.30 6.54 -37.60
C GLN C 507 -45.30 6.89 -39.07
N ARG C 508 -44.61 7.97 -39.45
CA ARG C 508 -44.51 8.33 -40.86
C ARG C 508 -43.82 7.23 -41.66
N GLY C 509 -42.74 6.68 -41.11
CA GLY C 509 -42.01 5.62 -41.78
C GLY C 509 -40.52 5.85 -41.85
N ASN C 510 -40.03 6.90 -41.20
CA ASN C 510 -38.61 7.20 -41.20
C ASN C 510 -37.91 6.44 -40.09
N VAL C 511 -36.67 6.03 -40.36
CA VAL C 511 -35.88 5.26 -39.41
C VAL C 511 -35.31 6.20 -38.36
N LEU C 512 -35.52 5.85 -37.09
CA LEU C 512 -35.01 6.63 -35.97
C LEU C 512 -33.80 5.98 -35.31
N LEU C 513 -33.88 4.70 -34.98
CA LEU C 513 -32.80 3.97 -34.35
C LEU C 513 -32.56 2.67 -35.09
N SER C 514 -31.32 2.21 -35.05
CA SER C 514 -30.93 0.90 -35.56
C SER C 514 -29.83 0.36 -34.68
N PRO C 515 -29.57 -0.95 -34.72
CA PRO C 515 -28.53 -1.51 -33.86
C PRO C 515 -27.16 -0.91 -34.11
N GLU C 516 -26.89 -0.43 -35.33
CA GLU C 516 -25.58 0.15 -35.63
C GLU C 516 -25.31 1.42 -34.84
N GLU C 517 -26.35 2.05 -34.31
CA GLU C 517 -26.20 3.29 -33.55
C GLU C 517 -25.94 3.06 -32.07
N VAL C 518 -25.90 1.81 -31.62
CA VAL C 518 -25.63 1.51 -30.23
C VAL C 518 -24.12 1.52 -30.00
N SER C 519 -23.69 2.04 -28.86
CA SER C 519 -22.27 2.15 -28.57
C SER C 519 -21.64 0.76 -28.49
N GLU C 520 -20.39 0.68 -28.92
CA GLU C 520 -19.62 -0.55 -28.87
C GLU C 520 -18.83 -0.69 -27.57
N THR C 521 -18.94 0.25 -26.66
CA THR C 521 -18.22 0.18 -25.39
C THR C 521 -18.74 -0.97 -24.55
N GLN C 522 -17.82 -1.65 -23.85
CA GLN C 522 -18.13 -2.78 -22.98
C GLN C 522 -17.85 -2.37 -21.54
N GLY C 523 -18.88 -1.84 -20.87
CA GLY C 523 -18.74 -1.34 -19.52
C GLY C 523 -19.13 -2.38 -18.48
N THR C 524 -19.22 -1.90 -17.23
CA THR C 524 -19.60 -2.72 -16.10
C THR C 524 -20.76 -2.06 -15.36
N GLU C 525 -21.55 -2.88 -14.68
CA GLU C 525 -22.81 -2.45 -14.09
C GLU C 525 -22.63 -2.07 -12.62
N LYS C 526 -23.39 -1.07 -12.19
CA LYS C 526 -23.38 -0.68 -10.78
C LYS C 526 -24.11 -1.69 -9.92
N LEU C 527 -25.26 -2.16 -10.38
CA LEU C 527 -26.04 -3.19 -9.71
C LEU C 527 -25.81 -4.54 -10.41
N THR C 528 -25.81 -5.60 -9.62
CA THR C 528 -25.60 -6.92 -10.20
C THR C 528 -26.72 -7.28 -11.16
N ILE C 529 -26.35 -7.89 -12.28
CA ILE C 529 -27.30 -8.31 -13.31
C ILE C 529 -27.38 -9.82 -13.28
N THR C 530 -28.60 -10.34 -13.22
CA THR C 530 -28.85 -11.77 -13.16
C THR C 530 -29.56 -12.22 -14.43
N TYR C 531 -29.03 -13.26 -15.07
CA TYR C 531 -29.62 -13.83 -16.28
C TYR C 531 -30.00 -15.27 -16.01
N SER C 532 -31.22 -15.64 -16.36
CA SER C 532 -31.75 -16.98 -16.12
C SER C 532 -32.00 -17.65 -17.46
N SER C 533 -31.19 -18.65 -17.79
CA SER C 533 -31.34 -19.41 -19.02
C SER C 533 -30.41 -20.60 -18.96
N SER C 534 -30.36 -21.35 -20.07
CA SER C 534 -29.41 -22.45 -20.16
C SER C 534 -27.98 -21.94 -20.07
N MET C 535 -27.70 -20.82 -20.74
CA MET C 535 -26.39 -20.17 -20.71
C MET C 535 -26.53 -18.91 -19.86
N MET C 536 -26.06 -18.99 -18.62
CA MET C 536 -26.06 -17.81 -17.75
C MET C 536 -24.98 -16.81 -18.14
N TRP C 537 -24.13 -17.15 -19.10
CA TRP C 537 -23.07 -16.28 -19.58
C TRP C 537 -23.40 -15.64 -20.93
N GLU C 538 -24.68 -15.67 -21.32
CA GLU C 538 -25.05 -15.21 -22.66
C GLU C 538 -24.86 -13.70 -22.82
N ILE C 539 -25.03 -12.93 -21.74
CA ILE C 539 -24.94 -11.48 -21.82
C ILE C 539 -23.84 -10.97 -20.90
N ASN C 540 -22.78 -11.76 -20.72
CA ASN C 540 -21.67 -11.40 -19.87
C ASN C 540 -20.63 -10.60 -20.67
N GLY C 541 -19.51 -10.28 -20.02
CA GLY C 541 -18.44 -9.59 -20.67
C GLY C 541 -17.69 -10.49 -21.63
N PRO C 542 -16.70 -9.91 -22.32
CA PRO C 542 -15.99 -10.69 -23.35
C PRO C 542 -15.19 -11.85 -22.78
N GLU C 543 -14.45 -11.64 -21.70
CA GLU C 543 -13.62 -12.71 -21.15
C GLU C 543 -14.48 -13.89 -20.71
N SER C 544 -15.58 -13.61 -20.01
CA SER C 544 -16.47 -14.66 -19.57
C SER C 544 -17.06 -15.40 -20.77
N VAL C 545 -17.45 -14.65 -21.81
CA VAL C 545 -18.02 -15.28 -22.99
C VAL C 545 -17.03 -16.23 -23.62
N LEU C 546 -15.78 -15.79 -23.77
CA LEU C 546 -14.76 -16.65 -24.39
C LEU C 546 -14.52 -17.90 -23.56
N VAL C 547 -14.28 -17.73 -22.25
CA VAL C 547 -13.96 -18.87 -21.41
C VAL C 547 -15.12 -19.86 -21.39
N ASN C 548 -16.35 -19.34 -21.28
CA ASN C 548 -17.51 -20.23 -21.20
C ASN C 548 -17.81 -20.90 -22.52
N THR C 549 -17.55 -20.22 -23.65
CA THR C 549 -17.74 -20.88 -24.94
C THR C 549 -16.79 -22.06 -25.10
N TYR C 550 -15.51 -21.85 -24.77
CA TYR C 550 -14.57 -22.97 -24.90
C TYR C 550 -14.84 -24.05 -23.86
N GLN C 551 -15.26 -23.68 -22.66
CA GLN C 551 -15.63 -24.68 -21.66
C GLN C 551 -16.83 -25.49 -22.10
N TRP C 552 -17.82 -24.85 -22.73
CA TRP C 552 -18.96 -25.58 -23.25
C TRP C 552 -18.54 -26.55 -24.34
N ILE C 553 -17.65 -26.12 -25.25
CA ILE C 553 -17.19 -27.01 -26.30
C ILE C 553 -16.47 -28.21 -25.68
N ILE C 554 -15.66 -27.98 -24.65
CA ILE C 554 -14.91 -29.07 -24.03
C ILE C 554 -15.86 -30.03 -23.31
N ARG C 555 -16.82 -29.49 -22.56
CA ARG C 555 -17.70 -30.35 -21.76
C ARG C 555 -18.53 -31.27 -22.65
N ASN C 556 -19.04 -30.75 -23.77
CA ASN C 556 -19.84 -31.53 -24.70
C ASN C 556 -19.02 -32.06 -25.86
N TRP C 557 -17.75 -32.39 -25.61
CA TRP C 557 -16.87 -32.75 -26.72
C TRP C 557 -17.28 -34.04 -27.41
N GLU C 558 -17.99 -34.93 -26.71
CA GLU C 558 -18.36 -36.20 -27.31
C GLU C 558 -19.37 -36.02 -28.43
N ASN C 559 -20.56 -35.49 -28.09
CA ASN C 559 -21.57 -35.28 -29.10
C ASN C 559 -21.15 -34.20 -30.09
N VAL C 560 -20.40 -33.20 -29.63
CA VAL C 560 -19.91 -32.18 -30.56
C VAL C 560 -18.97 -32.79 -31.59
N LYS C 561 -18.08 -33.67 -31.14
CA LYS C 561 -17.19 -34.36 -32.07
C LYS C 561 -17.97 -35.22 -33.06
N ILE C 562 -18.95 -35.97 -32.56
CA ILE C 562 -19.75 -36.82 -33.45
C ILE C 562 -20.49 -35.95 -34.47
N GLN C 563 -21.08 -34.85 -34.03
CA GLN C 563 -21.83 -33.98 -34.93
C GLN C 563 -20.91 -33.33 -35.96
N TRP C 564 -19.73 -32.87 -35.54
CA TRP C 564 -18.77 -32.31 -36.47
C TRP C 564 -18.38 -33.33 -37.53
N SER C 565 -18.15 -34.57 -37.11
CA SER C 565 -17.77 -35.61 -38.06
C SER C 565 -18.91 -35.91 -39.03
N GLN C 566 -20.15 -35.96 -38.54
CA GLN C 566 -21.26 -36.45 -39.34
C GLN C 566 -21.99 -35.33 -40.08
N ASP C 567 -22.56 -34.38 -39.33
CA ASP C 567 -23.43 -33.34 -39.89
C ASP C 567 -22.95 -31.98 -39.43
N PRO C 568 -21.89 -31.44 -40.06
CA PRO C 568 -21.37 -30.13 -39.63
C PRO C 568 -22.35 -28.99 -39.80
N THR C 569 -23.32 -29.09 -40.71
CA THR C 569 -24.21 -27.97 -40.97
C THR C 569 -24.98 -27.57 -39.72
N MET C 570 -25.45 -28.56 -38.95
CA MET C 570 -26.20 -28.26 -37.74
C MET C 570 -25.30 -27.79 -36.60
N LEU C 571 -24.04 -28.23 -36.58
CA LEU C 571 -23.14 -27.83 -35.49
C LEU C 571 -22.84 -26.34 -35.56
N TYR C 572 -22.55 -25.81 -36.75
CA TYR C 572 -22.21 -24.40 -36.89
C TYR C 572 -23.37 -23.50 -36.50
N ASN C 573 -24.59 -24.03 -36.46
CA ASN C 573 -25.77 -23.24 -36.17
C ASN C 573 -26.19 -23.32 -34.71
N LYS C 574 -25.32 -23.81 -33.83
CA LYS C 574 -25.64 -23.86 -32.41
C LYS C 574 -25.85 -22.45 -31.87
N MET C 575 -26.79 -22.33 -30.93
CA MET C 575 -27.03 -21.05 -30.28
C MET C 575 -25.91 -20.67 -29.32
N GLU C 576 -25.00 -21.59 -29.01
CA GLU C 576 -23.95 -21.31 -28.05
C GLU C 576 -22.83 -20.44 -28.64
N PHE C 577 -22.63 -20.50 -29.95
CA PHE C 577 -21.56 -19.73 -30.59
C PHE C 577 -21.93 -18.29 -30.88
N GLU C 578 -23.21 -17.93 -30.79
CA GLU C 578 -23.61 -16.57 -31.13
C GLU C 578 -22.99 -15.53 -30.22
N PRO C 579 -22.95 -15.69 -28.90
CA PRO C 579 -22.21 -14.71 -28.09
C PRO C 579 -20.76 -14.56 -28.50
N PHE C 580 -20.11 -15.65 -28.90
CA PHE C 580 -18.76 -15.56 -29.42
C PHE C 580 -18.73 -14.79 -30.74
N GLN C 581 -19.67 -15.07 -31.63
CA GLN C 581 -19.71 -14.37 -32.91
C GLN C 581 -19.94 -12.88 -32.73
N SER C 582 -20.60 -12.49 -31.63
CA SER C 582 -20.76 -11.07 -31.35
C SER C 582 -19.41 -10.38 -31.12
N LEU C 583 -18.44 -11.12 -30.57
CA LEU C 583 -17.13 -10.54 -30.29
C LEU C 583 -16.27 -10.39 -31.55
N VAL C 584 -16.48 -11.25 -32.53
CA VAL C 584 -15.67 -11.18 -33.76
C VAL C 584 -15.98 -9.89 -34.50
N PRO C 585 -15.00 -9.21 -35.09
CA PRO C 585 -15.31 -8.01 -35.88
C PRO C 585 -16.28 -8.34 -37.00
N LYS C 586 -17.27 -7.47 -37.18
CA LYS C 586 -18.35 -7.76 -38.11
C LYS C 586 -17.82 -7.96 -39.52
N ALA C 587 -17.06 -6.98 -40.02
CA ALA C 587 -16.60 -7.05 -41.41
C ALA C 587 -15.76 -8.28 -41.67
N ALA C 588 -15.19 -8.89 -40.63
CA ALA C 588 -14.38 -10.07 -40.79
C ALA C 588 -15.17 -11.37 -40.66
N ARG C 589 -16.30 -11.35 -39.95
CA ARG C 589 -16.99 -12.57 -39.56
C ARG C 589 -17.07 -13.55 -40.73
N GLY C 590 -17.81 -13.18 -41.77
CA GLY C 590 -17.97 -14.07 -42.89
C GLY C 590 -16.65 -14.61 -43.39
N GLN C 591 -15.70 -13.70 -43.68
CA GLN C 591 -14.38 -14.13 -44.12
C GLN C 591 -13.87 -15.24 -43.22
N TYR C 592 -13.73 -14.95 -41.92
CA TYR C 592 -13.21 -15.96 -41.01
C TYR C 592 -13.97 -17.25 -41.15
N SER C 593 -15.31 -17.17 -41.08
CA SER C 593 -16.13 -18.36 -41.24
C SER C 593 -15.65 -19.17 -42.44
N GLY C 594 -15.67 -18.55 -43.61
CA GLY C 594 -15.24 -19.23 -44.82
C GLY C 594 -13.94 -19.96 -44.56
N PHE C 595 -12.91 -19.20 -44.20
CA PHE C 595 -11.60 -19.77 -43.94
C PHE C 595 -11.73 -21.04 -43.09
N VAL C 596 -12.29 -20.88 -41.89
CA VAL C 596 -12.32 -22.00 -40.95
C VAL C 596 -13.00 -23.19 -41.59
N ARG C 597 -14.16 -22.97 -42.22
CA ARG C 597 -14.90 -24.09 -42.77
C ARG C 597 -14.05 -24.86 -43.77
N VAL C 598 -13.35 -24.15 -44.65
CA VAL C 598 -12.50 -24.84 -45.62
C VAL C 598 -11.53 -25.76 -44.91
N LEU C 599 -10.87 -25.26 -43.87
CA LEU C 599 -9.94 -26.10 -43.12
C LEU C 599 -10.62 -27.38 -42.70
N PHE C 600 -11.79 -27.26 -42.07
CA PHE C 600 -12.47 -28.45 -41.59
C PHE C 600 -12.71 -29.44 -42.72
N GLN C 601 -13.14 -28.94 -43.88
CA GLN C 601 -13.36 -29.83 -45.01
C GLN C 601 -12.09 -30.60 -45.35
N GLN C 602 -10.96 -29.90 -45.42
CA GLN C 602 -9.71 -30.59 -45.67
C GLN C 602 -9.41 -31.59 -44.58
N MET C 603 -9.68 -31.21 -43.32
CA MET C 603 -9.45 -32.12 -42.21
C MET C 603 -10.27 -33.40 -42.35
N ARG C 604 -11.38 -33.34 -43.08
CA ARG C 604 -12.17 -34.53 -43.34
C ARG C 604 -11.72 -35.27 -44.60
N ASP C 605 -11.13 -34.56 -45.56
CA ASP C 605 -10.71 -35.21 -46.80
C ASP C 605 -9.43 -36.03 -46.60
N VAL C 606 -8.51 -35.54 -45.77
CA VAL C 606 -7.25 -36.22 -45.51
C VAL C 606 -7.36 -36.94 -44.17
N LEU C 607 -7.31 -38.26 -44.21
CA LEU C 607 -7.44 -39.07 -43.01
C LEU C 607 -6.13 -39.12 -42.23
N GLY C 608 -6.24 -39.46 -40.94
CA GLY C 608 -5.08 -39.57 -40.08
C GLY C 608 -4.60 -38.27 -39.49
N THR C 609 -5.23 -37.15 -39.82
CA THR C 609 -4.87 -35.83 -39.28
C THR C 609 -6.10 -35.28 -38.57
N PHE C 610 -6.26 -35.62 -37.30
CA PHE C 610 -7.38 -35.18 -36.48
C PHE C 610 -6.84 -34.64 -35.16
N ASP C 611 -6.53 -33.33 -35.14
CA ASP C 611 -6.11 -32.65 -33.92
C ASP C 611 -7.34 -32.07 -33.24
N THR C 612 -7.60 -32.52 -32.01
CA THR C 612 -8.74 -32.01 -31.26
C THR C 612 -8.59 -30.52 -30.98
N VAL C 613 -7.38 -30.08 -30.65
CA VAL C 613 -7.17 -28.70 -30.25
C VAL C 613 -7.50 -27.75 -31.39
N GLN C 614 -7.13 -28.10 -32.61
CA GLN C 614 -7.41 -27.23 -33.75
C GLN C 614 -8.91 -27.05 -33.95
N ILE C 615 -9.66 -28.15 -33.91
CA ILE C 615 -11.11 -28.07 -34.09
C ILE C 615 -11.72 -27.24 -32.97
N ILE C 616 -11.31 -27.50 -31.72
CA ILE C 616 -11.89 -26.77 -30.60
C ILE C 616 -11.58 -25.27 -30.73
N LYS C 617 -10.36 -24.93 -31.14
CA LYS C 617 -9.99 -23.54 -31.28
C LYS C 617 -10.81 -22.85 -32.36
N LEU C 618 -10.98 -23.49 -33.52
CA LEU C 618 -11.57 -22.82 -34.66
C LEU C 618 -13.09 -22.97 -34.74
N LEU C 619 -13.70 -23.83 -33.94
CA LEU C 619 -15.13 -24.07 -34.07
C LEU C 619 -15.97 -22.81 -33.87
N PRO C 620 -15.72 -21.98 -32.86
CA PRO C 620 -16.59 -20.80 -32.67
C PRO C 620 -16.54 -19.83 -33.84
N PHE C 621 -15.51 -19.89 -34.68
CA PHE C 621 -15.38 -18.94 -35.79
C PHE C 621 -16.17 -19.37 -37.03
N ALA C 622 -16.76 -20.55 -37.03
CA ALA C 622 -17.50 -21.06 -38.18
C ALA C 622 -19.01 -20.87 -38.03
N ALA C 623 -19.44 -20.03 -37.09
CA ALA C 623 -20.86 -19.84 -36.81
C ALA C 623 -21.48 -18.70 -37.61
N ALA C 624 -20.73 -18.06 -38.50
CA ALA C 624 -21.28 -16.98 -39.30
C ALA C 624 -21.45 -17.42 -40.76
N PRO C 625 -22.37 -16.80 -41.50
CA PRO C 625 -22.53 -17.16 -42.92
C PRO C 625 -21.23 -17.00 -43.68
N PRO C 626 -20.73 -18.08 -44.28
CA PRO C 626 -19.41 -18.01 -44.91
C PRO C 626 -19.38 -17.12 -46.14
N GLU C 627 -18.22 -16.51 -46.38
CA GLU C 627 -17.94 -15.74 -47.58
C GLU C 627 -16.69 -16.31 -48.22
N GLN C 628 -16.83 -16.85 -49.43
CA GLN C 628 -15.72 -17.53 -50.07
C GLN C 628 -14.63 -16.55 -50.45
N SER C 629 -13.37 -16.98 -50.31
CA SER C 629 -12.22 -16.16 -50.66
C SER C 629 -11.00 -17.08 -50.72
N ARG C 630 -9.87 -16.51 -51.10
CA ARG C 630 -8.60 -17.23 -51.13
C ARG C 630 -7.58 -16.62 -50.16
N MET C 631 -8.04 -15.81 -49.22
CA MET C 631 -7.13 -15.17 -48.27
C MET C 631 -6.62 -16.20 -47.26
N GLN C 632 -5.38 -15.99 -46.82
CA GLN C 632 -4.75 -16.83 -45.82
C GLN C 632 -4.67 -16.07 -44.51
N PHE C 633 -5.17 -16.67 -43.44
CA PHE C 633 -5.15 -16.07 -42.11
C PHE C 633 -4.16 -16.83 -41.23
N SER C 634 -3.27 -16.09 -40.58
CA SER C 634 -2.41 -16.64 -39.55
C SER C 634 -2.96 -16.41 -38.15
N SER C 635 -4.00 -15.59 -38.01
CA SER C 635 -4.63 -15.34 -36.73
C SER C 635 -5.98 -14.68 -36.97
N LEU C 636 -6.88 -14.86 -36.00
CA LEU C 636 -8.23 -14.33 -36.06
C LEU C 636 -8.47 -13.43 -34.85
N THR C 637 -9.03 -12.25 -35.08
CA THR C 637 -9.14 -11.25 -34.03
C THR C 637 -10.47 -11.36 -33.29
N VAL C 638 -10.45 -10.90 -32.04
CA VAL C 638 -11.65 -10.81 -31.20
C VAL C 638 -11.55 -9.52 -30.39
N ASN C 639 -12.67 -8.80 -30.30
CA ASN C 639 -12.68 -7.53 -29.59
C ASN C 639 -12.89 -7.78 -28.10
N VAL C 640 -11.87 -7.50 -27.29
CA VAL C 640 -11.94 -7.63 -25.85
C VAL C 640 -11.63 -6.26 -25.23
N ARG C 641 -12.61 -5.68 -24.57
CA ARG C 641 -12.44 -4.40 -23.87
C ARG C 641 -11.79 -3.37 -24.79
N GLY C 642 -12.22 -3.32 -26.04
CA GLY C 642 -11.77 -2.32 -26.97
C GLY C 642 -10.45 -2.60 -27.66
N SER C 643 -9.82 -3.73 -27.37
CA SER C 643 -8.56 -4.10 -28.01
C SER C 643 -8.75 -5.37 -28.82
N GLY C 644 -8.09 -5.45 -29.97
CA GLY C 644 -8.20 -6.60 -30.83
C GLY C 644 -7.20 -7.68 -30.50
N MET C 645 -7.65 -8.68 -29.75
CA MET C 645 -6.77 -9.77 -29.30
C MET C 645 -6.82 -10.89 -30.33
N ARG C 646 -5.66 -11.37 -30.74
CA ARG C 646 -5.55 -12.33 -31.81
C ARG C 646 -5.45 -13.75 -31.26
N ILE C 647 -6.04 -14.68 -32.00
CA ILE C 647 -5.93 -16.12 -31.74
C ILE C 647 -5.18 -16.73 -32.91
N VAL C 648 -4.04 -17.34 -32.62
CA VAL C 648 -3.16 -17.84 -33.67
C VAL C 648 -3.67 -19.20 -34.14
N VAL C 649 -3.74 -19.38 -35.45
CA VAL C 649 -4.26 -20.63 -36.01
C VAL C 649 -3.41 -21.81 -35.57
N ARG C 650 -2.08 -21.65 -35.64
CA ARG C 650 -1.14 -22.71 -35.29
C ARG C 650 -0.36 -22.32 -34.05
N GLY C 651 -0.34 -23.18 -33.05
CA GLY C 651 0.39 -22.92 -31.82
C GLY C 651 -0.44 -22.15 -30.80
N ASN C 652 0.17 -21.95 -29.64
CA ASN C 652 -0.50 -21.26 -28.54
C ASN C 652 -0.51 -19.75 -28.80
N SER C 653 -1.43 -19.09 -28.11
CA SER C 653 -1.66 -17.65 -28.25
C SER C 653 -1.93 -17.07 -26.88
N PRO C 654 -1.84 -15.75 -26.73
CA PRO C 654 -2.14 -15.15 -25.42
C PRO C 654 -3.52 -15.50 -24.90
N VAL C 655 -4.50 -15.60 -25.80
CA VAL C 655 -5.87 -15.91 -25.39
C VAL C 655 -6.00 -17.41 -25.15
N PHE C 656 -5.81 -18.21 -26.19
CA PHE C 656 -6.10 -19.64 -26.19
C PHE C 656 -4.77 -20.38 -26.21
N ASN C 657 -4.41 -21.02 -25.09
CA ASN C 657 -3.18 -21.79 -25.03
C ASN C 657 -3.45 -23.16 -24.43
N TYR C 658 -2.98 -24.21 -25.09
CA TYR C 658 -3.18 -25.58 -24.68
C TYR C 658 -1.85 -26.17 -24.22
N ASN C 659 -1.87 -26.85 -23.07
CA ASN C 659 -0.69 -27.44 -22.47
C ASN C 659 -0.80 -28.96 -22.57
N LYS C 660 0.17 -29.57 -23.27
CA LYS C 660 0.17 -31.02 -23.46
C LYS C 660 0.64 -31.77 -22.22
N ALA C 661 1.55 -31.17 -21.44
CA ALA C 661 2.03 -31.86 -20.25
C ALA C 661 0.90 -32.16 -19.28
N THR C 662 0.00 -31.19 -19.08
CA THR C 662 -1.19 -31.39 -18.25
C THR C 662 -2.44 -31.64 -19.07
N LYS C 663 -2.37 -31.52 -20.39
CA LYS C 663 -3.54 -31.69 -21.26
C LYS C 663 -4.67 -30.74 -20.84
N ARG C 664 -4.30 -29.49 -20.56
CA ARG C 664 -5.24 -28.50 -20.02
C ARG C 664 -5.31 -27.30 -20.95
N LEU C 665 -6.49 -26.68 -21.02
CA LEU C 665 -6.70 -25.51 -21.85
C LEU C 665 -6.85 -24.28 -20.98
N THR C 666 -6.16 -23.21 -21.33
CA THR C 666 -6.26 -21.94 -20.64
C THR C 666 -6.71 -20.87 -21.62
N VAL C 667 -7.79 -20.17 -21.25
CA VAL C 667 -8.35 -19.10 -22.07
C VAL C 667 -8.25 -17.82 -21.27
N LEU C 668 -7.42 -16.89 -21.72
CA LEU C 668 -7.21 -15.62 -21.02
C LEU C 668 -6.80 -15.85 -19.58
N GLY C 669 -6.04 -16.92 -19.33
CA GLY C 669 -5.58 -17.23 -18.00
C GLY C 669 -6.54 -18.04 -17.15
N LYS C 670 -7.72 -18.35 -17.65
CA LYS C 670 -8.70 -19.15 -16.93
C LYS C 670 -8.70 -20.58 -17.45
N ASP C 671 -8.81 -21.53 -16.52
CA ASP C 671 -8.76 -22.95 -16.86
C ASP C 671 -10.12 -23.37 -17.44
N ALA C 672 -10.13 -23.70 -18.73
CA ALA C 672 -11.36 -24.14 -19.38
C ALA C 672 -11.59 -25.64 -19.29
N GLY C 673 -10.65 -26.39 -18.75
CA GLY C 673 -10.80 -27.82 -18.58
C GLY C 673 -9.72 -28.59 -19.31
N ALA C 674 -9.76 -29.91 -19.12
CA ALA C 674 -8.78 -30.83 -19.69
C ALA C 674 -9.41 -31.61 -20.82
N LEU C 675 -8.76 -31.58 -21.99
CA LEU C 675 -9.21 -32.41 -23.10
C LEU C 675 -8.93 -33.88 -22.80
N MET C 676 -9.80 -34.75 -23.33
CA MET C 676 -9.67 -36.19 -23.16
C MET C 676 -9.11 -36.76 -24.45
N GLU C 677 -8.01 -37.50 -24.34
CA GLU C 677 -7.33 -38.04 -25.51
C GLU C 677 -8.22 -39.03 -26.24
N ASP C 678 -8.18 -38.98 -27.58
CA ASP C 678 -8.93 -39.90 -28.42
C ASP C 678 -7.99 -40.84 -29.16
N PRO C 679 -8.40 -42.10 -29.38
CA PRO C 679 -7.55 -43.02 -30.14
C PRO C 679 -7.37 -42.61 -31.59
N ASP C 680 -8.26 -41.78 -32.13
CA ASP C 680 -8.21 -41.38 -33.53
C ASP C 680 -7.26 -40.22 -33.79
N GLU C 681 -6.67 -39.63 -32.75
CA GLU C 681 -5.74 -38.53 -32.95
C GLU C 681 -4.55 -39.00 -33.78
N GLY C 682 -4.12 -38.14 -34.71
CA GLY C 682 -3.01 -38.46 -35.57
C GLY C 682 -1.67 -38.20 -34.92
N THR C 683 -0.98 -39.26 -34.52
CA THR C 683 0.35 -39.15 -33.90
C THR C 683 1.42 -39.37 -34.97
N ALA C 684 1.46 -38.44 -35.92
CA ALA C 684 2.44 -38.50 -36.99
C ALA C 684 3.06 -37.14 -37.30
N GLY C 685 2.75 -36.10 -36.53
CA GLY C 685 3.32 -34.78 -36.79
C GLY C 685 2.90 -34.19 -38.11
N VAL C 686 1.64 -34.39 -38.49
CA VAL C 686 1.10 -33.86 -39.75
C VAL C 686 -0.08 -32.97 -39.41
N GLU C 687 -0.08 -31.76 -39.97
CA GLU C 687 -1.13 -30.78 -39.76
C GLU C 687 -1.81 -30.46 -41.09
N SER C 688 -3.13 -30.59 -41.12
CA SER C 688 -3.91 -30.32 -42.32
C SER C 688 -4.98 -29.26 -42.09
N ALA C 689 -4.90 -28.50 -41.00
CA ALA C 689 -5.88 -27.48 -40.65
C ALA C 689 -5.18 -26.20 -40.23
N VAL C 690 -4.21 -25.77 -41.05
CA VAL C 690 -3.49 -24.52 -40.83
C VAL C 690 -3.60 -23.60 -42.04
N LEU C 691 -3.44 -24.14 -43.24
CA LEU C 691 -3.48 -23.37 -44.47
C LEU C 691 -4.73 -23.72 -45.27
N ARG C 692 -5.16 -22.77 -46.11
CA ARG C 692 -6.43 -22.91 -46.81
C ARG C 692 -6.37 -24.02 -47.86
N GLY C 693 -5.25 -24.15 -48.56
CA GLY C 693 -5.14 -25.14 -49.63
C GLY C 693 -3.81 -25.87 -49.62
N PHE C 694 -3.19 -25.99 -48.44
CA PHE C 694 -1.90 -26.61 -48.30
C PHE C 694 -1.93 -27.58 -47.12
N LEU C 695 -1.02 -28.55 -47.16
CA LEU C 695 -0.90 -29.57 -46.13
C LEU C 695 0.50 -29.51 -45.57
N ILE C 696 0.62 -29.32 -44.26
CA ILE C 696 1.92 -29.22 -43.61
C ILE C 696 2.48 -30.61 -43.43
N LEU C 697 3.65 -30.86 -44.04
CA LEU C 697 4.23 -32.20 -44.06
C LEU C 697 5.20 -32.42 -42.90
N GLY C 698 6.11 -31.50 -42.67
CA GLY C 698 7.09 -31.72 -41.63
C GLY C 698 7.89 -30.49 -41.30
N LYS C 699 9.01 -30.70 -40.62
CA LYS C 699 9.87 -29.62 -40.18
C LYS C 699 10.65 -29.07 -41.37
N GLU C 700 11.58 -28.16 -41.11
CA GLU C 700 12.32 -27.51 -42.19
C GLU C 700 13.05 -28.53 -43.03
N ASN C 701 12.99 -28.35 -44.35
CA ASN C 701 13.72 -29.17 -45.32
C ASN C 701 14.49 -28.22 -46.23
N LYS C 702 15.82 -28.23 -46.11
CA LYS C 702 16.67 -27.30 -46.84
C LYS C 702 16.71 -27.59 -48.34
N ARG C 703 16.15 -28.72 -48.78
CA ARG C 703 16.22 -29.08 -50.20
C ARG C 703 15.52 -28.04 -51.07
N TYR C 704 14.35 -27.58 -50.64
CA TYR C 704 13.49 -26.74 -51.47
C TYR C 704 13.80 -25.25 -51.34
N GLY C 705 15.00 -24.89 -50.90
CA GLY C 705 15.42 -23.51 -50.88
C GLY C 705 14.91 -22.75 -49.67
N PRO C 706 15.19 -21.45 -49.63
CA PRO C 706 14.79 -20.65 -48.46
C PRO C 706 13.28 -20.51 -48.35
N ALA C 707 12.82 -20.31 -47.12
CA ALA C 707 11.40 -20.20 -46.84
C ALA C 707 10.87 -18.85 -47.32
N LEU C 708 9.56 -18.80 -47.52
CA LEU C 708 8.87 -17.60 -47.98
C LEU C 708 7.66 -17.33 -47.11
N SER C 709 7.17 -16.10 -47.16
CA SER C 709 6.09 -15.67 -46.29
C SER C 709 4.78 -16.37 -46.67
N ILE C 710 3.80 -16.29 -45.75
CA ILE C 710 2.53 -16.95 -45.96
C ILE C 710 1.81 -16.37 -47.17
N ASN C 711 1.81 -15.03 -47.29
CA ASN C 711 1.07 -14.37 -48.35
C ASN C 711 1.66 -14.62 -49.73
N GLU C 712 2.87 -15.18 -49.82
CA GLU C 712 3.52 -15.47 -51.09
C GLU C 712 3.39 -16.94 -51.48
N LEU C 713 2.34 -17.61 -51.02
CA LEU C 713 2.10 -19.01 -51.35
C LEU C 713 1.16 -19.18 -52.54
N SER C 714 0.72 -18.09 -53.17
CA SER C 714 -0.20 -18.17 -54.29
C SER C 714 0.48 -18.53 -55.61
N ASN C 715 1.81 -18.59 -55.64
CA ASN C 715 2.53 -18.90 -56.86
C ASN C 715 2.74 -20.39 -57.09
N LEU C 716 2.44 -21.23 -56.11
CA LEU C 716 2.69 -22.66 -56.24
C LEU C 716 1.62 -23.33 -57.09
N ALA C 717 1.88 -24.59 -57.42
CA ALA C 717 0.97 -25.40 -58.23
C ALA C 717 0.68 -26.71 -57.51
N LYS C 718 -0.06 -27.58 -58.16
CA LYS C 718 -0.44 -28.86 -57.56
C LYS C 718 0.80 -29.73 -57.38
N GLY C 719 0.96 -30.28 -56.18
CA GLY C 719 2.03 -31.21 -55.89
C GLY C 719 3.38 -30.57 -55.58
N GLU C 720 3.47 -29.25 -55.52
CA GLU C 720 4.73 -28.57 -55.26
C GLU C 720 4.94 -28.42 -53.76
N LYS C 721 6.09 -28.87 -53.28
CA LYS C 721 6.47 -28.77 -51.88
C LYS C 721 7.38 -27.56 -51.68
N ALA C 722 7.21 -26.87 -50.55
CA ALA C 722 7.99 -25.68 -50.28
C ALA C 722 8.10 -25.47 -48.77
N ASN C 723 9.13 -24.73 -48.38
CA ASN C 723 9.31 -24.34 -47.00
C ASN C 723 8.63 -23.00 -46.75
N VAL C 724 7.86 -22.93 -45.66
CA VAL C 724 7.06 -21.74 -45.34
C VAL C 724 7.41 -21.29 -43.94
N LEU C 725 7.46 -19.97 -43.75
CA LEU C 725 7.70 -19.35 -42.45
C LEU C 725 6.37 -19.16 -41.70
N ILE C 726 5.61 -20.24 -41.57
CA ILE C 726 4.31 -20.20 -40.91
C ILE C 726 4.52 -20.49 -39.43
N GLY C 727 4.03 -19.59 -38.58
CA GLY C 727 4.13 -19.73 -37.15
C GLY C 727 5.11 -18.74 -36.54
N GLN C 728 5.30 -18.90 -35.23
CA GLN C 728 6.14 -18.00 -34.45
C GLN C 728 7.59 -18.41 -34.63
N GLY C 729 8.25 -17.81 -35.62
CA GLY C 729 9.65 -18.08 -35.87
C GLY C 729 9.94 -19.51 -36.25
N ASP C 730 8.96 -20.23 -36.78
CA ASP C 730 9.11 -21.61 -37.20
C ASP C 730 9.00 -21.71 -38.71
N VAL C 731 9.83 -22.58 -39.30
CA VAL C 731 9.80 -22.87 -40.73
C VAL C 731 9.45 -24.34 -40.89
N VAL C 732 8.51 -24.64 -41.78
CA VAL C 732 8.04 -26.00 -41.97
C VAL C 732 7.86 -26.29 -43.45
N LEU C 733 8.06 -27.55 -43.82
CA LEU C 733 7.86 -28.02 -45.19
C LEU C 733 6.42 -28.44 -45.37
N VAL C 734 5.78 -27.88 -46.41
CA VAL C 734 4.38 -28.13 -46.72
C VAL C 734 4.27 -28.47 -48.20
N MET C 735 3.10 -28.99 -48.59
CA MET C 735 2.81 -29.27 -49.98
C MET C 735 1.40 -28.80 -50.31
N LYS C 736 1.17 -28.48 -51.57
CA LYS C 736 -0.12 -27.98 -52.03
C LYS C 736 -0.94 -29.13 -52.61
N ARG C 737 -2.17 -29.27 -52.14
CA ARG C 737 -3.06 -30.33 -52.59
C ARG C 737 -3.31 -30.21 -54.08
C02 K1F D 15 15.64 -2.10 3.69
C04 K1F D 15 15.75 -2.89 2.55
C06 K1F D 15 15.31 -4.89 1.37
C07 K1F D 15 16.00 -4.39 0.27
C1' K1F D 15 17.31 -2.56 -0.81
C4' K1F D 15 17.94 -3.95 -2.59
C5' K1F D 15 17.42 -5.18 -3.28
C3' K1F D 15 18.88 -4.17 -1.42
C2' K1F D 15 18.81 -2.84 -0.71
C22 K1F D 15 16.44 -2.40 1.45
N01 K1F D 15 16.15 -0.88 3.59
N05 K1F D 15 15.20 -4.10 2.52
N08 K1F D 15 16.56 -3.13 0.33
O03 K1F D 15 15.10 -2.54 4.71
O4' K1F D 15 16.85 -3.18 -2.00
O5' K1F D 15 17.08 -6.21 -2.36
OP2 K1F D 15 15.60 -8.03 -1.58
O3' K1F D 15 20.19 -4.58 -1.82
O2' K1F D 15 19.48 -1.85 -1.47
O23 K1F D 15 16.94 -1.27 1.49
P K1F D 15 16.18 -7.44 -2.80
OP1 K1F D 15 16.98 -8.27 -3.71
MG MG G . -3.49 44.39 1.72
MG MG H . 13.55 -10.00 -10.12
N2 GTA I . -25.31 10.82 -34.29
O6 GTA I . -21.27 13.06 -34.08
C6 GTA I . -22.10 12.33 -33.55
C5 GTA I . -21.92 11.86 -32.33
N7 GTA I . -20.94 12.02 -31.44
C7 GTA I . -19.71 12.82 -31.65
C8 GTA I . -21.24 11.33 -30.35
N9 GTA I . -22.40 10.74 -30.55
C4 GTA I . -22.83 11.06 -31.76
N3 GTA I . -23.95 10.73 -32.41
C2 GTA I . -24.18 11.17 -33.65
N1 GTA I . -23.25 12.00 -34.26
O3A GTA I . -24.48 7.89 -29.05
C1A GTA I . -23.12 9.87 -29.59
C2A GTA I . -22.30 8.71 -29.14
C3A GTA I . -23.35 8.17 -28.24
C4A GTA I . -23.64 9.42 -27.42
C5A GTA I . -22.68 9.54 -26.23
O4A GTA I . -23.35 10.52 -28.33
O2A GTA I . -22.05 7.81 -30.22
P1 GTA I . -20.19 9.07 -25.66
O11 GTA I . -20.71 9.11 -24.28
O12 GTA I . -18.94 9.80 -25.96
O13 GTA I . -20.00 7.54 -26.11
O15 GTA I . -21.33 9.57 -26.66
P2 GTA I . -20.56 6.31 -25.24
O22 GTA I . -19.94 5.08 -25.76
O21 GTA I . -22.02 6.40 -25.13
O23 GTA I . -19.93 6.59 -23.80
P3 GTA I . -19.40 5.37 -22.90
O32 GTA I . -20.06 4.13 -23.33
O31 GTA I . -17.93 5.43 -22.83
O33 GTA I . -19.97 5.75 -21.46
C5B GTA I . -21.03 6.69 -21.28
C4B GTA I . -21.27 6.80 -19.78
O4B GTA I . -22.44 7.62 -19.51
C3B GTA I . -21.67 5.42 -19.30
O3B GTA I . -21.72 5.40 -17.87
C2B GTA I . -23.04 5.42 -19.90
O2B GTA I . -23.80 4.29 -19.46
C1B GTA I . -23.53 6.69 -19.24
N9C GTA I . -24.80 7.17 -19.83
C8C GTA I . -25.11 7.13 -21.12
N7C GTA I . -26.31 7.64 -21.27
C5C GTA I . -26.76 8.02 -20.08
C6C GTA I . -27.91 8.59 -19.71
N6C GTA I . -28.77 8.85 -20.68
N1C GTA I . -28.16 8.90 -18.43
C2C GTA I . -27.20 8.60 -17.47
N3C GTA I . -26.01 8.01 -17.88
C4C GTA I . -25.82 7.74 -19.19
#